data_9MVY
#
_entry.id   9MVY
#
_cell.length_a   64.515
_cell.length_b   277.296
_cell.length_c   64.479
_cell.angle_alpha   90.00
_cell.angle_beta   97.26
_cell.angle_gamma   90.00
#
_symmetry.space_group_name_H-M   'P 1 21 1'
#
loop_
_entity.id
_entity.type
_entity.pdbx_description
1 polymer 'DNA (cytosine-5)-methyltransferase 1'
2 polymer ssDNA
3 polymer 'C49 ssDNA'
4 polymer 'Histone H3.2'
5 non-polymer S-ADENOSYL-L-HOMOCYSTEINE
6 water water
#
loop_
_entity_poly.entity_id
_entity_poly.type
_entity_poly.pdbx_seq_one_letter_code
_entity_poly.pdbx_strand_id
1 'polypeptide(L)'
;AGDHEPEFIGSPVAADEARSNWPKRYGRSTAAKKPDEEEELKARCHYRSAKVDNVVYCLGDDVYVKAGENEADYIGRITE
FFEGTDQCHYFTCRWFFRAEDTVINSLVSISVDGHKHDPRRVFLSEEKNDNVLDCIISKVKIVHVDPNMDPKAKAQLIES
CDLYYDMSYSVAYSTFANISSENGQSGSDTASGISSDDVDLETSSSMPTRTATLLDLYSGCGGMSTGLCLGAALSGLKLE
TRWAVDFNSFACQSLKYNHPQTEVRNEKADEFLALLKEWAVLCKKYVQDVDSNLASSEDQADEDSPLDKDEFVVEKLVGI
CYGGSDRENGIYFKVQWEGYGPEEDTWEPIDNLSDCPQKIREFVQEGHKRKILPLPGDVDVICGGPPCQGISGFNRYRNR
DEPLKDEKNKQMVTFMDIVAYLKPKYVLMENVVDILKFADGYLGKYALSCLVAMKYQARLGMMVAGCYGLPQFRMRVFLW
GALSSMVLPKYPLPTYDVVVRGGAPNAFSQCMVAYDETQKPSLKKALLLGDAISDLPKVQNHQPNDVMEYGGSPKTEFQR
YIRLSRKDMLDWSFGEGAGPDEGKLLDHQPLRLNNDDYERVQQIPVKKGANFRDLKGVRVGANNIVEWDPEIERVKLSSG
KPLVPDYAMSFIKGKSLKPFGRLWWDETVPTVVTRAEPHNQVIIHPTQARVLTIRENARLQGFPDYYRLFGPIKEKYIQV
GNAVAVPVARALGYCLGQAYLGESEGSDPLYQLPPSFT
;
A,D
2 'polydeoxyribonucleotide' (DT)(DA)(DA)(DA)(DT)(DT)(DC)(DA)(DG)(DA)(DT)(DT)(DA)(DG)(DG)(DA)(DA)(DT) B,E
3 'polydeoxyribonucleotide' (DA)(DT)(DT)(DC)(DC)(DT)(DA)(DA)(DT)(C49)(DT)(DG)(DA)(DA)(DT)(DT)(DT)(DA) C,F
4 'polypeptide(L)' ARTKQTAR(M2L)STGGKAPRKQLATKAARKSAPAT G,H,I,P
#
# COMPACT_ATOMS: atom_id res chain seq x y z
N HIS A 4 35.08 66.37 17.41
CA HIS A 4 35.86 67.46 16.85
C HIS A 4 35.60 67.57 15.34
N GLU A 5 36.11 68.64 14.75
CA GLU A 5 35.87 68.87 13.32
C GLU A 5 36.79 67.99 12.48
N PRO A 6 36.27 67.29 11.47
CA PRO A 6 37.15 66.60 10.53
C PRO A 6 37.96 67.59 9.72
N GLU A 7 39.23 67.27 9.50
CA GLU A 7 40.14 68.16 8.80
C GLU A 7 40.87 67.39 7.71
N PHE A 8 41.36 68.14 6.72
CA PHE A 8 42.19 67.60 5.65
C PHE A 8 43.67 67.82 6.00
N ILE A 9 44.49 66.80 5.77
CA ILE A 9 45.87 66.76 6.24
C ILE A 9 46.79 66.71 5.04
N GLY A 10 47.85 67.52 5.07
CA GLY A 10 48.87 67.50 4.04
C GLY A 10 48.62 68.50 2.94
N SER A 11 49.66 68.72 2.13
CA SER A 11 49.55 69.63 1.01
C SER A 11 48.62 69.05 -0.06
N PRO A 12 47.84 69.90 -0.73
CA PRO A 12 46.95 69.39 -1.78
C PRO A 12 47.73 68.79 -2.93
N VAL A 13 47.09 67.82 -3.61
CA VAL A 13 47.68 67.25 -4.80
C VAL A 13 47.83 68.33 -5.86
N ALA A 14 48.83 68.18 -6.72
CA ALA A 14 49.05 69.13 -7.81
C ALA A 14 47.75 69.35 -8.58
N ALA A 15 47.49 70.61 -8.94
CA ALA A 15 46.20 70.96 -9.52
C ALA A 15 45.86 70.06 -10.71
N ASP A 16 46.78 69.94 -11.67
CA ASP A 16 46.52 69.14 -12.86
C ASP A 16 46.78 67.65 -12.66
N GLU A 17 47.58 67.26 -11.66
CA GLU A 17 47.69 65.83 -11.34
C GLU A 17 46.34 65.30 -10.87
N ALA A 18 45.62 66.08 -10.07
CA ALA A 18 44.30 65.67 -9.60
C ALA A 18 43.30 65.61 -10.76
N ARG A 19 43.48 66.45 -11.78
CA ARG A 19 42.59 66.36 -12.94
C ARG A 19 42.94 65.18 -13.83
N SER A 20 44.23 64.84 -13.92
CA SER A 20 44.62 63.66 -14.67
C SER A 20 44.23 62.38 -13.96
N ASN A 21 44.08 62.42 -12.63
CA ASN A 21 43.58 61.27 -11.89
C ASN A 21 42.06 61.24 -11.79
N TRP A 22 41.44 62.41 -11.60
CA TRP A 22 39.99 62.52 -11.44
C TRP A 22 39.50 63.66 -12.33
N PRO A 23 39.30 63.38 -13.63
CA PRO A 23 38.91 64.45 -14.56
C PRO A 23 37.49 64.95 -14.37
N LYS A 24 36.51 64.05 -14.36
CA LYS A 24 35.11 64.48 -14.27
C LYS A 24 34.76 65.02 -12.89
N ARG A 25 35.58 64.75 -11.88
CA ARG A 25 35.40 65.41 -10.59
C ARG A 25 35.69 66.90 -10.66
N TYR A 26 36.48 67.33 -11.65
CA TYR A 26 36.76 68.74 -11.86
C TYR A 26 35.95 69.28 -13.03
N GLU A 40 28.43 64.14 -10.29
CA GLU A 40 28.07 65.50 -10.68
C GLU A 40 28.56 66.49 -9.64
N LEU A 41 29.32 65.99 -8.67
CA LEU A 41 29.81 66.80 -7.57
C LEU A 41 31.18 67.36 -7.93
N LYS A 42 31.30 68.69 -7.90
CA LYS A 42 32.56 69.35 -8.25
C LYS A 42 33.40 69.58 -7.00
N ALA A 43 34.71 69.76 -7.22
CA ALA A 43 35.67 69.90 -6.14
C ALA A 43 36.54 71.12 -6.37
N ARG A 44 36.86 71.84 -5.29
CA ARG A 44 37.80 72.94 -5.39
C ARG A 44 39.22 72.43 -5.55
N CYS A 45 39.61 71.45 -4.73
CA CYS A 45 40.93 70.85 -4.82
C CYS A 45 40.88 69.47 -4.17
N HIS A 46 41.97 68.74 -4.31
CA HIS A 46 42.09 67.39 -3.76
C HIS A 46 43.22 67.32 -2.74
N TYR A 47 43.09 66.39 -1.81
CA TYR A 47 44.05 66.11 -0.75
C TYR A 47 44.36 64.61 -0.78
N ARG A 48 45.15 64.18 0.20
CA ARG A 48 45.57 62.77 0.30
C ARG A 48 45.20 62.12 1.61
N SER A 49 45.13 62.86 2.71
CA SER A 49 44.81 62.29 4.02
C SER A 49 43.78 63.17 4.72
N ALA A 50 43.06 62.57 5.65
CA ALA A 50 42.02 63.29 6.39
C ALA A 50 41.88 62.72 7.78
N LYS A 51 41.72 63.60 8.76
CA LYS A 51 41.55 63.20 10.16
C LYS A 51 40.12 63.46 10.60
N VAL A 52 39.55 62.49 11.31
CA VAL A 52 38.25 62.63 11.95
C VAL A 52 38.25 61.85 13.26
N ASP A 53 37.95 62.54 14.37
CA ASP A 53 37.97 61.95 15.70
C ASP A 53 39.34 61.38 16.06
N ASN A 54 40.39 62.11 15.65
CA ASN A 54 41.78 61.80 16.02
C ASN A 54 42.21 60.44 15.49
N VAL A 55 42.04 60.25 14.19
CA VAL A 55 42.62 59.10 13.47
C VAL A 55 42.77 59.50 12.01
N VAL A 56 43.99 59.32 11.49
CA VAL A 56 44.32 59.79 10.15
C VAL A 56 44.04 58.67 9.15
N TYR A 57 43.29 58.99 8.10
CA TYR A 57 42.99 58.07 7.01
C TYR A 57 43.70 58.55 5.75
N CYS A 58 44.46 57.67 5.13
CA CYS A 58 45.09 57.94 3.84
C CYS A 58 44.26 57.36 2.72
N LEU A 59 44.69 57.66 1.49
CA LEU A 59 44.04 57.09 0.32
C LEU A 59 44.27 55.57 0.28
N GLY A 60 43.24 54.85 -0.12
CA GLY A 60 43.28 53.41 -0.16
C GLY A 60 42.86 52.71 1.11
N ASP A 61 42.59 53.47 2.18
CA ASP A 61 42.21 52.85 3.44
C ASP A 61 40.83 52.20 3.35
N ASP A 62 40.67 51.06 4.02
CA ASP A 62 39.37 50.39 4.14
C ASP A 62 38.69 50.89 5.41
N VAL A 63 37.43 51.29 5.29
CA VAL A 63 36.80 52.21 6.20
C VAL A 63 35.39 51.72 6.53
N TYR A 64 34.97 52.01 7.74
CA TYR A 64 33.62 51.74 8.19
C TYR A 64 32.83 53.03 8.16
N VAL A 65 31.61 52.96 7.67
CA VAL A 65 30.80 54.13 7.45
C VAL A 65 29.46 53.96 8.14
N LYS A 66 28.99 55.02 8.79
CA LYS A 66 27.71 54.98 9.47
C LYS A 66 26.58 54.85 8.45
N ALA A 67 25.64 53.95 8.73
CA ALA A 67 24.51 53.69 7.85
C ALA A 67 23.22 54.09 8.56
N GLY A 68 22.09 53.76 7.94
CA GLY A 68 20.80 54.09 8.50
C GLY A 68 20.50 53.28 9.75
N GLU A 69 19.39 53.66 10.40
CA GLU A 69 18.92 52.91 11.56
C GLU A 69 18.59 51.48 11.16
N ASN A 70 19.02 50.52 11.99
CA ASN A 70 18.82 49.09 11.76
C ASN A 70 19.72 48.57 10.64
N GLU A 71 20.33 49.48 9.88
CA GLU A 71 21.28 49.09 8.84
C GLU A 71 22.67 48.86 9.43
N ALA A 72 23.32 47.79 8.96
CA ALA A 72 24.68 47.52 9.37
C ALA A 72 25.63 48.58 8.83
N ASP A 73 26.74 48.79 9.53
CA ASP A 73 27.73 49.77 9.10
C ASP A 73 28.28 49.41 7.73
N TYR A 74 28.24 50.36 6.81
CA TYR A 74 28.78 50.14 5.48
C TYR A 74 30.30 49.96 5.53
N ILE A 75 30.82 49.30 4.52
CA ILE A 75 32.25 49.06 4.36
C ILE A 75 32.69 49.62 3.03
N GLY A 76 33.75 50.44 3.02
CA GLY A 76 34.20 51.07 1.80
C GLY A 76 35.71 51.11 1.71
N ARG A 77 36.19 51.44 0.52
CA ARG A 77 37.60 51.73 0.28
C ARG A 77 37.70 53.12 -0.32
N ILE A 78 38.48 53.99 0.34
CA ILE A 78 38.55 55.39 -0.05
C ILE A 78 39.31 55.54 -1.35
N THR A 79 38.77 56.35 -2.26
CA THR A 79 39.39 56.60 -3.55
C THR A 79 39.82 58.03 -3.77
N GLU A 80 39.18 59.01 -3.13
CA GLU A 80 39.60 60.40 -3.23
C GLU A 80 39.46 61.06 -1.86
N PHE A 81 40.17 62.17 -1.72
CA PHE A 81 39.98 63.13 -0.62
C PHE A 81 39.92 64.50 -1.27
N PHE A 82 38.74 65.12 -1.27
CA PHE A 82 38.56 66.40 -1.94
C PHE A 82 37.58 67.26 -1.16
N GLU A 83 37.84 68.56 -1.18
CA GLU A 83 36.87 69.54 -0.69
C GLU A 83 35.91 69.89 -1.81
N GLY A 84 34.61 69.77 -1.54
CA GLY A 84 33.62 70.09 -2.54
C GLY A 84 33.53 71.58 -2.83
N THR A 85 33.02 71.89 -4.02
CA THR A 85 32.85 73.29 -4.41
C THR A 85 31.81 74.00 -3.54
N ASP A 86 30.98 73.25 -2.82
CA ASP A 86 30.05 73.79 -1.85
C ASP A 86 30.70 73.97 -0.47
N GLN A 87 32.03 74.04 -0.43
CA GLN A 87 32.82 74.24 0.78
C GLN A 87 32.70 73.11 1.79
N CYS A 88 32.09 71.99 1.40
CA CYS A 88 32.02 70.83 2.29
C CYS A 88 33.30 70.01 2.19
N HIS A 89 33.49 69.14 3.18
CA HIS A 89 34.64 68.25 3.26
C HIS A 89 34.15 66.85 2.91
N TYR A 90 34.40 66.43 1.67
CA TYR A 90 33.89 65.18 1.17
C TYR A 90 34.99 64.11 1.10
N PHE A 91 34.57 62.86 1.24
CA PHE A 91 35.35 61.71 0.85
C PHE A 91 34.47 60.84 -0.04
N THR A 92 35.09 59.96 -0.81
CA THR A 92 34.35 59.05 -1.66
C THR A 92 34.99 57.67 -1.58
N CYS A 93 34.14 56.65 -1.58
CA CYS A 93 34.62 55.28 -1.42
C CYS A 93 33.84 54.36 -2.34
N ARG A 94 34.50 53.29 -2.77
CA ARG A 94 33.82 52.20 -3.45
C ARG A 94 33.59 51.06 -2.46
N TRP A 95 32.38 50.50 -2.50
CA TRP A 95 31.87 49.71 -1.40
C TRP A 95 32.29 48.24 -1.48
N PHE A 96 32.43 47.63 -0.32
CA PHE A 96 32.46 46.18 -0.18
C PHE A 96 31.06 45.69 0.11
N PHE A 97 30.65 44.64 -0.59
CA PHE A 97 29.34 44.02 -0.38
C PHE A 97 29.47 42.89 0.61
N ARG A 98 28.70 42.95 1.69
CA ARG A 98 28.54 41.76 2.53
C ARG A 98 27.79 40.69 1.74
N ALA A 99 27.86 39.45 2.26
CA ALA A 99 27.17 38.36 1.59
C ALA A 99 25.66 38.57 1.57
N GLU A 100 25.12 39.21 2.60
CA GLU A 100 23.70 39.56 2.62
C GLU A 100 23.42 40.89 1.93
N ASP A 101 24.44 41.70 1.67
CA ASP A 101 24.24 42.92 0.90
C ASP A 101 24.03 42.64 -0.58
N THR A 102 24.40 41.45 -1.05
CA THR A 102 24.20 41.08 -2.44
C THR A 102 22.75 40.64 -2.62
N VAL A 103 22.42 40.14 -3.81
CA VAL A 103 21.07 39.65 -4.08
C VAL A 103 20.72 38.43 -3.23
N ILE A 104 21.68 37.87 -2.51
CA ILE A 104 21.41 36.70 -1.66
C ILE A 104 20.46 37.09 -0.52
N ASN A 105 20.84 38.09 0.26
CA ASN A 105 19.99 38.72 1.27
C ASN A 105 19.65 37.67 2.33
N SER A 106 18.37 37.40 2.63
CA SER A 106 18.02 36.62 3.82
C SER A 106 18.62 35.23 3.79
N LEU A 107 18.93 34.69 2.60
CA LEU A 107 19.48 33.35 2.49
C LEU A 107 20.99 33.29 2.79
N VAL A 108 21.54 34.36 3.37
CA VAL A 108 22.90 34.31 3.89
C VAL A 108 23.02 33.40 5.11
N SER A 109 21.90 32.98 5.69
CA SER A 109 21.89 32.14 6.88
C SER A 109 21.84 30.65 6.56
N ILE A 110 21.91 30.26 5.30
CA ILE A 110 21.74 28.86 4.92
C ILE A 110 23.11 28.18 4.84
N SER A 111 23.09 26.85 4.95
CA SER A 111 24.29 26.04 4.90
C SER A 111 24.05 24.81 4.06
N VAL A 112 25.02 24.43 3.25
CA VAL A 112 24.94 23.25 2.39
C VAL A 112 26.07 22.31 2.78
N ASP A 113 25.72 21.19 3.40
CA ASP A 113 26.67 20.14 3.80
C ASP A 113 27.92 20.75 4.43
N GLY A 114 27.71 21.51 5.50
CA GLY A 114 28.81 22.04 6.28
C GLY A 114 29.17 23.48 6.00
N HIS A 115 29.32 23.85 4.72
CA HIS A 115 29.78 25.18 4.38
C HIS A 115 28.76 26.23 4.77
N LYS A 116 29.23 27.29 5.42
CA LYS A 116 28.41 28.45 5.74
C LYS A 116 29.08 29.71 5.20
N HIS A 117 28.31 30.79 5.15
CA HIS A 117 28.89 32.08 4.77
C HIS A 117 29.76 32.59 5.90
N ASP A 118 31.01 32.92 5.58
CA ASP A 118 31.92 33.46 6.57
C ASP A 118 31.52 34.89 6.88
N PRO A 119 31.26 35.25 8.15
CA PRO A 119 30.90 36.63 8.46
C PRO A 119 31.97 37.64 8.11
N ARG A 120 33.23 37.20 7.99
CA ARG A 120 34.34 38.09 7.70
C ARG A 120 34.71 38.11 6.21
N ARG A 121 33.87 37.55 5.35
CA ARG A 121 34.15 37.46 3.91
C ARG A 121 33.28 38.45 3.16
N VAL A 122 33.88 39.56 2.74
CA VAL A 122 33.17 40.58 1.97
C VAL A 122 33.55 40.46 0.50
N PHE A 123 32.97 41.31 -0.35
CA PHE A 123 33.20 41.25 -1.78
C PHE A 123 33.36 42.66 -2.33
N LEU A 124 34.53 42.95 -2.91
CA LEU A 124 34.80 44.29 -3.42
C LEU A 124 33.97 44.55 -4.67
N SER A 125 33.48 45.79 -4.79
CA SER A 125 32.70 46.20 -5.95
C SER A 125 33.19 47.57 -6.42
N GLU A 126 32.79 47.94 -7.64
CA GLU A 126 33.15 49.22 -8.22
C GLU A 126 32.05 50.27 -8.01
N GLU A 127 31.00 49.94 -7.26
CA GLU A 127 30.00 50.93 -6.90
C GLU A 127 30.60 51.96 -5.96
N LYS A 128 30.52 53.24 -6.34
CA LYS A 128 31.14 54.31 -5.58
C LYS A 128 30.09 55.27 -5.04
N ASN A 129 30.45 55.99 -3.98
CA ASN A 129 29.58 57.01 -3.41
C ASN A 129 30.42 58.07 -2.72
N ASP A 130 29.90 59.30 -2.77
CA ASP A 130 30.48 60.45 -2.08
C ASP A 130 29.68 60.73 -0.82
N ASN A 131 30.39 60.92 0.30
CA ASN A 131 29.78 61.31 1.56
C ASN A 131 30.71 62.30 2.24
N VAL A 132 30.35 62.73 3.44
CA VAL A 132 31.18 63.66 4.19
C VAL A 132 32.06 62.86 5.14
N LEU A 133 33.16 63.50 5.58
CA LEU A 133 34.10 62.83 6.48
C LEU A 133 33.43 62.41 7.78
N ASP A 134 32.35 63.09 8.16
CA ASP A 134 31.65 62.77 9.41
C ASP A 134 31.01 61.38 9.39
N CYS A 135 30.82 60.80 8.20
CA CYS A 135 30.26 59.45 8.09
C CYS A 135 31.27 58.37 8.43
N ILE A 136 32.56 58.71 8.51
CA ILE A 136 33.63 57.76 8.73
C ILE A 136 33.72 57.42 10.22
N ILE A 137 34.00 56.15 10.54
CA ILE A 137 33.97 55.69 11.92
C ILE A 137 35.35 55.20 12.39
N SER A 138 35.84 54.09 11.86
CA SER A 138 37.12 53.48 12.26
C SER A 138 37.66 52.63 11.12
N LYS A 139 38.99 52.49 11.09
CA LYS A 139 39.65 51.63 10.11
C LYS A 139 39.27 50.17 10.30
N VAL A 140 39.39 49.40 9.21
CA VAL A 140 39.16 47.95 9.23
C VAL A 140 40.20 47.31 8.31
N LYS A 141 40.84 46.25 8.79
CA LYS A 141 41.88 45.57 8.01
C LYS A 141 41.22 44.55 7.09
N ILE A 142 41.26 44.82 5.79
CA ILE A 142 40.70 43.93 4.77
C ILE A 142 41.83 43.49 3.87
N VAL A 143 42.10 42.19 3.85
CA VAL A 143 43.18 41.63 3.04
C VAL A 143 42.58 40.96 1.81
N HIS A 144 43.28 41.07 0.69
CA HIS A 144 42.90 40.35 -0.52
C HIS A 144 43.47 38.94 -0.45
N VAL A 145 42.64 37.94 -0.74
CA VAL A 145 43.00 36.54 -0.63
C VAL A 145 42.95 35.89 -2.00
N ASP A 146 44.03 35.17 -2.36
CA ASP A 146 44.09 34.39 -3.60
C ASP A 146 43.64 32.97 -3.30
N PRO A 147 42.61 32.46 -3.97
CA PRO A 147 42.22 31.06 -3.76
C PRO A 147 43.24 30.05 -4.28
N ASN A 148 44.05 30.43 -5.28
CA ASN A 148 45.05 29.56 -5.87
C ASN A 148 46.40 29.64 -5.17
N MET A 149 46.41 30.02 -3.91
CA MET A 149 47.60 29.94 -3.07
C MET A 149 47.54 28.67 -2.24
N ASP A 150 48.55 28.46 -1.40
CA ASP A 150 48.56 27.29 -0.54
C ASP A 150 47.36 27.35 0.41
N PRO A 151 46.62 26.25 0.57
CA PRO A 151 45.37 26.33 1.34
C PRO A 151 45.56 26.72 2.80
N LYS A 152 46.65 26.30 3.43
CA LYS A 152 46.93 26.68 4.80
C LYS A 152 47.75 27.96 4.90
N ALA A 153 48.22 28.50 3.77
CA ALA A 153 48.80 29.82 3.73
C ALA A 153 47.76 30.92 3.63
N LYS A 154 46.48 30.56 3.53
CA LYS A 154 45.39 31.52 3.60
C LYS A 154 44.81 31.64 5.01
N ALA A 155 44.99 30.61 5.83
CA ALA A 155 44.42 30.59 7.17
C ALA A 155 44.92 31.75 8.03
N GLN A 156 46.21 31.71 8.39
CA GLN A 156 46.77 32.75 9.25
C GLN A 156 46.58 34.14 8.65
N LEU A 157 46.57 34.25 7.32
CA LEU A 157 46.29 35.54 6.69
C LEU A 157 44.87 36.00 7.00
N ILE A 158 43.90 35.08 6.93
CA ILE A 158 42.52 35.42 7.23
C ILE A 158 42.36 35.78 8.71
N GLU A 159 43.09 35.08 9.58
CA GLU A 159 43.02 35.36 11.01
C GLU A 159 43.96 36.49 11.44
N SER A 160 44.68 37.12 10.51
CA SER A 160 45.54 38.25 10.82
C SER A 160 44.89 39.58 10.47
N CYS A 161 43.57 39.61 10.29
CA CYS A 161 42.88 40.82 9.85
C CYS A 161 41.47 40.80 10.42
N ASP A 162 40.64 41.72 9.94
CA ASP A 162 39.25 41.84 10.37
C ASP A 162 38.28 41.28 9.34
N LEU A 163 38.40 41.74 8.09
CA LEU A 163 37.62 41.21 6.99
C LEU A 163 38.57 40.77 5.89
N TYR A 164 38.06 39.95 4.97
CA TYR A 164 38.84 39.50 3.84
C TYR A 164 37.92 39.35 2.63
N TYR A 165 38.50 39.47 1.44
CA TYR A 165 37.76 39.24 0.21
C TYR A 165 38.63 38.45 -0.75
N ASP A 166 38.05 37.42 -1.36
CA ASP A 166 38.70 36.69 -2.44
C ASP A 166 38.04 36.93 -3.79
N MET A 167 36.91 37.62 -3.82
CA MET A 167 36.15 37.81 -5.05
C MET A 167 35.55 39.22 -5.09
N SER A 168 35.24 39.65 -6.29
CA SER A 168 34.52 40.89 -6.55
C SER A 168 33.08 40.59 -6.90
N TYR A 169 32.18 41.49 -6.49
CA TYR A 169 30.77 41.38 -6.77
C TYR A 169 30.34 42.50 -7.71
N SER A 170 29.55 42.15 -8.71
CA SER A 170 29.01 43.10 -9.68
C SER A 170 27.49 43.00 -9.66
N VAL A 171 26.83 44.16 -9.52
CA VAL A 171 25.36 44.19 -9.58
C VAL A 171 24.88 43.62 -10.90
N ALA A 172 25.56 43.99 -12.00
CA ALA A 172 25.23 43.45 -13.32
C ALA A 172 25.37 41.94 -13.31
N TYR A 173 24.24 41.23 -13.44
CA TYR A 173 24.20 39.77 -13.52
C TYR A 173 24.70 39.10 -12.25
N SER A 174 24.69 39.81 -11.12
CA SER A 174 25.01 39.25 -9.81
C SER A 174 26.32 38.47 -9.85
N THR A 175 27.33 39.08 -10.44
CA THR A 175 28.56 38.36 -10.77
C THR A 175 29.48 38.29 -9.55
N PHE A 176 29.81 37.07 -9.13
CA PHE A 176 30.88 36.81 -8.17
C PHE A 176 32.06 36.29 -8.99
N ALA A 177 33.13 37.08 -9.07
CA ALA A 177 34.25 36.75 -9.95
C ALA A 177 35.57 36.88 -9.22
N ASN A 178 36.60 36.24 -9.77
CA ASN A 178 37.94 36.35 -9.21
C ASN A 178 38.51 37.74 -9.48
N ILE A 179 39.47 38.13 -8.66
CA ILE A 179 40.13 39.42 -8.81
C ILE A 179 41.22 39.33 -9.87
N ARG A 210 40.63 18.20 -25.89
CA ARG A 210 40.36 18.65 -24.54
C ARG A 210 38.98 18.16 -24.06
N THR A 211 38.96 17.05 -23.32
CA THR A 211 37.70 16.47 -22.88
C THR A 211 37.16 17.19 -21.65
N ALA A 212 35.88 16.94 -21.37
CA ALA A 212 35.26 17.39 -20.14
C ALA A 212 33.97 16.61 -19.97
N THR A 213 33.76 16.07 -18.78
CA THR A 213 32.59 15.25 -18.53
C THR A 213 31.47 16.11 -17.94
N LEU A 214 30.23 15.74 -18.27
CA LEU A 214 29.06 16.47 -17.82
C LEU A 214 28.07 15.53 -17.17
N LEU A 215 27.62 15.90 -15.97
CA LEU A 215 26.52 15.22 -15.29
C LEU A 215 25.25 16.05 -15.45
N ASP A 216 24.20 15.44 -15.98
CA ASP A 216 22.93 16.10 -16.23
C ASP A 216 21.94 15.60 -15.18
N LEU A 217 21.72 16.41 -14.15
CA LEU A 217 20.77 16.06 -13.10
C LEU A 217 19.38 16.57 -13.47
N TYR A 218 18.38 15.72 -13.22
CA TYR A 218 17.03 15.94 -13.72
C TYR A 218 17.06 16.15 -15.24
N SER A 219 17.61 15.13 -15.91
CA SER A 219 18.04 15.29 -17.29
C SER A 219 16.87 15.39 -18.26
N GLY A 220 15.73 14.78 -17.93
CA GLY A 220 14.64 14.77 -18.88
C GLY A 220 15.03 14.03 -20.15
N CYS A 221 14.53 14.52 -21.29
CA CYS A 221 14.91 13.92 -22.56
C CYS A 221 16.31 14.31 -22.99
N GLY A 222 16.87 15.36 -22.40
CA GLY A 222 18.26 15.70 -22.61
C GLY A 222 18.55 16.88 -23.52
N GLY A 223 17.58 17.78 -23.73
CA GLY A 223 17.82 18.90 -24.63
C GLY A 223 18.90 19.84 -24.14
N MET A 224 18.95 20.07 -22.82
CA MET A 224 19.92 21.01 -22.26
C MET A 224 21.34 20.48 -22.40
N SER A 225 21.57 19.24 -21.99
CA SER A 225 22.91 18.65 -22.10
C SER A 225 23.32 18.50 -23.56
N THR A 226 22.36 18.13 -24.42
CA THR A 226 22.65 18.04 -25.85
C THR A 226 23.11 19.39 -26.39
N GLY A 227 22.37 20.46 -26.07
CA GLY A 227 22.77 21.78 -26.52
C GLY A 227 24.13 22.20 -25.98
N LEU A 228 24.37 21.93 -24.70
CA LEU A 228 25.67 22.26 -24.12
C LEU A 228 26.80 21.56 -24.87
N CYS A 229 26.62 20.26 -25.14
CA CYS A 229 27.66 19.51 -25.85
C CYS A 229 27.85 20.04 -27.27
N LEU A 230 26.75 20.38 -27.95
CA LEU A 230 26.87 20.90 -29.32
C LEU A 230 27.63 22.22 -29.33
N GLY A 231 27.25 23.15 -28.43
CA GLY A 231 27.94 24.43 -28.38
C GLY A 231 29.40 24.30 -28.00
N ALA A 232 29.71 23.42 -27.05
CA ALA A 232 31.09 23.20 -26.67
C ALA A 232 31.90 22.59 -27.81
N ALA A 233 31.30 21.68 -28.57
CA ALA A 233 31.97 21.14 -29.75
C ALA A 233 32.23 22.25 -30.77
N LEU A 234 31.29 23.19 -30.89
CA LEU A 234 31.52 24.32 -31.78
C LEU A 234 32.68 25.18 -31.29
N SER A 235 32.80 25.36 -29.97
CA SER A 235 33.88 26.16 -29.41
C SER A 235 35.22 25.43 -29.37
N GLY A 236 35.24 24.13 -29.67
CA GLY A 236 36.49 23.38 -29.65
C GLY A 236 36.73 22.64 -28.36
N LEU A 237 35.68 22.07 -27.79
CA LEU A 237 35.74 21.33 -26.53
C LEU A 237 34.97 20.04 -26.69
N LYS A 238 35.58 18.93 -26.28
CA LYS A 238 34.88 17.63 -26.29
C LYS A 238 34.13 17.47 -24.97
N LEU A 239 33.07 18.26 -24.84
CA LEU A 239 32.14 18.13 -23.73
C LEU A 239 31.11 17.06 -24.10
N GLU A 240 31.09 15.97 -23.35
CA GLU A 240 30.14 14.90 -23.56
C GLU A 240 29.19 14.84 -22.36
N THR A 241 28.22 13.95 -22.45
CA THR A 241 27.30 13.67 -21.34
C THR A 241 27.56 12.24 -20.89
N ARG A 242 28.29 12.08 -19.79
CA ARG A 242 28.62 10.75 -19.30
C ARG A 242 27.50 10.15 -18.47
N TRP A 243 26.73 10.97 -17.77
CA TRP A 243 25.70 10.49 -16.86
C TRP A 243 24.46 11.36 -16.98
N ALA A 244 23.31 10.76 -16.69
CA ALA A 244 22.03 11.46 -16.71
C ALA A 244 21.08 10.76 -15.76
N VAL A 245 20.43 11.53 -14.89
CA VAL A 245 19.54 10.99 -13.87
C VAL A 245 18.15 11.60 -14.07
N ASP A 246 17.12 10.75 -14.08
CA ASP A 246 15.75 11.22 -14.20
C ASP A 246 14.81 10.11 -13.76
N PHE A 247 13.81 10.46 -12.94
CA PHE A 247 12.92 9.46 -12.39
C PHE A 247 11.78 9.10 -13.33
N ASN A 248 11.71 9.70 -14.51
CA ASN A 248 10.74 9.33 -15.53
C ASN A 248 11.43 8.41 -16.54
N SER A 249 10.77 7.29 -16.85
CA SER A 249 11.42 6.24 -17.63
C SER A 249 11.53 6.62 -19.11
N PHE A 250 10.50 7.26 -19.66
CA PHE A 250 10.51 7.55 -21.10
C PHE A 250 11.50 8.65 -21.45
N ALA A 251 11.71 9.61 -20.55
CA ALA A 251 12.77 10.60 -20.77
C ALA A 251 14.13 9.94 -20.81
N CYS A 252 14.36 8.96 -19.92
CA CYS A 252 15.59 8.18 -19.97
C CYS A 252 15.71 7.43 -21.29
N GLN A 253 14.59 6.85 -21.76
CA GLN A 253 14.59 6.16 -23.04
C GLN A 253 15.05 7.09 -24.16
N SER A 254 14.47 8.30 -24.20
CA SER A 254 14.83 9.24 -25.25
C SER A 254 16.30 9.64 -25.17
N LEU A 255 16.77 9.96 -23.96
CA LEU A 255 18.15 10.43 -23.82
C LEU A 255 19.14 9.33 -24.19
N LYS A 256 18.86 8.09 -23.80
CA LYS A 256 19.77 7.02 -24.15
C LYS A 256 19.70 6.66 -25.62
N TYR A 257 18.53 6.83 -26.25
CA TYR A 257 18.43 6.61 -27.69
C TYR A 257 19.27 7.63 -28.45
N ASN A 258 19.19 8.90 -28.07
CA ASN A 258 19.97 9.91 -28.77
C ASN A 258 21.42 9.99 -28.28
N HIS A 259 21.78 9.25 -27.23
CA HIS A 259 23.14 9.23 -26.71
C HIS A 259 23.43 7.86 -26.14
N PRO A 260 23.81 6.91 -27.00
CA PRO A 260 23.97 5.52 -26.52
C PRO A 260 25.09 5.35 -25.51
N GLN A 261 26.16 6.13 -25.61
CA GLN A 261 27.28 5.98 -24.69
C GLN A 261 27.01 6.59 -23.32
N THR A 262 25.98 7.43 -23.19
CA THR A 262 25.67 8.04 -21.91
C THR A 262 25.11 7.01 -20.94
N GLU A 263 25.61 7.05 -19.71
CA GLU A 263 25.10 6.21 -18.63
C GLU A 263 23.85 6.87 -18.06
N VAL A 264 22.69 6.48 -18.59
CA VAL A 264 21.41 7.06 -18.20
C VAL A 264 20.79 6.21 -17.11
N ARG A 265 20.45 6.83 -15.99
CA ARG A 265 19.92 6.15 -14.82
C ARG A 265 18.48 6.59 -14.57
N ASN A 266 17.58 5.63 -14.46
CA ASN A 266 16.16 5.90 -14.22
C ASN A 266 15.93 5.81 -12.71
N GLU A 267 16.18 6.92 -12.01
CA GLU A 267 16.07 6.97 -10.56
C GLU A 267 15.92 8.43 -10.14
N LYS A 268 15.94 8.66 -8.83
CA LYS A 268 15.84 9.99 -8.27
C LYS A 268 17.22 10.55 -7.95
N ALA A 269 17.24 11.86 -7.64
CA ALA A 269 18.52 12.53 -7.41
C ALA A 269 19.07 12.21 -6.02
N ASP A 270 18.20 12.14 -5.01
CA ASP A 270 18.68 11.77 -3.67
C ASP A 270 19.17 10.32 -3.65
N GLU A 271 18.47 9.42 -4.34
CA GLU A 271 18.96 8.06 -4.49
C GLU A 271 20.29 8.03 -5.20
N PHE A 272 20.47 8.88 -6.21
CA PHE A 272 21.74 8.94 -6.93
C PHE A 272 22.86 9.47 -6.04
N LEU A 273 22.57 10.46 -5.20
CA LEU A 273 23.58 11.00 -4.31
C LEU A 273 24.01 9.98 -3.26
N ALA A 274 23.05 9.30 -2.65
CA ALA A 274 23.38 8.23 -1.71
C ALA A 274 24.13 7.09 -2.41
N LEU A 275 23.78 6.83 -3.68
CA LEU A 275 24.48 5.80 -4.44
C LEU A 275 25.93 6.21 -4.72
N LEU A 276 26.18 7.49 -4.95
CA LEU A 276 27.57 7.95 -5.10
C LEU A 276 28.32 7.81 -3.78
N LYS A 277 27.68 8.23 -2.68
CA LYS A 277 28.31 8.12 -1.37
C LYS A 277 28.70 6.68 -1.06
N GLU A 278 27.80 5.73 -1.35
CA GLU A 278 28.06 4.31 -1.12
C GLU A 278 28.46 3.59 -2.41
N TRP A 279 29.04 4.33 -3.35
CA TRP A 279 29.92 3.80 -4.38
C TRP A 279 31.37 4.13 -4.10
N ALA A 280 31.60 5.26 -3.41
CA ALA A 280 32.95 5.66 -3.06
C ALA A 280 33.63 4.65 -2.13
N VAL A 281 32.90 4.10 -1.15
CA VAL A 281 33.57 3.24 -0.18
C VAL A 281 33.84 1.85 -0.77
N LEU A 282 33.07 1.44 -1.78
CA LEU A 282 33.38 0.22 -2.52
C LEU A 282 34.57 0.45 -3.45
N CYS A 283 34.66 1.66 -4.04
CA CYS A 283 35.86 2.01 -4.78
C CYS A 283 37.07 2.14 -3.88
N LYS A 284 36.88 2.34 -2.59
CA LYS A 284 38.01 2.39 -1.66
C LYS A 284 38.39 0.99 -1.16
N LYS A 285 37.41 0.13 -0.91
CA LYS A 285 37.68 -1.22 -0.44
C LYS A 285 38.04 -2.19 -1.57
N TYR A 286 37.63 -1.89 -2.80
CA TYR A 286 37.76 -2.76 -3.97
C TYR A 286 37.02 -4.08 -3.81
N VAL A 287 36.21 -4.23 -2.77
CA VAL A 287 35.51 -5.48 -2.52
C VAL A 287 34.02 -5.35 -2.86
N GLU A 311 21.47 -20.07 -2.64
CA GLU A 311 20.28 -20.23 -3.46
C GLU A 311 20.63 -20.49 -4.92
N PHE A 312 21.58 -19.73 -5.46
CA PHE A 312 21.96 -19.88 -6.85
C PHE A 312 23.39 -19.40 -7.05
N VAL A 313 23.82 -19.39 -8.31
CA VAL A 313 25.16 -19.01 -8.73
C VAL A 313 25.03 -17.95 -9.82
N VAL A 314 26.01 -17.06 -9.88
CA VAL A 314 25.96 -15.90 -10.77
C VAL A 314 26.87 -16.13 -11.97
N GLU A 315 26.63 -15.34 -13.01
CA GLU A 315 27.54 -15.22 -14.15
C GLU A 315 28.19 -13.85 -14.24
N LYS A 316 27.42 -12.79 -14.06
CA LYS A 316 27.95 -11.43 -13.97
C LYS A 316 26.92 -10.56 -13.26
N LEU A 317 27.39 -9.41 -12.76
CA LEU A 317 26.52 -8.41 -12.16
C LEU A 317 26.29 -7.30 -13.16
N VAL A 318 25.02 -6.89 -13.31
CA VAL A 318 24.63 -5.95 -14.34
C VAL A 318 24.82 -4.50 -13.86
N GLY A 319 24.10 -4.11 -12.80
CA GLY A 319 24.12 -2.74 -12.35
C GLY A 319 24.06 -2.66 -10.83
N ILE A 320 24.22 -1.42 -10.34
CA ILE A 320 24.17 -1.11 -8.93
C ILE A 320 23.17 0.02 -8.73
N CYS A 321 22.60 0.11 -7.53
CA CYS A 321 21.59 1.11 -7.22
C CYS A 321 21.51 1.28 -5.71
N TYR A 322 20.94 2.40 -5.28
CA TYR A 322 20.66 2.65 -3.86
C TYR A 322 19.17 2.91 -3.69
N GLY A 323 18.49 1.99 -3.03
CA GLY A 323 17.07 2.21 -2.75
C GLY A 323 16.24 2.05 -4.01
N GLY A 324 15.31 2.97 -4.22
CA GLY A 324 14.46 2.96 -5.40
C GLY A 324 13.04 2.55 -5.06
N SER A 325 12.24 2.46 -6.12
CA SER A 325 10.84 2.08 -5.96
C SER A 325 10.73 0.63 -5.49
N ASP A 326 9.85 0.41 -4.51
CA ASP A 326 9.60 -0.92 -3.94
C ASP A 326 10.85 -1.51 -3.31
N ARG A 327 11.72 -0.66 -2.78
CA ARG A 327 12.96 -1.11 -2.17
C ARG A 327 13.34 -0.19 -1.02
N GLU A 328 14.12 -0.74 -0.09
CA GLU A 328 14.56 -0.03 1.10
C GLU A 328 15.94 0.57 0.88
N ASN A 329 16.30 1.51 1.76
CA ASN A 329 17.60 2.17 1.67
C ASN A 329 18.72 1.14 1.80
N GLY A 330 19.72 1.26 0.93
CA GLY A 330 20.82 0.32 0.89
C GLY A 330 21.30 0.06 -0.52
N ILE A 331 22.44 -0.63 -0.66
CA ILE A 331 23.04 -0.89 -1.96
C ILE A 331 22.51 -2.20 -2.51
N TYR A 332 22.01 -2.16 -3.74
CA TYR A 332 21.47 -3.32 -4.42
C TYR A 332 22.21 -3.52 -5.74
N PHE A 333 22.35 -4.78 -6.14
CA PHE A 333 22.97 -5.17 -7.40
C PHE A 333 21.97 -5.94 -8.23
N LYS A 334 21.97 -5.68 -9.54
CA LYS A 334 21.22 -6.52 -10.48
C LYS A 334 22.10 -7.70 -10.85
N VAL A 335 21.53 -8.90 -10.80
CA VAL A 335 22.29 -10.14 -10.92
C VAL A 335 21.77 -10.93 -12.11
N GLN A 336 22.70 -11.42 -12.93
CA GLN A 336 22.44 -12.42 -13.95
C GLN A 336 22.86 -13.78 -13.40
N TRP A 337 21.90 -14.66 -13.24
CA TRP A 337 22.14 -15.98 -12.66
C TRP A 337 22.55 -16.97 -13.74
N GLU A 338 23.51 -17.83 -13.41
CA GLU A 338 24.01 -18.79 -14.37
C GLU A 338 22.89 -19.76 -14.79
N GLY A 339 22.89 -20.11 -16.07
CA GLY A 339 21.84 -20.96 -16.60
C GLY A 339 20.49 -20.30 -16.72
N TYR A 340 20.42 -18.98 -16.55
CA TYR A 340 19.17 -18.25 -16.67
C TYR A 340 19.39 -17.03 -17.56
N GLY A 341 18.32 -16.63 -18.25
CA GLY A 341 18.39 -15.54 -19.20
C GLY A 341 18.32 -14.20 -18.51
N PRO A 342 18.52 -13.14 -19.30
CA PRO A 342 18.40 -11.78 -18.75
C PRO A 342 17.01 -11.45 -18.24
N GLU A 343 15.98 -12.15 -18.71
CA GLU A 343 14.64 -11.94 -18.17
C GLU A 343 14.56 -12.39 -16.72
N GLU A 344 15.42 -13.33 -16.31
CA GLU A 344 15.49 -13.80 -14.94
C GLU A 344 16.54 -13.07 -14.12
N ASP A 345 17.16 -12.02 -14.66
CA ASP A 345 18.04 -11.17 -13.87
C ASP A 345 17.22 -10.47 -12.79
N THR A 346 17.78 -10.40 -11.59
CA THR A 346 17.02 -9.96 -10.42
C THR A 346 17.81 -8.95 -9.61
N TRP A 347 17.12 -7.90 -9.15
CA TRP A 347 17.70 -6.96 -8.20
C TRP A 347 17.76 -7.59 -6.81
N GLU A 348 18.90 -7.48 -6.16
CA GLU A 348 19.15 -8.13 -4.88
C GLU A 348 19.87 -7.16 -3.95
N PRO A 349 19.66 -7.30 -2.63
CA PRO A 349 20.45 -6.50 -1.67
C PRO A 349 21.88 -6.99 -1.58
N ILE A 350 22.69 -6.35 -0.73
CA ILE A 350 24.09 -6.75 -0.57
C ILE A 350 24.26 -7.78 0.54
N ASP A 351 23.50 -7.64 1.62
CA ASP A 351 23.58 -8.61 2.71
C ASP A 351 23.15 -10.01 2.28
N ASN A 352 22.36 -10.10 1.21
CA ASN A 352 21.99 -11.39 0.64
C ASN A 352 22.92 -11.79 -0.50
N LEU A 353 23.76 -10.87 -0.98
CA LEU A 353 24.84 -11.19 -1.92
C LEU A 353 26.18 -11.38 -1.23
N SER A 354 26.18 -11.57 0.09
CA SER A 354 27.44 -11.65 0.83
C SER A 354 28.30 -12.82 0.41
N ASP A 355 27.71 -13.89 -0.13
CA ASP A 355 28.46 -15.03 -0.62
C ASP A 355 28.98 -14.84 -2.04
N CYS A 356 28.97 -13.62 -2.55
CA CYS A 356 29.40 -13.31 -3.91
C CYS A 356 30.42 -12.18 -3.87
N PRO A 357 31.61 -12.43 -3.30
CA PRO A 357 32.58 -11.33 -3.11
C PRO A 357 33.38 -11.02 -4.37
N GLN A 358 33.87 -12.05 -5.06
CA GLN A 358 34.76 -11.82 -6.20
C GLN A 358 34.04 -11.13 -7.34
N LYS A 359 32.76 -11.47 -7.56
CA LYS A 359 32.03 -10.83 -8.64
C LYS A 359 31.70 -9.38 -8.32
N ILE A 360 31.44 -9.08 -7.05
CA ILE A 360 31.29 -7.68 -6.64
C ILE A 360 32.61 -6.94 -6.83
N ARG A 361 33.73 -7.59 -6.54
CA ARG A 361 35.03 -6.97 -6.79
C ARG A 361 35.21 -6.66 -8.26
N GLU A 362 34.88 -7.62 -9.13
CA GLU A 362 35.01 -7.40 -10.57
C GLU A 362 34.10 -6.26 -11.04
N PHE A 363 32.84 -6.27 -10.57
CA PHE A 363 31.91 -5.20 -10.93
C PHE A 363 32.46 -3.84 -10.53
N VAL A 364 32.87 -3.70 -9.26
CA VAL A 364 33.37 -2.42 -8.77
C VAL A 364 34.61 -1.99 -9.54
N GLN A 365 35.56 -2.91 -9.74
CA GLN A 365 36.81 -2.56 -10.40
C GLN A 365 36.57 -2.11 -11.84
N GLU A 366 35.84 -2.90 -12.61
CA GLU A 366 35.66 -2.56 -14.02
C GLU A 366 34.73 -1.36 -14.20
N GLY A 367 33.76 -1.17 -13.29
CA GLY A 367 32.94 0.02 -13.37
C GLY A 367 33.66 1.27 -12.94
N HIS A 368 34.64 1.14 -12.04
CA HIS A 368 35.48 2.28 -11.67
C HIS A 368 36.43 2.63 -12.81
N LYS A 369 37.02 1.63 -13.44
CA LYS A 369 37.89 1.89 -14.59
C LYS A 369 37.10 2.44 -15.77
N ARG A 370 35.84 2.03 -15.92
CA ARG A 370 34.98 2.56 -16.97
C ARG A 370 34.23 3.82 -16.54
N LYS A 371 34.33 4.20 -15.28
CA LYS A 371 33.68 5.40 -14.74
C LYS A 371 32.17 5.38 -15.01
N ILE A 372 31.52 4.28 -14.62
CA ILE A 372 30.07 4.21 -14.70
C ILE A 372 29.44 5.17 -13.70
N LEU A 373 30.09 5.39 -12.57
CA LEU A 373 29.67 6.36 -11.57
C LEU A 373 30.86 7.24 -11.22
N PRO A 374 30.65 8.55 -11.10
CA PRO A 374 31.77 9.46 -10.84
C PRO A 374 32.10 9.60 -9.37
N LEU A 375 33.39 9.67 -9.09
CA LEU A 375 33.92 10.03 -7.79
C LEU A 375 34.12 11.54 -7.71
N PRO A 376 34.30 12.10 -6.51
CA PRO A 376 34.61 13.54 -6.41
C PRO A 376 35.84 13.92 -7.22
N GLY A 377 35.64 14.69 -8.28
CA GLY A 377 36.70 15.08 -9.19
C GLY A 377 36.55 14.53 -10.59
N ASP A 378 35.60 13.62 -10.81
CA ASP A 378 35.39 13.02 -12.13
C ASP A 378 34.38 13.77 -12.98
N VAL A 379 33.70 14.76 -12.43
CA VAL A 379 32.70 15.53 -13.16
C VAL A 379 33.26 16.94 -13.36
N ASP A 380 33.38 17.36 -14.61
CA ASP A 380 33.88 18.70 -14.90
C ASP A 380 32.76 19.74 -14.95
N VAL A 381 31.59 19.36 -15.46
CA VAL A 381 30.44 20.26 -15.53
C VAL A 381 29.21 19.51 -15.03
N ILE A 382 28.39 20.18 -14.24
CA ILE A 382 27.09 19.67 -13.81
C ILE A 382 26.03 20.65 -14.32
N CYS A 383 25.10 20.15 -15.12
CA CYS A 383 23.95 20.93 -15.54
C CYS A 383 22.69 20.36 -14.92
N GLY A 384 21.72 21.24 -14.69
CA GLY A 384 20.48 20.81 -14.07
C GLY A 384 19.27 21.62 -14.47
N GLY A 385 18.12 20.94 -14.56
CA GLY A 385 16.86 21.60 -14.77
C GLY A 385 15.84 21.12 -13.76
N PRO A 386 16.04 21.46 -12.49
CA PRO A 386 15.20 20.92 -11.43
C PRO A 386 13.75 21.34 -11.62
N PRO A 387 12.81 20.58 -11.05
CA PRO A 387 11.39 20.80 -11.37
C PRO A 387 10.92 22.20 -11.01
N CYS A 388 10.20 22.83 -11.94
CA CYS A 388 9.61 24.13 -11.76
C CYS A 388 8.10 24.05 -11.55
N GLN A 389 7.55 22.84 -11.43
CA GLN A 389 6.12 22.68 -11.27
C GLN A 389 5.63 23.26 -9.96
N GLY A 390 6.47 23.27 -8.93
CA GLY A 390 6.16 23.85 -7.65
C GLY A 390 6.65 25.27 -7.45
N ILE A 391 7.26 25.88 -8.48
CA ILE A 391 7.67 27.28 -8.41
C ILE A 391 6.94 28.16 -9.42
N SER A 392 6.44 27.60 -10.52
CA SER A 392 5.84 28.38 -11.61
C SER A 392 4.60 29.14 -11.17
N GLY A 393 4.39 30.29 -11.79
CA GLY A 393 3.12 30.99 -11.63
C GLY A 393 1.92 30.25 -12.18
N PHE A 394 2.12 29.15 -12.92
CA PHE A 394 1.00 28.34 -13.38
C PHE A 394 0.36 27.58 -12.22
N ASN A 395 1.17 27.14 -11.25
CA ASN A 395 0.68 26.36 -10.12
C ASN A 395 -0.04 27.28 -9.15
N ARG A 396 -1.37 27.18 -9.10
CA ARG A 396 -2.18 27.97 -8.17
C ARG A 396 -2.35 27.29 -6.81
N TYR A 397 -1.48 26.34 -6.47
CA TYR A 397 -1.49 25.69 -5.17
C TYR A 397 -0.18 25.87 -4.43
N ARG A 398 0.66 26.79 -4.88
CA ARG A 398 1.98 26.97 -4.29
C ARG A 398 1.86 27.48 -2.85
N ASN A 399 2.95 27.30 -2.11
CA ASN A 399 3.03 27.68 -0.70
C ASN A 399 4.07 28.78 -0.58
N ARG A 400 3.62 30.04 -0.70
CA ARG A 400 4.53 31.17 -0.55
C ARG A 400 5.08 31.28 0.86
N ASP A 401 4.29 30.87 1.86
CA ASP A 401 4.71 31.03 3.25
C ASP A 401 5.97 30.25 3.54
N GLU A 402 6.06 29.02 3.04
CA GLU A 402 7.33 28.29 3.06
C GLU A 402 7.48 27.55 1.73
N PRO A 403 8.52 27.86 0.97
CA PRO A 403 8.68 27.23 -0.36
C PRO A 403 9.30 25.84 -0.28
N LEU A 404 10.15 25.60 0.72
CA LEU A 404 10.82 24.32 0.86
C LEU A 404 9.98 23.30 1.63
N LYS A 405 8.69 23.24 1.27
CA LYS A 405 7.79 22.20 1.75
C LYS A 405 7.41 21.23 0.65
N ASP A 406 7.06 21.73 -0.54
CA ASP A 406 6.90 20.88 -1.71
C ASP A 406 8.24 20.23 -2.06
N GLU A 407 8.23 18.91 -2.24
CA GLU A 407 9.46 18.18 -2.48
C GLU A 407 10.12 18.59 -3.79
N LYS A 408 9.32 18.93 -4.81
CA LYS A 408 9.86 19.35 -6.09
C LYS A 408 10.62 20.67 -5.97
N ASN A 409 10.33 21.47 -4.95
CA ASN A 409 11.13 22.66 -4.68
C ASN A 409 12.43 22.30 -3.98
N LYS A 410 12.39 21.31 -3.08
CA LYS A 410 13.56 20.85 -2.38
C LYS A 410 14.51 20.04 -3.26
N GLN A 411 14.06 19.63 -4.44
CA GLN A 411 14.97 18.98 -5.37
C GLN A 411 16.11 19.89 -5.81
N MET A 412 15.91 21.20 -5.76
CA MET A 412 17.01 22.11 -6.05
C MET A 412 18.06 22.07 -4.93
N VAL A 413 17.62 21.96 -3.68
CA VAL A 413 18.54 21.75 -2.57
C VAL A 413 19.28 20.43 -2.74
N THR A 414 18.57 19.39 -3.14
CA THR A 414 19.24 18.11 -3.40
C THR A 414 20.26 18.23 -4.52
N PHE A 415 19.91 18.97 -5.58
CA PHE A 415 20.84 19.21 -6.69
C PHE A 415 22.12 19.87 -6.21
N MET A 416 21.99 20.95 -5.43
CA MET A 416 23.18 21.63 -4.92
C MET A 416 23.93 20.79 -3.89
N ASP A 417 23.24 19.87 -3.20
CA ASP A 417 23.95 18.92 -2.34
C ASP A 417 24.82 17.98 -3.16
N ILE A 418 24.30 17.49 -4.29
CA ILE A 418 25.11 16.65 -5.16
C ILE A 418 26.27 17.44 -5.73
N VAL A 419 26.04 18.72 -6.04
CA VAL A 419 27.12 19.59 -6.50
C VAL A 419 28.19 19.72 -5.43
N ALA A 420 27.78 19.87 -4.16
CA ALA A 420 28.74 19.93 -3.07
C ALA A 420 29.54 18.64 -2.95
N TYR A 421 28.87 17.49 -3.12
CA TYR A 421 29.56 16.23 -2.97
C TYR A 421 30.58 16.00 -4.09
N LEU A 422 30.22 16.37 -5.32
CA LEU A 422 31.08 16.09 -6.47
C LEU A 422 32.12 17.18 -6.72
N LYS A 423 31.79 18.43 -6.41
CA LYS A 423 32.65 19.59 -6.62
C LYS A 423 33.08 19.72 -8.08
N PRO A 424 32.16 19.94 -9.00
CA PRO A 424 32.55 20.07 -10.41
C PRO A 424 33.20 21.42 -10.69
N LYS A 425 33.89 21.48 -11.83
CA LYS A 425 34.52 22.72 -12.24
C LYS A 425 33.49 23.77 -12.63
N TYR A 426 32.40 23.35 -13.27
CA TYR A 426 31.36 24.25 -13.72
C TYR A 426 29.99 23.72 -13.31
N VAL A 427 29.08 24.65 -13.07
CA VAL A 427 27.70 24.36 -12.68
C VAL A 427 26.79 25.25 -13.50
N LEU A 428 25.70 24.68 -14.00
CA LEU A 428 24.72 25.46 -14.76
C LEU A 428 23.34 24.99 -14.34
N MET A 429 22.68 25.77 -13.49
CA MET A 429 21.31 25.48 -13.10
C MET A 429 20.36 26.31 -13.94
N GLU A 430 19.24 25.71 -14.34
CA GLU A 430 18.25 26.42 -15.14
C GLU A 430 16.89 26.27 -14.48
N ASN A 431 16.13 27.35 -14.49
CA ASN A 431 14.74 27.30 -14.05
C ASN A 431 13.99 28.45 -14.71
N VAL A 432 12.74 28.65 -14.30
CA VAL A 432 11.93 29.69 -14.89
C VAL A 432 12.03 30.95 -14.04
N VAL A 433 11.41 32.03 -14.51
CA VAL A 433 11.62 33.34 -13.89
C VAL A 433 10.93 33.45 -12.53
N ASP A 434 9.88 32.67 -12.29
CA ASP A 434 9.22 32.72 -10.99
C ASP A 434 10.12 32.24 -9.86
N ILE A 435 11.27 31.62 -10.15
CA ILE A 435 12.19 31.29 -9.07
C ILE A 435 12.82 32.55 -8.50
N LEU A 436 12.77 33.66 -9.23
CA LEU A 436 13.21 34.96 -8.76
C LEU A 436 12.07 35.82 -8.24
N LYS A 437 10.85 35.28 -8.20
CA LYS A 437 9.67 36.03 -7.76
C LYS A 437 8.87 35.30 -6.70
N PHE A 438 8.68 33.98 -6.84
CA PHE A 438 7.95 33.20 -5.86
C PHE A 438 8.68 33.20 -4.52
N ALA A 439 7.94 33.49 -3.45
CA ALA A 439 8.53 33.73 -2.13
C ALA A 439 9.64 34.78 -2.22
N ASP A 440 9.36 35.82 -3.00
CA ASP A 440 10.33 36.89 -3.28
C ASP A 440 11.68 36.33 -3.72
N GLY A 441 11.63 35.27 -4.52
CA GLY A 441 12.84 34.66 -5.06
C GLY A 441 13.60 33.77 -4.11
N TYR A 442 13.02 33.42 -2.95
CA TYR A 442 13.72 32.67 -1.90
C TYR A 442 14.55 31.52 -2.46
N LEU A 443 13.94 30.69 -3.31
CA LEU A 443 14.66 29.53 -3.83
C LEU A 443 15.80 29.96 -4.74
N GLY A 444 15.53 30.86 -5.69
CA GLY A 444 16.57 31.27 -6.63
C GLY A 444 17.79 31.80 -5.93
N LYS A 445 17.62 32.79 -5.07
CA LYS A 445 18.73 33.30 -4.27
C LYS A 445 19.36 32.18 -3.46
N TYR A 446 18.55 31.27 -2.91
CA TYR A 446 19.08 30.07 -2.25
C TYR A 446 20.16 29.44 -3.10
N ALA A 447 19.85 29.15 -4.36
CA ALA A 447 20.84 28.59 -5.28
C ALA A 447 22.11 29.42 -5.28
N LEU A 448 21.99 30.72 -5.55
CA LEU A 448 23.16 31.58 -5.54
C LEU A 448 23.91 31.46 -4.23
N SER A 449 23.19 31.48 -3.11
CA SER A 449 23.83 31.37 -1.81
C SER A 449 24.62 30.08 -1.71
N CYS A 450 24.03 28.95 -2.14
CA CYS A 450 24.74 27.68 -2.08
C CYS A 450 26.01 27.71 -2.90
N LEU A 451 26.03 28.48 -3.99
CA LEU A 451 27.28 28.62 -4.74
C LEU A 451 28.25 29.54 -4.05
N VAL A 452 27.76 30.62 -3.44
CA VAL A 452 28.66 31.59 -2.82
C VAL A 452 29.26 31.01 -1.54
N ALA A 453 28.44 30.29 -0.77
CA ALA A 453 28.91 29.65 0.45
C ALA A 453 29.89 28.51 0.17
N MET A 454 29.93 28.02 -1.08
CA MET A 454 30.91 27.01 -1.47
C MET A 454 32.09 27.61 -2.23
N LYS A 455 32.32 28.91 -2.08
CA LYS A 455 33.44 29.62 -2.70
C LYS A 455 33.43 29.53 -4.22
N TYR A 456 32.26 29.35 -4.82
CA TYR A 456 32.13 29.30 -6.27
C TYR A 456 31.99 30.70 -6.83
N GLN A 457 32.76 31.00 -7.87
CA GLN A 457 32.39 32.10 -8.75
C GLN A 457 30.98 31.84 -9.28
N ALA A 458 30.18 32.89 -9.34
CA ALA A 458 28.78 32.69 -9.70
C ALA A 458 28.29 33.84 -10.57
N ARG A 459 27.20 33.56 -11.29
CA ARG A 459 26.60 34.55 -12.18
C ARG A 459 25.16 34.15 -12.43
N LEU A 460 24.30 35.15 -12.58
CA LEU A 460 22.87 34.92 -12.78
C LEU A 460 22.41 35.68 -14.00
N GLY A 461 21.70 35.00 -14.90
CA GLY A 461 21.21 35.63 -16.10
C GLY A 461 19.81 35.16 -16.44
N MET A 462 19.14 35.96 -17.28
CA MET A 462 17.83 35.64 -17.81
C MET A 462 17.90 35.72 -19.32
N MET A 463 17.58 34.62 -19.99
CA MET A 463 17.76 34.50 -21.43
C MET A 463 16.45 34.11 -22.09
N VAL A 464 16.12 34.79 -23.18
CA VAL A 464 14.90 34.57 -23.94
C VAL A 464 15.21 33.61 -25.08
N ALA A 465 14.40 32.56 -25.20
CA ALA A 465 14.67 31.52 -26.20
C ALA A 465 14.59 32.08 -27.61
N GLY A 466 13.55 32.86 -27.91
CA GLY A 466 13.36 33.40 -29.24
C GLY A 466 14.49 34.29 -29.71
N CYS A 467 15.26 34.84 -28.79
CA CYS A 467 16.42 35.65 -29.16
C CYS A 467 17.54 34.83 -29.78
N TYR A 468 17.41 33.51 -29.83
CA TYR A 468 18.44 32.65 -30.39
C TYR A 468 17.88 31.78 -31.51
N GLY A 469 16.82 32.25 -32.18
CA GLY A 469 16.32 31.62 -33.37
C GLY A 469 15.11 30.72 -33.16
N LEU A 470 14.11 31.20 -32.43
CA LEU A 470 12.93 30.41 -32.12
C LEU A 470 11.69 31.28 -32.18
N PRO A 471 10.55 30.71 -32.54
CA PRO A 471 9.31 31.50 -32.57
C PRO A 471 8.57 31.47 -31.25
N GLN A 472 9.31 31.62 -30.14
CA GLN A 472 8.70 31.56 -28.82
C GLN A 472 9.52 32.40 -27.85
N PHE A 473 8.84 32.97 -26.86
CA PHE A 473 9.45 33.87 -25.89
C PHE A 473 9.50 33.18 -24.54
N ARG A 474 10.53 32.35 -24.34
CA ARG A 474 10.74 31.63 -23.09
C ARG A 474 11.92 32.26 -22.36
N MET A 475 11.63 33.15 -21.42
CA MET A 475 12.67 33.71 -20.57
C MET A 475 12.95 32.74 -19.43
N ARG A 476 14.21 32.28 -19.35
CA ARG A 476 14.63 31.32 -18.34
C ARG A 476 15.81 31.90 -17.56
N VAL A 477 15.86 31.57 -16.28
CA VAL A 477 16.98 31.98 -15.44
C VAL A 477 18.03 30.87 -15.46
N PHE A 478 19.28 31.30 -15.57
CA PHE A 478 20.43 30.41 -15.64
C PHE A 478 21.46 30.88 -14.63
N LEU A 479 21.89 29.97 -13.78
CA LEU A 479 22.89 30.23 -12.74
C LEU A 479 24.18 29.54 -13.16
N TRP A 480 25.17 30.34 -13.54
CA TRP A 480 26.52 29.87 -13.78
C TRP A 480 27.28 29.79 -12.47
N GLY A 481 28.08 28.74 -12.34
CA GLY A 481 29.01 28.59 -11.24
C GLY A 481 30.31 28.02 -11.74
N ALA A 482 31.43 28.47 -11.19
CA ALA A 482 32.74 28.04 -11.66
C ALA A 482 33.72 28.11 -10.50
N LEU A 483 34.45 27.02 -10.28
CA LEU A 483 35.49 27.02 -9.27
C LEU A 483 36.49 28.15 -9.55
N SER A 484 37.18 28.58 -8.49
CA SER A 484 38.09 29.70 -8.62
C SER A 484 39.28 29.38 -9.52
N SER A 485 39.56 28.10 -9.74
CA SER A 485 40.60 27.72 -10.69
C SER A 485 40.16 27.82 -12.14
N MET A 486 38.88 28.10 -12.39
CA MET A 486 38.34 28.21 -13.73
C MET A 486 37.93 29.65 -14.01
N VAL A 487 37.58 29.91 -15.27
CA VAL A 487 37.12 31.22 -15.71
C VAL A 487 35.61 31.21 -15.74
N LEU A 488 34.99 32.16 -15.05
CA LEU A 488 33.54 32.27 -15.03
C LEU A 488 33.02 32.54 -16.44
N PRO A 489 32.12 31.73 -16.97
CA PRO A 489 31.67 31.92 -18.35
C PRO A 489 30.63 33.02 -18.49
N LYS A 490 30.64 33.65 -19.66
CA LYS A 490 29.74 34.75 -19.95
C LYS A 490 28.35 34.25 -20.33
N TYR A 491 27.47 35.19 -20.66
CA TYR A 491 26.17 34.88 -21.22
C TYR A 491 26.12 35.32 -22.66
N PRO A 492 25.61 34.49 -23.57
CA PRO A 492 25.59 34.86 -24.99
C PRO A 492 24.53 35.93 -25.25
N LEU A 493 24.93 36.96 -26.00
CA LEU A 493 23.99 38.00 -26.41
C LEU A 493 22.98 37.43 -27.38
N PRO A 494 21.81 38.06 -27.51
CA PRO A 494 20.85 37.63 -28.53
C PRO A 494 21.42 37.74 -29.93
N THR A 495 21.22 36.69 -30.72
CA THR A 495 21.55 36.72 -32.13
C THR A 495 20.35 37.08 -33.00
N TYR A 496 19.15 37.01 -32.45
CA TYR A 496 17.92 37.31 -33.15
C TYR A 496 17.17 38.42 -32.42
N ASP A 497 16.33 39.13 -33.18
CA ASP A 497 15.27 39.88 -32.54
C ASP A 497 14.17 38.93 -32.10
N VAL A 498 13.29 39.43 -31.22
CA VAL A 498 12.22 38.60 -30.66
C VAL A 498 10.94 39.42 -30.58
N VAL A 499 9.82 38.71 -30.61
CA VAL A 499 8.52 39.31 -30.31
C VAL A 499 8.35 39.30 -28.80
N VAL A 500 8.49 40.47 -28.18
CA VAL A 500 8.52 40.57 -26.73
C VAL A 500 7.14 40.25 -26.19
N ARG A 501 7.02 39.12 -25.49
CA ARG A 501 5.76 38.66 -24.91
C ARG A 501 6.06 38.23 -23.47
N GLY A 502 5.94 39.18 -22.55
CA GLY A 502 6.23 38.90 -21.15
C GLY A 502 6.97 40.04 -20.47
N GLY A 503 7.06 39.97 -19.15
CA GLY A 503 7.74 41.01 -18.39
C GLY A 503 8.76 40.47 -17.41
N ALA A 504 9.95 41.09 -17.38
CA ALA A 504 11.01 40.69 -16.47
C ALA A 504 10.85 41.37 -15.12
N PRO A 505 11.26 40.71 -14.04
CA PRO A 505 11.10 41.31 -12.70
C PRO A 505 11.91 42.59 -12.54
N ASN A 506 11.36 43.51 -11.74
CA ASN A 506 12.04 44.79 -11.50
C ASN A 506 13.27 44.61 -10.64
N ALA A 507 13.24 43.68 -9.69
CA ALA A 507 14.41 43.48 -8.82
C ALA A 507 15.56 42.82 -9.55
N PHE A 508 15.32 42.21 -10.70
CA PHE A 508 16.37 41.57 -11.50
C PHE A 508 16.42 42.14 -12.91
N SER A 509 16.13 43.43 -13.07
CA SER A 509 16.27 44.07 -14.38
C SER A 509 17.69 43.99 -14.87
N GLN A 510 18.66 44.12 -13.97
CA GLN A 510 20.08 44.06 -14.28
C GLN A 510 20.56 42.66 -14.63
N CYS A 511 19.70 41.65 -14.55
CA CYS A 511 20.07 40.27 -14.90
C CYS A 511 19.44 39.83 -16.21
N MET A 512 18.94 40.76 -17.01
CA MET A 512 18.40 40.43 -18.33
C MET A 512 19.53 40.37 -19.33
N VAL A 513 19.75 39.19 -19.92
CA VAL A 513 20.77 39.01 -20.96
C VAL A 513 20.21 39.59 -22.25
N ALA A 514 20.68 40.79 -22.60
CA ALA A 514 20.19 41.50 -23.78
C ALA A 514 21.13 42.64 -24.10
N TYR A 515 21.02 43.15 -25.32
CA TYR A 515 21.75 44.35 -25.69
C TYR A 515 21.14 45.57 -25.01
N ASP A 516 21.99 46.53 -24.64
CA ASP A 516 21.49 47.77 -24.09
C ASP A 516 20.82 48.59 -25.20
N GLU A 517 20.01 49.57 -24.78
CA GLU A 517 19.18 50.32 -25.71
C GLU A 517 20.01 51.22 -26.61
N THR A 518 21.19 51.65 -26.15
CA THR A 518 21.98 52.60 -26.93
C THR A 518 22.62 51.93 -28.13
N GLN A 519 23.00 50.66 -28.02
CA GLN A 519 23.64 49.94 -29.11
C GLN A 519 23.01 48.57 -29.27
N LYS A 520 22.50 48.29 -30.46
CA LYS A 520 22.10 46.94 -30.84
C LYS A 520 22.35 46.76 -32.32
N PRO A 521 23.25 45.85 -32.70
CA PRO A 521 23.50 45.61 -34.13
C PRO A 521 22.27 45.00 -34.78
N SER A 522 22.30 44.99 -36.12
CA SER A 522 21.24 44.33 -36.87
C SER A 522 21.26 42.83 -36.59
N LEU A 523 20.23 42.33 -35.92
CA LEU A 523 20.08 40.92 -35.66
C LEU A 523 19.06 40.32 -36.61
N LYS A 524 19.15 39.00 -36.80
CA LYS A 524 18.27 38.31 -37.72
C LYS A 524 16.81 38.50 -37.31
N LYS A 525 15.93 38.57 -38.31
CA LYS A 525 14.53 38.89 -38.07
C LYS A 525 13.90 37.89 -37.12
N ALA A 526 13.06 38.41 -36.21
CA ALA A 526 12.39 37.59 -35.21
C ALA A 526 11.59 36.49 -35.88
N LEU A 527 11.90 35.25 -35.53
CA LEU A 527 11.25 34.11 -36.17
C LEU A 527 9.77 34.07 -35.80
N LEU A 528 8.95 33.74 -36.78
CA LEU A 528 7.53 33.53 -36.58
C LEU A 528 7.24 32.04 -36.72
N LEU A 529 5.97 31.68 -36.46
CA LEU A 529 5.61 30.27 -36.38
C LEU A 529 5.68 29.60 -37.74
N GLY A 530 5.33 30.32 -38.80
CA GLY A 530 5.45 29.75 -40.14
C GLY A 530 6.87 29.33 -40.47
N ASP A 531 7.86 30.05 -39.95
CA ASP A 531 9.25 29.67 -40.16
C ASP A 531 9.58 28.32 -39.54
N ALA A 532 8.73 27.80 -38.68
CA ALA A 532 9.00 26.56 -37.96
C ALA A 532 8.17 25.39 -38.44
N ILE A 533 6.92 25.60 -38.87
CA ILE A 533 6.01 24.49 -39.13
C ILE A 533 5.44 24.50 -40.54
N SER A 534 5.73 25.52 -41.36
CA SER A 534 5.21 25.50 -42.73
C SER A 534 5.81 24.36 -43.54
N ASP A 535 6.91 23.76 -43.08
CA ASP A 535 7.54 22.66 -43.78
C ASP A 535 6.72 21.37 -43.64
N LEU A 536 6.17 21.13 -42.47
CA LEU A 536 5.70 19.80 -42.11
C LEU A 536 4.42 19.45 -42.87
N PRO A 537 4.27 18.19 -43.28
CA PRO A 537 3.05 17.78 -43.99
C PRO A 537 1.87 17.64 -43.03
N LYS A 538 0.69 17.51 -43.61
CA LYS A 538 -0.54 17.47 -42.83
C LYS A 538 -0.70 16.13 -42.12
N VAL A 539 -1.25 16.18 -40.92
CA VAL A 539 -1.58 15.00 -40.13
C VAL A 539 -2.93 15.21 -39.46
N GLN A 540 -3.61 14.11 -39.17
CA GLN A 540 -4.94 14.16 -38.59
C GLN A 540 -4.86 14.08 -37.06
N ASN A 541 -6.04 14.04 -36.42
CA ASN A 541 -6.10 13.98 -34.97
C ASN A 541 -5.47 12.70 -34.44
N HIS A 542 -5.64 11.60 -35.17
CA HIS A 542 -5.05 10.30 -34.79
C HIS A 542 -3.90 10.03 -35.75
N GLN A 543 -2.68 10.26 -35.28
CA GLN A 543 -1.46 9.98 -36.04
C GLN A 543 -0.62 9.00 -35.23
N PRO A 544 -0.80 7.69 -35.44
CA PRO A 544 -0.10 6.69 -34.61
C PRO A 544 1.28 6.30 -35.10
N ASN A 545 1.88 7.06 -36.02
CA ASN A 545 3.15 6.69 -36.62
C ASN A 545 4.27 7.50 -35.99
N ASP A 546 5.24 6.80 -35.39
CA ASP A 546 6.37 7.48 -34.78
C ASP A 546 7.34 7.97 -35.85
N VAL A 547 7.45 7.26 -36.97
CA VAL A 547 8.34 7.62 -38.07
C VAL A 547 7.51 7.76 -39.34
N MET A 548 7.72 8.86 -40.05
CA MET A 548 7.07 9.11 -41.34
C MET A 548 8.06 9.87 -42.21
N GLU A 549 7.58 10.36 -43.35
CA GLU A 549 8.41 11.08 -44.30
C GLU A 549 7.93 12.52 -44.44
N TYR A 550 8.87 13.42 -44.72
CA TYR A 550 8.51 14.80 -44.98
C TYR A 550 7.79 14.92 -46.32
N GLY A 551 6.73 15.71 -46.34
CA GLY A 551 5.98 15.91 -47.57
C GLY A 551 6.75 16.63 -48.66
N GLY A 552 7.81 17.35 -48.30
CA GLY A 552 8.58 18.07 -49.29
C GLY A 552 9.84 18.66 -48.69
N SER A 553 10.49 19.49 -49.49
CA SER A 553 11.74 20.10 -49.10
C SER A 553 11.50 21.21 -48.08
N PRO A 554 12.52 21.56 -47.29
CA PRO A 554 12.37 22.67 -46.34
C PRO A 554 12.14 24.00 -47.05
N LYS A 555 11.32 24.85 -46.43
CA LYS A 555 10.93 26.12 -47.01
C LYS A 555 11.74 27.29 -46.46
N THR A 556 11.89 27.39 -45.14
CA THR A 556 12.56 28.53 -44.52
C THR A 556 13.95 28.12 -44.05
N GLU A 557 14.75 29.14 -43.68
CA GLU A 557 16.10 28.87 -43.19
C GLU A 557 16.07 28.12 -41.87
N PHE A 558 15.14 28.47 -40.99
CA PHE A 558 15.04 27.77 -39.72
C PHE A 558 14.74 26.30 -39.92
N GLN A 559 13.86 25.98 -40.87
CA GLN A 559 13.53 24.59 -41.14
C GLN A 559 14.73 23.84 -41.73
N ARG A 560 15.53 24.52 -42.55
CA ARG A 560 16.74 23.90 -43.08
C ARG A 560 17.73 23.63 -41.96
N TYR A 561 17.85 24.55 -41.00
CA TYR A 561 18.74 24.33 -39.87
C TYR A 561 18.24 23.20 -38.98
N ILE A 562 16.93 23.11 -38.78
CA ILE A 562 16.36 22.09 -37.91
C ILE A 562 16.37 20.71 -38.55
N ARG A 563 16.54 20.61 -39.87
CA ARG A 563 16.63 19.35 -40.56
C ARG A 563 18.07 18.94 -40.85
N LEU A 564 19.05 19.58 -40.20
CA LEU A 564 20.44 19.20 -40.37
C LEU A 564 20.73 17.87 -39.69
N SER A 565 21.65 17.11 -40.27
CA SER A 565 22.02 15.82 -39.73
C SER A 565 22.83 16.00 -38.44
N ARG A 566 23.22 14.87 -37.84
CA ARG A 566 23.96 14.93 -36.59
C ARG A 566 25.35 15.53 -36.80
N LYS A 567 26.09 15.03 -37.80
CA LYS A 567 27.43 15.54 -38.03
C LYS A 567 27.42 16.98 -38.51
N ASP A 568 26.38 17.39 -39.24
CA ASP A 568 26.27 18.80 -39.62
C ASP A 568 25.99 19.68 -38.40
N MET A 569 25.41 19.12 -37.35
CA MET A 569 25.18 19.84 -36.10
C MET A 569 26.24 19.55 -35.05
N LEU A 570 27.34 18.89 -35.43
CA LEU A 570 28.44 18.56 -34.52
C LEU A 570 27.99 17.67 -33.37
N ASP A 571 27.00 16.83 -33.62
CA ASP A 571 26.55 15.84 -32.66
C ASP A 571 27.33 14.55 -32.90
N TRP A 572 28.27 14.24 -31.99
CA TRP A 572 29.15 13.09 -32.14
C TRP A 572 28.64 11.87 -31.37
N SER A 573 27.34 11.82 -31.06
CA SER A 573 26.81 10.74 -30.22
C SER A 573 27.01 9.39 -30.87
N PHE A 574 26.88 9.30 -32.19
CA PHE A 574 27.05 8.06 -32.92
C PHE A 574 28.36 8.03 -33.70
N GLY A 575 29.35 8.84 -33.32
CA GLY A 575 30.64 8.81 -33.98
C GLY A 575 30.52 9.32 -35.40
N GLU A 576 31.32 8.74 -36.30
CA GLU A 576 31.23 9.08 -37.71
C GLU A 576 30.22 8.17 -38.41
N GLY A 577 29.72 8.64 -39.55
CA GLY A 577 28.68 7.93 -40.27
C GLY A 577 27.30 8.31 -39.78
N ALA A 578 26.32 8.36 -40.68
CA ALA A 578 24.98 8.79 -40.31
C ALA A 578 24.36 7.83 -39.31
N GLY A 579 23.74 8.38 -38.27
CA GLY A 579 23.09 7.60 -37.24
C GLY A 579 21.71 7.12 -37.66
N PRO A 580 20.86 6.85 -36.68
CA PRO A 580 19.51 6.36 -36.99
C PRO A 580 18.59 7.47 -37.46
N ASP A 581 17.51 7.05 -38.12
CA ASP A 581 16.42 7.96 -38.52
C ASP A 581 16.94 9.13 -39.36
N GLU A 582 17.86 8.83 -40.27
CA GLU A 582 18.42 9.88 -41.12
C GLU A 582 17.39 10.37 -42.12
N GLY A 583 17.02 11.64 -42.03
CA GLY A 583 16.07 12.23 -42.95
C GLY A 583 14.63 11.87 -42.70
N LYS A 584 14.32 11.18 -41.62
CA LYS A 584 12.95 10.80 -41.31
C LYS A 584 12.26 11.87 -40.48
N LEU A 585 10.93 11.93 -40.59
CA LEU A 585 10.11 12.82 -39.80
C LEU A 585 9.62 12.05 -38.57
N LEU A 586 10.11 12.45 -37.40
CA LEU A 586 9.87 11.72 -36.16
C LEU A 586 8.88 12.47 -35.28
N ASP A 587 8.05 11.72 -34.57
CA ASP A 587 7.17 12.27 -33.53
C ASP A 587 6.23 13.34 -34.07
N HIS A 588 5.86 13.26 -35.35
CA HIS A 588 4.93 14.22 -35.95
C HIS A 588 3.49 13.77 -35.68
N GLN A 589 3.19 13.61 -34.39
CA GLN A 589 1.90 13.14 -33.92
C GLN A 589 1.30 14.15 -32.96
N PRO A 590 0.08 14.61 -33.19
CA PRO A 590 -0.58 15.50 -32.23
C PRO A 590 -1.25 14.71 -31.12
N LEU A 591 -1.67 15.44 -30.08
CA LEU A 591 -2.46 14.82 -29.03
C LEU A 591 -3.82 14.40 -29.57
N ARG A 592 -4.16 13.13 -29.42
CA ARG A 592 -5.43 12.64 -29.95
C ARG A 592 -6.55 13.07 -29.02
N LEU A 593 -7.26 14.12 -29.41
CA LEU A 593 -8.40 14.58 -28.63
C LEU A 593 -9.54 13.58 -28.73
N ASN A 594 -10.31 13.47 -27.65
CA ASN A 594 -11.52 12.67 -27.68
C ASN A 594 -12.49 13.24 -28.71
N ASN A 595 -13.49 12.43 -29.07
CA ASN A 595 -14.41 12.81 -30.13
C ASN A 595 -15.05 14.16 -29.87
N ASP A 596 -15.38 14.44 -28.61
CA ASP A 596 -16.03 15.71 -28.26
C ASP A 596 -15.11 16.90 -28.53
N ASP A 597 -13.91 16.88 -27.93
CA ASP A 597 -12.95 17.95 -28.20
C ASP A 597 -12.53 17.99 -29.65
N TYR A 598 -12.49 16.84 -30.32
CA TYR A 598 -12.14 16.80 -31.73
C TYR A 598 -13.14 17.59 -32.55
N GLU A 599 -14.44 17.34 -32.35
CA GLU A 599 -15.42 18.08 -33.11
C GLU A 599 -15.57 19.52 -32.63
N ARG A 600 -15.23 19.79 -31.36
CA ARG A 600 -15.11 21.18 -30.92
C ARG A 600 -14.06 21.91 -31.73
N VAL A 601 -12.90 21.27 -31.93
CA VAL A 601 -11.86 21.85 -32.78
C VAL A 601 -12.33 21.97 -34.21
N GLN A 602 -13.09 20.97 -34.69
CA GLN A 602 -13.63 21.03 -36.05
C GLN A 602 -14.53 22.23 -36.25
N GLN A 603 -15.19 22.69 -35.18
CA GLN A 603 -16.09 23.84 -35.27
C GLN A 603 -15.36 25.17 -35.20
N ILE A 604 -14.10 25.19 -34.81
CA ILE A 604 -13.35 26.45 -34.77
C ILE A 604 -13.05 26.89 -36.20
N PRO A 605 -13.38 28.12 -36.59
CA PRO A 605 -13.05 28.58 -37.94
C PRO A 605 -11.55 28.65 -38.16
N VAL A 606 -11.15 28.51 -39.42
CA VAL A 606 -9.73 28.61 -39.79
C VAL A 606 -9.47 30.08 -40.10
N LYS A 607 -9.24 30.85 -39.02
CA LYS A 607 -9.00 32.27 -39.14
C LYS A 607 -8.04 32.71 -38.04
N LYS A 608 -7.38 33.83 -38.26
CA LYS A 608 -6.52 34.41 -37.25
C LYS A 608 -7.35 34.94 -36.09
N GLY A 609 -6.99 34.55 -34.87
CA GLY A 609 -7.69 34.96 -33.68
C GLY A 609 -8.88 34.11 -33.29
N ALA A 610 -9.21 33.10 -34.09
CA ALA A 610 -10.39 32.30 -33.81
C ALA A 610 -10.21 31.48 -32.53
N ASN A 611 -11.28 31.41 -31.74
CA ASN A 611 -11.26 30.63 -30.50
C ASN A 611 -12.69 30.20 -30.20
N PHE A 612 -12.95 29.82 -28.95
CA PHE A 612 -14.26 29.31 -28.57
C PHE A 612 -15.35 30.36 -28.70
N ARG A 613 -14.99 31.64 -28.70
CA ARG A 613 -15.99 32.70 -28.88
C ARG A 613 -16.63 32.69 -30.27
N ASP A 614 -16.08 31.90 -31.20
CA ASP A 614 -16.66 31.76 -32.54
C ASP A 614 -17.63 30.60 -32.64
N LEU A 615 -17.86 29.87 -31.55
CA LEU A 615 -18.78 28.75 -31.55
C LEU A 615 -20.23 29.25 -31.49
N LYS A 616 -21.16 28.34 -31.75
CA LYS A 616 -22.58 28.71 -31.75
C LYS A 616 -23.08 28.92 -30.32
N GLY A 617 -23.85 29.98 -30.14
CA GLY A 617 -24.44 30.28 -28.85
C GLY A 617 -23.58 31.10 -27.92
N VAL A 618 -22.49 31.68 -28.40
CA VAL A 618 -21.57 32.47 -27.59
C VAL A 618 -21.71 33.94 -27.98
N ARG A 619 -21.65 34.82 -26.99
CA ARG A 619 -21.80 36.24 -27.20
C ARG A 619 -20.81 36.97 -26.30
N VAL A 620 -20.41 38.17 -26.72
CA VAL A 620 -19.52 39.02 -25.94
C VAL A 620 -20.35 40.17 -25.41
N GLY A 621 -20.53 40.21 -24.10
CA GLY A 621 -21.31 41.23 -23.43
C GLY A 621 -20.50 42.42 -23.00
N ALA A 622 -20.93 43.05 -21.91
CA ALA A 622 -20.27 44.25 -21.42
C ALA A 622 -18.91 43.92 -20.82
N ASN A 623 -17.95 44.81 -21.05
CA ASN A 623 -16.59 44.68 -20.52
C ASN A 623 -15.96 43.34 -20.91
N ASN A 624 -16.19 42.93 -22.16
CA ASN A 624 -15.50 41.79 -22.76
C ASN A 624 -15.75 40.51 -21.96
N ILE A 625 -16.97 40.31 -21.49
CA ILE A 625 -17.35 39.16 -20.69
C ILE A 625 -18.28 38.28 -21.52
N VAL A 626 -17.94 36.98 -21.60
CA VAL A 626 -18.74 36.07 -22.42
C VAL A 626 -20.08 35.81 -21.76
N GLU A 627 -21.11 35.62 -22.61
CA GLU A 627 -22.45 35.29 -22.19
C GLU A 627 -23.02 34.32 -23.22
N TRP A 628 -24.16 33.73 -22.91
CA TRP A 628 -24.85 32.88 -23.86
C TRP A 628 -25.76 33.72 -24.74
N ASP A 629 -25.99 33.25 -25.95
CA ASP A 629 -26.92 33.91 -26.85
C ASP A 629 -28.35 33.49 -26.50
N PRO A 630 -29.21 34.41 -26.06
CA PRO A 630 -30.57 34.02 -25.69
C PRO A 630 -31.39 33.48 -26.84
N GLU A 631 -31.16 33.97 -28.06
CA GLU A 631 -31.92 33.53 -29.22
C GLU A 631 -31.52 32.15 -29.70
N ILE A 632 -30.31 31.69 -29.38
CA ILE A 632 -29.81 30.39 -29.80
C ILE A 632 -29.81 29.47 -28.60
N GLU A 633 -30.50 28.33 -28.72
CA GLU A 633 -30.51 27.36 -27.64
C GLU A 633 -29.12 26.76 -27.45
N ARG A 634 -28.93 26.10 -26.31
CA ARG A 634 -27.64 25.51 -25.95
C ARG A 634 -27.21 24.49 -27.00
N VAL A 635 -26.17 24.81 -27.77
CA VAL A 635 -25.72 23.93 -28.84
C VAL A 635 -25.13 22.66 -28.24
N LYS A 636 -25.57 21.51 -28.74
CA LYS A 636 -25.23 20.22 -28.18
C LYS A 636 -24.42 19.40 -29.19
N LEU A 637 -23.50 18.59 -28.66
CA LEU A 637 -22.66 17.74 -29.49
C LEU A 637 -23.35 16.39 -29.74
N SER A 638 -22.67 15.53 -30.49
CA SER A 638 -23.22 14.21 -30.80
C SER A 638 -23.31 13.31 -29.57
N SER A 639 -22.49 13.59 -28.54
CA SER A 639 -22.43 12.73 -27.36
C SER A 639 -23.43 13.12 -26.28
N GLY A 640 -24.09 14.26 -26.40
CA GLY A 640 -24.97 14.75 -25.35
C GLY A 640 -24.32 15.68 -24.36
N LYS A 641 -23.10 16.15 -24.64
CA LYS A 641 -22.34 17.12 -23.86
C LYS A 641 -22.19 18.42 -24.64
N PRO A 642 -22.22 19.57 -23.96
CA PRO A 642 -22.35 20.84 -24.68
C PRO A 642 -21.18 21.12 -25.62
N LEU A 643 -21.49 21.79 -26.74
CA LEU A 643 -20.46 22.21 -27.67
C LEU A 643 -19.49 23.18 -27.03
N VAL A 644 -20.01 24.16 -26.31
CA VAL A 644 -19.21 25.14 -25.59
C VAL A 644 -19.17 24.71 -24.13
N PRO A 645 -18.01 24.36 -23.57
CA PRO A 645 -17.96 23.92 -22.19
C PRO A 645 -18.13 25.09 -21.22
N ASP A 646 -18.55 24.75 -20.00
CA ASP A 646 -18.79 25.79 -18.99
C ASP A 646 -17.49 26.41 -18.51
N TYR A 647 -16.41 25.63 -18.40
CA TYR A 647 -15.14 26.20 -17.99
C TYR A 647 -14.63 27.20 -19.01
N ALA A 648 -14.95 26.99 -20.29
CA ALA A 648 -14.60 27.98 -21.30
C ALA A 648 -15.30 29.30 -21.03
N MET A 649 -16.54 29.25 -20.55
CA MET A 649 -17.28 30.47 -20.23
C MET A 649 -16.81 31.11 -18.94
N SER A 650 -16.28 30.32 -18.01
CA SER A 650 -15.84 30.87 -16.73
C SER A 650 -14.41 31.40 -16.76
N PHE A 651 -13.54 30.80 -17.57
CA PHE A 651 -12.09 31.04 -17.49
C PHE A 651 -11.75 32.52 -17.55
N ILE A 652 -10.84 32.93 -16.67
CA ILE A 652 -10.36 34.31 -16.55
C ILE A 652 -11.56 35.25 -16.44
N LYS A 653 -12.36 35.06 -15.38
CA LYS A 653 -13.62 35.75 -15.15
C LYS A 653 -14.38 36.02 -16.45
N GLY A 654 -14.41 35.02 -17.32
CA GLY A 654 -15.14 35.12 -18.57
C GLY A 654 -14.56 36.09 -19.58
N LYS A 655 -13.24 36.28 -19.59
CA LYS A 655 -12.60 37.26 -20.46
C LYS A 655 -11.42 36.68 -21.23
N SER A 656 -11.32 35.36 -21.32
CA SER A 656 -10.16 34.72 -21.92
C SER A 656 -10.42 34.37 -23.38
N LEU A 657 -9.42 34.62 -24.21
CA LEU A 657 -9.43 34.15 -25.59
C LEU A 657 -8.67 32.85 -25.78
N LYS A 658 -8.09 32.30 -24.70
CA LYS A 658 -7.25 31.11 -24.86
C LYS A 658 -8.04 29.84 -25.17
N PRO A 659 -9.16 29.54 -24.51
CA PRO A 659 -9.81 28.23 -24.72
C PRO A 659 -10.12 27.95 -26.19
N PHE A 660 -9.60 26.83 -26.68
CA PHE A 660 -9.75 26.41 -28.07
C PHE A 660 -9.31 27.50 -29.02
N GLY A 661 -8.22 28.17 -28.66
CA GLY A 661 -7.67 29.21 -29.50
C GLY A 661 -6.91 28.64 -30.68
N ARG A 662 -7.00 29.35 -31.79
CA ARG A 662 -6.29 29.01 -33.02
C ARG A 662 -5.11 29.96 -33.15
N LEU A 663 -3.91 29.42 -33.28
CA LEU A 663 -2.75 30.25 -33.55
C LEU A 663 -2.52 30.34 -35.05
N TRP A 664 -1.78 31.36 -35.46
CA TRP A 664 -1.59 31.66 -36.86
C TRP A 664 -0.11 31.75 -37.18
N TRP A 665 0.21 31.82 -38.48
CA TRP A 665 1.59 31.70 -38.93
C TRP A 665 2.45 32.88 -38.48
N ASP A 666 1.85 34.04 -38.26
CA ASP A 666 2.58 35.26 -37.97
C ASP A 666 2.58 35.65 -36.50
N GLU A 667 2.01 34.82 -35.63
CA GLU A 667 1.95 35.11 -34.19
C GLU A 667 2.65 33.99 -33.43
N THR A 668 3.48 34.36 -32.47
CA THR A 668 4.33 33.41 -31.78
C THR A 668 3.59 32.77 -30.60
N VAL A 669 4.22 31.75 -30.03
CA VAL A 669 3.72 31.04 -28.86
C VAL A 669 4.64 31.39 -27.68
N PRO A 670 4.15 32.06 -26.64
CA PRO A 670 5.07 32.50 -25.57
C PRO A 670 5.79 31.36 -24.87
N THR A 671 5.10 30.28 -24.52
CA THR A 671 5.75 29.19 -23.81
C THR A 671 5.02 27.88 -24.12
N VAL A 672 5.75 26.93 -24.71
CA VAL A 672 5.21 25.60 -24.89
C VAL A 672 5.26 24.86 -23.55
N VAL A 673 4.20 24.11 -23.24
CA VAL A 673 4.06 23.51 -21.91
C VAL A 673 3.90 22.01 -22.03
N THR A 674 3.78 21.33 -20.89
CA THR A 674 3.78 19.87 -20.90
C THR A 674 2.44 19.31 -21.38
N ARG A 675 1.35 20.05 -21.20
CA ARG A 675 0.02 19.61 -21.61
C ARG A 675 -0.36 20.27 -22.93
N ALA A 676 -0.88 19.48 -23.86
CA ALA A 676 -1.22 19.95 -25.20
C ALA A 676 -2.72 20.01 -25.45
N GLU A 677 -3.54 19.93 -24.41
CA GLU A 677 -4.98 20.07 -24.60
C GLU A 677 -5.31 21.50 -24.99
N PRO A 678 -6.30 21.70 -25.87
CA PRO A 678 -6.66 23.07 -26.31
C PRO A 678 -7.40 23.87 -25.25
N HIS A 679 -7.61 23.32 -24.05
CA HIS A 679 -8.67 23.80 -23.18
C HIS A 679 -8.41 25.20 -22.64
N ASN A 680 -7.17 25.51 -22.27
CA ASN A 680 -6.88 26.79 -21.65
C ASN A 680 -5.67 27.46 -22.29
N GLN A 681 -5.40 27.13 -23.56
CA GLN A 681 -4.26 27.67 -24.27
C GLN A 681 -4.59 27.71 -25.76
N VAL A 682 -3.80 28.48 -26.49
CA VAL A 682 -3.93 28.59 -27.95
C VAL A 682 -2.88 27.64 -28.53
N ILE A 683 -3.29 26.43 -28.89
CA ILE A 683 -2.34 25.41 -29.34
C ILE A 683 -2.90 24.66 -30.54
N ILE A 684 -3.99 25.15 -31.11
CA ILE A 684 -4.60 24.51 -32.27
C ILE A 684 -3.84 24.92 -33.52
N HIS A 685 -3.58 23.96 -34.40
CA HIS A 685 -2.83 24.22 -35.62
C HIS A 685 -3.56 25.24 -36.48
N PRO A 686 -2.84 26.11 -37.18
CA PRO A 686 -3.51 27.22 -37.91
C PRO A 686 -4.52 26.77 -38.96
N THR A 687 -4.28 25.67 -39.65
CA THR A 687 -5.18 25.24 -40.73
C THR A 687 -5.67 23.81 -40.62
N GLN A 688 -5.18 23.03 -39.66
CA GLN A 688 -5.60 21.65 -39.49
C GLN A 688 -6.38 21.49 -38.20
N ALA A 689 -7.36 20.56 -38.23
CA ALA A 689 -8.25 20.35 -37.10
C ALA A 689 -7.60 19.46 -36.05
N ARG A 690 -6.52 19.98 -35.47
CA ARG A 690 -5.76 19.25 -34.46
C ARG A 690 -4.88 20.24 -33.71
N VAL A 691 -4.32 19.78 -32.59
CA VAL A 691 -3.39 20.60 -31.82
C VAL A 691 -2.00 20.45 -32.41
N LEU A 692 -1.07 21.31 -32.01
CA LEU A 692 0.29 21.22 -32.53
C LEU A 692 0.93 19.90 -32.12
N THR A 693 1.59 19.25 -33.08
CA THR A 693 2.19 17.94 -32.84
C THR A 693 3.39 18.06 -31.90
N ILE A 694 3.88 16.91 -31.46
CA ILE A 694 5.05 16.87 -30.59
C ILE A 694 6.27 17.41 -31.32
N ARG A 695 6.44 17.03 -32.59
CA ARG A 695 7.57 17.52 -33.37
C ARG A 695 7.49 19.03 -33.55
N GLU A 696 6.28 19.57 -33.70
CA GLU A 696 6.14 21.01 -33.86
C GLU A 696 6.50 21.75 -32.57
N ASN A 697 6.10 21.19 -31.42
CA ASN A 697 6.47 21.81 -30.15
C ASN A 697 7.97 21.73 -29.90
N ALA A 698 8.59 20.59 -30.26
CA ALA A 698 10.04 20.48 -30.14
C ALA A 698 10.74 21.43 -31.10
N ARG A 699 10.15 21.70 -32.27
CA ARG A 699 10.71 22.69 -33.18
C ARG A 699 10.61 24.09 -32.59
N LEU A 700 9.49 24.39 -31.93
CA LEU A 700 9.37 25.67 -31.24
C LEU A 700 10.44 25.82 -30.17
N GLN A 701 10.95 24.71 -29.65
CA GLN A 701 12.03 24.73 -28.67
C GLN A 701 13.36 24.28 -29.26
N GLY A 702 13.48 24.29 -30.60
CA GLY A 702 14.76 24.16 -31.26
C GLY A 702 15.34 22.77 -31.34
N PHE A 703 14.63 21.75 -30.89
CA PHE A 703 15.14 20.38 -31.00
C PHE A 703 15.43 20.05 -32.45
N PRO A 704 16.62 19.54 -32.77
CA PRO A 704 16.87 19.06 -34.13
C PRO A 704 15.93 17.91 -34.47
N ASP A 705 15.55 17.84 -35.75
CA ASP A 705 14.55 16.89 -36.19
C ASP A 705 14.95 15.44 -35.93
N TYR A 706 16.25 15.16 -35.80
CA TYR A 706 16.69 13.79 -35.57
C TYR A 706 16.57 13.36 -34.11
N TYR A 707 16.34 14.30 -33.20
CA TYR A 707 16.24 13.97 -31.77
C TYR A 707 14.90 13.31 -31.51
N ARG A 708 14.90 11.98 -31.48
CA ARG A 708 13.66 11.20 -31.40
C ARG A 708 13.22 11.03 -29.96
N LEU A 709 11.92 11.16 -29.72
CA LEU A 709 11.34 10.97 -28.41
C LEU A 709 10.66 9.61 -28.32
N PHE A 710 10.41 9.17 -27.09
CA PHE A 710 9.80 7.87 -26.84
C PHE A 710 8.79 7.98 -25.71
N GLY A 711 7.84 7.03 -25.70
CA GLY A 711 6.81 7.01 -24.69
C GLY A 711 5.46 7.37 -25.27
N PRO A 712 4.43 7.40 -24.42
CA PRO A 712 3.11 7.87 -24.88
C PRO A 712 3.19 9.31 -25.36
N ILE A 713 2.19 9.68 -26.16
CA ILE A 713 2.16 11.02 -26.75
C ILE A 713 2.19 12.09 -25.67
N LYS A 714 1.44 11.89 -24.59
CA LYS A 714 1.46 12.84 -23.48
C LYS A 714 2.85 12.92 -22.87
N GLU A 715 3.54 11.77 -22.74
CA GLU A 715 4.87 11.80 -22.14
C GLU A 715 5.87 12.51 -23.03
N LYS A 716 5.76 12.36 -24.35
CA LYS A 716 6.65 13.10 -25.25
C LYS A 716 6.37 14.59 -25.19
N TYR A 717 5.09 14.96 -25.10
CA TYR A 717 4.75 16.37 -24.88
C TYR A 717 5.40 16.89 -23.60
N ILE A 718 5.30 16.13 -22.51
CA ILE A 718 5.92 16.54 -21.25
C ILE A 718 7.43 16.69 -21.44
N GLN A 719 8.04 15.77 -22.16
CA GLN A 719 9.49 15.82 -22.37
C GLN A 719 9.90 17.10 -23.10
N VAL A 720 9.24 17.41 -24.21
CA VAL A 720 9.65 18.60 -24.94
C VAL A 720 9.21 19.88 -24.27
N GLY A 721 8.20 19.82 -23.39
CA GLY A 721 7.76 21.02 -22.71
C GLY A 721 8.57 21.37 -21.48
N ASN A 722 9.14 20.37 -20.82
CA ASN A 722 10.01 20.61 -19.67
C ASN A 722 11.44 20.92 -20.08
N ALA A 723 11.81 20.70 -21.33
CA ALA A 723 13.21 20.76 -21.73
C ALA A 723 13.70 22.22 -21.73
N VAL A 724 14.96 22.37 -22.11
CA VAL A 724 15.56 23.68 -22.38
C VAL A 724 15.65 23.82 -23.89
N ALA A 725 15.33 25.02 -24.38
CA ALA A 725 15.52 25.31 -25.80
C ALA A 725 16.97 25.07 -26.18
N VAL A 726 17.21 24.10 -27.06
CA VAL A 726 18.58 23.66 -27.34
C VAL A 726 19.39 24.71 -28.09
N PRO A 727 18.81 25.71 -28.78
CA PRO A 727 19.65 26.85 -29.18
C PRO A 727 20.20 27.62 -27.99
N VAL A 728 19.38 27.81 -26.96
CA VAL A 728 19.84 28.47 -25.74
C VAL A 728 20.97 27.68 -25.10
N ALA A 729 20.74 26.37 -24.91
CA ALA A 729 21.78 25.51 -24.33
C ALA A 729 23.01 25.46 -25.22
N ARG A 730 22.84 25.60 -26.54
CA ARG A 730 23.98 25.57 -27.45
C ARG A 730 24.83 26.82 -27.32
N ALA A 731 24.19 27.99 -27.23
CA ALA A 731 24.94 29.21 -26.97
C ALA A 731 25.64 29.15 -25.62
N LEU A 732 24.95 28.62 -24.61
CA LEU A 732 25.59 28.43 -23.31
C LEU A 732 26.77 27.48 -23.41
N GLY A 733 26.67 26.44 -24.22
CA GLY A 733 27.77 25.50 -24.38
C GLY A 733 28.96 26.13 -25.07
N TYR A 734 28.71 27.00 -26.04
CA TYR A 734 29.83 27.73 -26.65
C TYR A 734 30.52 28.63 -25.64
N CYS A 735 29.73 29.38 -24.85
CA CYS A 735 30.34 30.22 -23.82
C CYS A 735 31.12 29.37 -22.81
N LEU A 736 30.56 28.24 -22.41
CA LEU A 736 31.22 27.34 -21.46
C LEU A 736 32.52 26.80 -22.03
N GLY A 737 32.52 26.43 -23.31
CA GLY A 737 33.74 25.94 -23.93
C GLY A 737 34.82 27.02 -24.01
N GLN A 738 34.43 28.24 -24.38
CA GLN A 738 35.39 29.33 -24.42
C GLN A 738 35.98 29.59 -23.04
N ALA A 739 35.14 29.55 -21.99
CA ALA A 739 35.65 29.75 -20.64
C ALA A 739 36.54 28.58 -20.20
N TYR A 740 36.19 27.37 -20.62
CA TYR A 740 36.92 26.18 -20.19
C TYR A 740 38.30 26.13 -20.83
N LEU A 741 38.40 26.43 -22.12
CA LEU A 741 39.68 26.34 -22.81
C LEU A 741 40.65 27.44 -22.36
N GLY A 742 40.13 28.57 -21.89
CA GLY A 742 40.95 29.69 -21.49
C GLY A 742 40.86 30.89 -22.41
N GLU A 743 39.98 30.86 -23.42
CA GLU A 743 39.81 31.96 -24.36
C GLU A 743 38.72 32.88 -23.82
N SER A 744 39.14 33.95 -23.14
CA SER A 744 38.19 34.92 -22.59
C SER A 744 38.74 36.33 -22.77
N GLU A 745 37.82 37.29 -22.86
CA GLU A 745 38.21 38.68 -23.07
C GLU A 745 38.56 39.37 -21.76
N GLY A 746 37.62 39.38 -20.82
CA GLY A 746 37.87 40.03 -19.55
C GLY A 746 36.70 40.00 -18.59
N SER A 747 36.28 41.18 -18.14
CA SER A 747 35.27 41.30 -17.10
C SER A 747 33.85 41.33 -17.65
N ASP A 748 33.67 41.51 -18.94
CA ASP A 748 32.34 41.65 -19.53
C ASP A 748 31.53 40.38 -19.30
N PRO A 749 30.36 40.45 -18.65
CA PRO A 749 29.53 39.26 -18.47
C PRO A 749 28.79 38.81 -19.71
N LEU A 750 28.74 39.63 -20.76
CA LEU A 750 28.05 39.31 -21.98
C LEU A 750 29.05 39.05 -23.11
N TYR A 751 28.68 38.14 -24.01
CA TYR A 751 29.54 37.72 -25.10
C TYR A 751 28.75 37.70 -26.40
N GLN A 752 29.30 38.28 -27.45
CA GLN A 752 28.69 38.24 -28.77
C GLN A 752 29.15 36.98 -29.48
N LEU A 753 28.19 36.17 -29.93
CA LEU A 753 28.52 34.88 -30.52
C LEU A 753 29.07 35.05 -31.93
N PRO A 754 29.98 34.17 -32.35
CA PRO A 754 30.43 34.18 -33.74
C PRO A 754 29.36 33.61 -34.65
N PRO A 755 29.53 33.71 -35.97
CA PRO A 755 28.54 33.12 -36.89
C PRO A 755 28.37 31.63 -36.65
N SER A 756 27.14 31.24 -36.34
CA SER A 756 26.84 29.84 -36.06
C SER A 756 25.41 29.50 -36.46
N GLU D 5 0.48 -77.46 12.14
CA GLU D 5 -0.97 -77.44 12.39
C GLU D 5 -1.29 -76.66 13.66
N PRO D 6 -2.28 -75.78 13.58
CA PRO D 6 -2.80 -75.14 14.79
C PRO D 6 -3.86 -76.00 15.46
N GLU D 7 -3.63 -76.37 16.72
CA GLU D 7 -4.54 -77.25 17.45
C GLU D 7 -4.89 -76.66 18.80
N PHE D 8 -6.10 -76.93 19.27
CA PHE D 8 -6.51 -76.44 20.57
C PHE D 8 -5.87 -77.25 21.68
N ILE D 9 -5.56 -76.56 22.79
CA ILE D 9 -4.80 -77.13 23.89
C ILE D 9 -5.71 -77.17 25.12
N GLY D 10 -5.71 -78.29 25.82
CA GLY D 10 -6.43 -78.42 27.06
C GLY D 10 -7.84 -78.96 26.86
N SER D 11 -8.43 -79.41 27.97
CA SER D 11 -9.79 -79.90 27.96
C SER D 11 -10.76 -78.76 27.65
N PRO D 12 -11.86 -79.07 26.97
CA PRO D 12 -12.87 -78.04 26.70
C PRO D 12 -13.51 -77.54 27.98
N VAL D 13 -13.91 -76.27 27.97
CA VAL D 13 -14.64 -75.73 29.11
C VAL D 13 -16.01 -76.41 29.21
N ALA D 14 -16.61 -76.30 30.39
CA ALA D 14 -17.92 -76.90 30.61
C ALA D 14 -18.92 -76.37 29.60
N ALA D 15 -19.80 -77.26 29.13
CA ALA D 15 -20.74 -76.88 28.07
C ALA D 15 -21.69 -75.80 28.54
N ASP D 16 -22.36 -76.04 29.69
CA ASP D 16 -23.29 -75.05 30.20
C ASP D 16 -22.56 -73.77 30.58
N GLU D 17 -21.35 -73.88 31.10
CA GLU D 17 -20.55 -72.68 31.35
C GLU D 17 -20.22 -71.95 30.05
N ALA D 18 -19.90 -72.71 29.00
CA ALA D 18 -19.54 -72.08 27.73
C ALA D 18 -20.73 -71.32 27.14
N ARG D 19 -21.93 -71.88 27.24
CA ARG D 19 -23.09 -71.15 26.73
C ARG D 19 -23.64 -70.13 27.73
N SER D 20 -23.16 -70.14 28.98
CA SER D 20 -23.45 -69.04 29.88
C SER D 20 -22.51 -67.87 29.64
N ASN D 21 -21.29 -68.13 29.17
CA ASN D 21 -20.37 -67.05 28.82
C ASN D 21 -20.61 -66.56 27.39
N TRP D 22 -20.99 -67.46 26.49
CA TRP D 22 -21.21 -67.12 25.07
C TRP D 22 -22.47 -67.83 24.60
N PRO D 23 -23.64 -67.24 24.88
CA PRO D 23 -24.91 -67.90 24.54
C PRO D 23 -25.18 -67.97 23.05
N LYS D 24 -25.13 -66.82 22.37
CA LYS D 24 -25.40 -66.77 20.93
C LYS D 24 -24.39 -67.56 20.11
N ARG D 25 -23.26 -67.94 20.69
CA ARG D 25 -22.27 -68.76 20.00
C ARG D 25 -22.66 -70.23 19.95
N TYR D 26 -23.75 -70.62 20.62
CA TYR D 26 -24.24 -71.99 20.55
C TYR D 26 -25.61 -72.05 19.90
N GLU D 40 -23.36 -65.14 13.82
CA GLU D 40 -24.11 -66.09 13.04
C GLU D 40 -23.37 -67.43 12.91
N LEU D 41 -22.16 -67.47 13.45
CA LEU D 41 -21.33 -68.67 13.44
C LEU D 41 -21.44 -69.36 14.80
N LYS D 42 -21.74 -70.65 14.78
CA LYS D 42 -21.94 -71.41 16.01
C LYS D 42 -20.72 -72.30 16.26
N ALA D 43 -20.75 -73.00 17.40
CA ALA D 43 -19.63 -73.82 17.84
C ALA D 43 -20.12 -75.19 18.30
N ARG D 44 -19.24 -76.18 18.18
CA ARG D 44 -19.50 -77.47 18.80
C ARG D 44 -19.06 -77.50 20.26
N CYS D 45 -17.94 -76.84 20.56
CA CYS D 45 -17.45 -76.73 21.93
C CYS D 45 -16.50 -75.54 21.99
N HIS D 46 -16.13 -75.16 23.21
CA HIS D 46 -15.22 -74.06 23.46
C HIS D 46 -13.97 -74.55 24.18
N TYR D 47 -12.84 -73.93 23.85
CA TYR D 47 -11.56 -74.14 24.50
C TYR D 47 -11.05 -72.82 25.06
N ARG D 48 -9.97 -72.90 25.84
CA ARG D 48 -9.39 -71.71 26.44
C ARG D 48 -8.00 -71.39 25.91
N SER D 49 -7.36 -72.31 25.20
CA SER D 49 -6.01 -72.06 24.68
C SER D 49 -5.85 -72.78 23.36
N ALA D 50 -5.00 -72.23 22.50
CA ALA D 50 -4.73 -72.79 21.18
C ALA D 50 -3.26 -72.61 20.85
N LYS D 51 -2.66 -73.65 20.28
CA LYS D 51 -1.27 -73.59 19.83
C LYS D 51 -1.24 -73.42 18.32
N VAL D 52 -0.48 -72.44 17.86
CA VAL D 52 -0.20 -72.24 16.45
C VAL D 52 1.26 -71.83 16.30
N ASP D 53 1.93 -72.43 15.31
CA ASP D 53 3.35 -72.19 15.07
C ASP D 53 4.18 -72.39 16.34
N ASN D 54 3.86 -73.47 17.07
CA ASN D 54 4.56 -73.84 18.29
C ASN D 54 4.51 -72.73 19.35
N VAL D 55 3.47 -71.91 19.31
CA VAL D 55 3.25 -70.89 20.33
C VAL D 55 1.85 -71.08 20.89
N VAL D 56 1.74 -71.12 22.21
CA VAL D 56 0.45 -71.31 22.89
C VAL D 56 -0.12 -69.93 23.24
N TYR D 57 -1.38 -69.71 22.88
CA TYR D 57 -2.09 -68.49 23.18
C TYR D 57 -3.32 -68.84 24.01
N CYS D 58 -3.51 -68.13 25.11
CA CYS D 58 -4.65 -68.34 25.99
C CYS D 58 -5.64 -67.20 25.85
N LEU D 59 -6.76 -67.30 26.56
CA LEU D 59 -7.77 -66.26 26.51
C LEU D 59 -7.24 -64.96 27.11
N GLY D 60 -7.56 -63.85 26.46
CA GLY D 60 -7.09 -62.55 26.90
C GLY D 60 -5.76 -62.12 26.31
N ASP D 61 -5.14 -62.96 25.49
CA ASP D 61 -3.87 -62.60 24.88
C ASP D 61 -4.06 -61.51 23.83
N ASP D 62 -3.01 -60.72 23.62
CA ASP D 62 -2.92 -59.72 22.56
C ASP D 62 -2.01 -60.24 21.47
N VAL D 63 -2.52 -60.24 20.23
CA VAL D 63 -1.84 -60.88 19.12
C VAL D 63 -1.87 -60.01 17.88
N TYR D 64 -0.92 -60.28 16.99
CA TYR D 64 -1.03 -59.80 15.63
C TYR D 64 -1.74 -60.80 14.76
N VAL D 65 -2.48 -60.29 13.81
CA VAL D 65 -3.28 -61.11 12.91
C VAL D 65 -2.90 -60.71 11.50
N LYS D 66 -2.79 -61.69 10.62
CA LYS D 66 -2.43 -61.42 9.25
C LYS D 66 -3.56 -60.70 8.53
N ALA D 67 -3.21 -59.70 7.74
CA ALA D 67 -4.16 -58.92 6.96
C ALA D 67 -3.87 -59.09 5.48
N GLY D 68 -4.52 -58.26 4.66
CA GLY D 68 -4.31 -58.31 3.23
C GLY D 68 -2.91 -57.88 2.84
N GLU D 69 -2.60 -58.07 1.56
CA GLU D 69 -1.30 -57.68 1.04
C GLU D 69 -1.12 -56.17 1.15
N ASN D 70 0.08 -55.76 1.57
CA ASN D 70 0.46 -54.37 1.80
C ASN D 70 -0.33 -53.72 2.95
N GLU D 71 -1.04 -54.51 3.73
CA GLU D 71 -1.77 -54.01 4.88
C GLU D 71 -1.00 -54.30 6.16
N ALA D 72 -1.17 -53.43 7.15
CA ALA D 72 -0.54 -53.64 8.44
C ALA D 72 -1.20 -54.80 9.16
N ASP D 73 -0.39 -55.58 9.87
CA ASP D 73 -0.92 -56.70 10.64
C ASP D 73 -1.88 -56.20 11.70
N TYR D 74 -3.11 -56.71 11.69
CA TYR D 74 -4.12 -56.34 12.68
C TYR D 74 -3.62 -56.61 14.09
N ILE D 75 -4.22 -55.90 15.05
CA ILE D 75 -3.93 -56.08 16.46
C ILE D 75 -5.24 -56.46 17.15
N GLY D 76 -5.22 -57.57 17.89
CA GLY D 76 -6.44 -58.06 18.49
C GLY D 76 -6.21 -58.57 19.89
N ARG D 77 -7.29 -58.57 20.67
CA ARG D 77 -7.34 -59.22 21.98
C ARG D 77 -8.31 -60.39 21.88
N ILE D 78 -7.80 -61.60 22.11
CA ILE D 78 -8.58 -62.81 21.93
C ILE D 78 -9.65 -62.90 23.02
N THR D 79 -10.86 -63.28 22.63
CA THR D 79 -11.94 -63.45 23.57
C THR D 79 -12.47 -64.88 23.64
N GLU D 80 -12.33 -65.67 22.58
CA GLU D 80 -12.82 -67.03 22.58
C GLU D 80 -11.91 -67.93 21.77
N PHE D 81 -11.88 -69.20 22.15
CA PHE D 81 -11.32 -70.28 21.34
C PHE D 81 -12.39 -71.34 21.22
N PHE D 82 -12.69 -71.77 19.99
CA PHE D 82 -13.76 -72.73 19.81
C PHE D 82 -13.62 -73.41 18.45
N GLU D 83 -14.11 -74.65 18.39
CA GLU D 83 -14.24 -75.36 17.13
C GLU D 83 -15.62 -75.10 16.57
N GLY D 84 -15.69 -74.58 15.35
CA GLY D 84 -16.95 -74.31 14.72
C GLY D 84 -17.67 -75.58 14.30
N THR D 85 -18.96 -75.42 13.99
CA THR D 85 -19.76 -76.56 13.57
C THR D 85 -19.32 -77.13 12.22
N ASP D 86 -18.55 -76.36 11.45
CA ASP D 86 -17.94 -76.83 10.21
C ASP D 86 -16.61 -77.56 10.45
N GLN D 87 -16.35 -77.98 11.69
CA GLN D 87 -15.12 -78.66 12.09
C GLN D 87 -13.88 -77.83 11.80
N CYS D 88 -14.03 -76.52 11.62
CA CYS D 88 -12.90 -75.62 11.49
C CYS D 88 -12.54 -75.06 12.86
N HIS D 89 -11.28 -74.66 13.01
CA HIS D 89 -10.76 -74.15 14.28
C HIS D 89 -10.79 -72.63 14.23
N TYR D 90 -11.68 -72.02 15.02
CA TYR D 90 -11.90 -70.58 14.99
C TYR D 90 -11.49 -69.95 16.30
N PHE D 91 -10.84 -68.79 16.21
CA PHE D 91 -10.71 -67.88 17.34
C PHE D 91 -11.47 -66.60 16.99
N THR D 92 -11.68 -65.76 17.99
CA THR D 92 -12.28 -64.46 17.75
C THR D 92 -11.62 -63.42 18.63
N CYS D 93 -11.49 -62.21 18.11
CA CYS D 93 -10.81 -61.16 18.84
C CYS D 93 -11.54 -59.85 18.68
N ARG D 94 -11.44 -59.02 19.73
CA ARG D 94 -11.84 -57.63 19.68
C ARG D 94 -10.64 -56.79 19.25
N TRP D 95 -10.87 -55.89 18.31
CA TRP D 95 -9.77 -55.23 17.63
C TRP D 95 -9.22 -54.05 18.42
N PHE D 96 -7.94 -53.78 18.22
CA PHE D 96 -7.30 -52.53 18.61
C PHE D 96 -7.24 -51.64 17.37
N PHE D 97 -7.61 -50.38 17.52
CA PHE D 97 -7.54 -49.41 16.44
C PHE D 97 -6.24 -48.61 16.56
N ARG D 98 -5.46 -48.61 15.49
CA ARG D 98 -4.36 -47.67 15.40
C ARG D 98 -4.91 -46.25 15.25
N ALA D 99 -4.02 -45.26 15.33
CA ALA D 99 -4.42 -43.89 15.07
C ALA D 99 -4.90 -43.73 13.63
N GLU D 100 -4.31 -44.47 12.71
CA GLU D 100 -4.70 -44.45 11.30
C GLU D 100 -5.84 -45.41 11.00
N ASP D 101 -6.15 -46.34 11.90
CA ASP D 101 -7.29 -47.22 11.72
C ASP D 101 -8.60 -46.55 12.09
N THR D 102 -8.55 -45.45 12.83
CA THR D 102 -9.75 -44.69 13.17
C THR D 102 -10.12 -43.82 11.97
N VAL D 103 -11.05 -42.88 12.18
CA VAL D 103 -11.43 -41.96 11.13
C VAL D 103 -10.33 -40.96 10.80
N ILE D 104 -9.29 -40.89 11.64
CA ILE D 104 -8.15 -40.03 11.33
C ILE D 104 -7.48 -40.47 10.04
N ASN D 105 -7.32 -41.77 9.84
CA ASN D 105 -6.71 -42.32 8.63
C ASN D 105 -5.32 -41.74 8.38
N SER D 106 -5.19 -41.06 7.26
CA SER D 106 -3.90 -40.54 6.82
C SER D 106 -3.53 -39.22 7.48
N LEU D 107 -4.29 -38.75 8.47
CA LEU D 107 -3.96 -37.51 9.16
C LEU D 107 -3.11 -37.74 10.41
N VAL D 108 -2.58 -38.94 10.61
CA VAL D 108 -1.70 -39.20 11.74
C VAL D 108 -0.32 -38.60 11.55
N SER D 109 0.01 -38.15 10.33
CA SER D 109 1.32 -37.60 10.06
C SER D 109 1.49 -36.18 10.57
N ILE D 110 0.42 -35.57 11.08
CA ILE D 110 0.48 -34.17 11.47
C ILE D 110 1.08 -34.05 12.88
N SER D 111 1.46 -32.82 13.22
CA SER D 111 1.92 -32.50 14.57
C SER D 111 1.32 -31.17 14.98
N VAL D 112 1.15 -30.99 16.28
CA VAL D 112 0.64 -29.73 16.83
C VAL D 112 1.47 -29.40 18.06
N ASP D 113 2.31 -28.36 17.95
CA ASP D 113 3.17 -27.89 19.03
C ASP D 113 4.03 -29.02 19.59
N GLY D 114 4.75 -29.70 18.68
CA GLY D 114 5.62 -30.79 19.05
C GLY D 114 4.95 -32.11 19.30
N HIS D 115 3.64 -32.13 19.56
CA HIS D 115 2.94 -33.37 19.83
C HIS D 115 2.79 -34.18 18.55
N LYS D 116 3.15 -35.46 18.62
CA LYS D 116 3.00 -36.38 17.50
C LYS D 116 2.30 -37.65 17.99
N HIS D 117 1.64 -38.33 17.06
CA HIS D 117 0.98 -39.59 17.36
C HIS D 117 2.04 -40.67 17.61
N ASP D 118 1.98 -41.27 18.79
CA ASP D 118 2.92 -42.34 19.13
C ASP D 118 2.60 -43.57 18.30
N PRO D 119 3.57 -44.12 17.56
CA PRO D 119 3.30 -45.35 16.81
C PRO D 119 2.94 -46.55 17.69
N ARG D 120 3.28 -46.51 18.98
CA ARG D 120 2.95 -47.60 19.89
C ARG D 120 1.69 -47.34 20.70
N ARG D 121 0.94 -46.28 20.38
CA ARG D 121 -0.28 -45.95 21.08
C ARG D 121 -1.47 -46.41 20.25
N VAL D 122 -2.22 -47.38 20.77
CA VAL D 122 -3.41 -47.88 20.10
C VAL D 122 -4.63 -47.62 20.98
N PHE D 123 -5.80 -48.03 20.52
CA PHE D 123 -7.05 -47.78 21.24
C PHE D 123 -7.88 -49.05 21.23
N LEU D 124 -8.19 -49.57 22.41
CA LEU D 124 -9.00 -50.79 22.50
C LEU D 124 -10.42 -50.51 22.01
N SER D 125 -10.97 -51.46 21.27
CA SER D 125 -12.29 -51.33 20.66
C SER D 125 -13.12 -52.56 20.96
N GLU D 126 -14.44 -52.40 20.81
CA GLU D 126 -15.39 -53.48 21.04
C GLU D 126 -15.77 -54.20 19.75
N GLU D 127 -15.27 -53.76 18.60
CA GLU D 127 -15.53 -54.45 17.35
C GLU D 127 -14.88 -55.83 17.38
N LYS D 128 -15.65 -56.86 17.02
CA LYS D 128 -15.18 -58.24 17.11
C LYS D 128 -15.13 -58.88 15.73
N ASN D 129 -14.32 -59.92 15.61
CA ASN D 129 -14.32 -60.73 14.40
C ASN D 129 -13.82 -62.13 14.71
N ASP D 130 -14.40 -63.12 14.03
CA ASP D 130 -13.98 -64.50 14.09
C ASP D 130 -13.10 -64.83 12.88
N ASN D 131 -12.00 -65.54 13.13
CA ASN D 131 -11.08 -65.92 12.07
C ASN D 131 -10.46 -67.26 12.41
N VAL D 132 -9.59 -67.73 11.52
CA VAL D 132 -8.93 -69.02 11.66
C VAL D 132 -7.68 -68.84 12.50
N LEU D 133 -7.32 -69.89 13.24
CA LEU D 133 -6.12 -69.86 14.08
C LEU D 133 -4.86 -69.55 13.28
N ASP D 134 -4.84 -69.92 11.99
CA ASP D 134 -3.68 -69.68 11.17
C ASP D 134 -3.42 -68.21 10.91
N CYS D 135 -4.41 -67.35 11.11
CA CYS D 135 -4.21 -65.92 10.93
C CYS D 135 -3.34 -65.32 12.03
N ILE D 136 -3.24 -65.98 13.19
CA ILE D 136 -2.44 -65.47 14.30
C ILE D 136 -0.96 -65.51 13.92
N ILE D 137 -0.22 -64.46 14.28
CA ILE D 137 1.19 -64.32 13.93
C ILE D 137 2.07 -64.43 15.18
N SER D 138 1.92 -63.50 16.12
CA SER D 138 2.76 -63.47 17.31
C SER D 138 2.01 -62.80 18.44
N LYS D 139 2.57 -62.92 19.64
CA LYS D 139 2.07 -62.19 20.79
C LYS D 139 2.54 -60.73 20.74
N VAL D 140 1.85 -59.88 21.49
CA VAL D 140 2.25 -58.49 21.67
C VAL D 140 1.88 -58.07 23.08
N LYS D 141 2.80 -57.36 23.74
CA LYS D 141 2.60 -56.89 25.11
C LYS D 141 1.87 -55.55 25.06
N ILE D 142 0.60 -55.56 25.45
CA ILE D 142 -0.23 -54.36 25.46
C ILE D 142 -0.69 -54.12 26.89
N VAL D 143 -0.39 -52.93 27.41
CA VAL D 143 -0.65 -52.58 28.80
C VAL D 143 -1.62 -51.41 28.83
N HIS D 144 -2.61 -51.49 29.73
CA HIS D 144 -3.50 -50.38 29.98
C HIS D 144 -2.79 -49.30 30.77
N VAL D 145 -2.82 -48.07 30.26
CA VAL D 145 -2.16 -46.93 30.90
C VAL D 145 -3.24 -45.99 31.40
N ASP D 146 -3.27 -45.77 32.71
CA ASP D 146 -4.15 -44.77 33.29
C ASP D 146 -3.52 -43.39 33.10
N PRO D 147 -4.21 -42.44 32.45
CA PRO D 147 -3.61 -41.11 32.29
C PRO D 147 -3.51 -40.32 33.59
N ASN D 148 -4.27 -40.70 34.62
CA ASN D 148 -4.33 -39.95 35.86
C ASN D 148 -3.45 -40.56 36.97
N MET D 149 -2.32 -41.15 36.60
CA MET D 149 -1.35 -41.64 37.55
C MET D 149 -0.11 -40.76 37.49
N ASP D 150 0.94 -41.17 38.19
CA ASP D 150 2.22 -40.47 38.19
C ASP D 150 2.75 -40.34 36.77
N PRO D 151 3.00 -39.12 36.27
CA PRO D 151 3.50 -39.00 34.89
C PRO D 151 4.86 -39.63 34.66
N LYS D 152 5.63 -39.88 35.72
CA LYS D 152 6.89 -40.58 35.59
C LYS D 152 6.76 -42.08 35.77
N ALA D 153 5.77 -42.54 36.55
CA ALA D 153 5.55 -43.96 36.71
C ALA D 153 5.06 -44.60 35.41
N LYS D 154 4.34 -43.84 34.59
CA LYS D 154 3.90 -44.38 33.31
C LYS D 154 5.05 -44.50 32.32
N ALA D 155 6.11 -43.71 32.50
CA ALA D 155 7.22 -43.68 31.54
C ALA D 155 7.86 -45.05 31.41
N GLN D 156 8.34 -45.62 32.52
CA GLN D 156 8.99 -46.92 32.45
C GLN D 156 8.01 -48.04 32.15
N LEU D 157 6.74 -47.88 32.54
CA LEU D 157 5.73 -48.87 32.17
C LEU D 157 5.57 -48.95 30.67
N ILE D 158 5.49 -47.79 30.00
CA ILE D 158 5.42 -47.78 28.55
C ILE D 158 6.75 -48.28 27.97
N GLU D 159 7.86 -47.99 28.64
CA GLU D 159 9.15 -48.52 28.22
C GLU D 159 9.22 -50.04 28.33
N SER D 160 8.36 -50.65 29.14
CA SER D 160 8.36 -52.10 29.35
C SER D 160 7.32 -52.82 28.50
N CYS D 161 6.80 -52.18 27.47
CA CYS D 161 5.73 -52.76 26.66
C CYS D 161 6.03 -52.57 25.18
N ASP D 162 5.38 -53.42 24.38
CA ASP D 162 5.42 -53.25 22.93
C ASP D 162 4.44 -52.18 22.47
N LEU D 163 3.19 -52.30 22.91
CA LEU D 163 2.16 -51.30 22.64
C LEU D 163 1.43 -50.98 23.94
N TYR D 164 0.77 -49.83 23.95
CA TYR D 164 0.01 -49.40 25.12
C TYR D 164 -1.24 -48.68 24.65
N TYR D 165 -2.27 -48.69 25.51
CA TYR D 165 -3.50 -47.97 25.24
C TYR D 165 -3.98 -47.30 26.52
N ASP D 166 -4.34 -46.03 26.40
CA ASP D 166 -4.92 -45.26 27.49
C ASP D 166 -6.38 -44.89 27.26
N MET D 167 -6.86 -44.98 26.02
CA MET D 167 -8.22 -44.62 25.66
C MET D 167 -8.78 -45.70 24.75
N SER D 168 -10.11 -45.73 24.68
CA SER D 168 -10.84 -46.66 23.82
C SER D 168 -11.42 -45.90 22.64
N TYR D 169 -11.50 -46.59 21.50
CA TYR D 169 -12.07 -46.02 20.28
C TYR D 169 -13.39 -46.69 19.96
N SER D 170 -14.38 -45.88 19.59
CA SER D 170 -15.70 -46.34 19.19
C SER D 170 -16.02 -45.75 17.82
N VAL D 171 -16.47 -46.62 16.90
CA VAL D 171 -16.87 -46.16 15.58
C VAL D 171 -17.99 -45.14 15.68
N ALA D 172 -18.98 -45.40 16.53
CA ALA D 172 -20.11 -44.49 16.71
C ALA D 172 -19.63 -43.14 17.23
N TYR D 173 -19.74 -42.10 16.39
CA TYR D 173 -19.39 -40.73 16.72
C TYR D 173 -17.90 -40.55 16.97
N SER D 174 -17.07 -41.48 16.48
CA SER D 174 -15.61 -41.37 16.52
C SER D 174 -15.11 -41.05 17.92
N THR D 175 -15.49 -41.91 18.86
CA THR D 175 -15.31 -41.62 20.28
C THR D 175 -13.96 -42.14 20.77
N PHE D 176 -13.10 -41.22 21.21
CA PHE D 176 -11.88 -41.55 21.94
C PHE D 176 -12.17 -41.24 23.42
N ALA D 177 -12.41 -42.27 24.22
CA ALA D 177 -12.96 -42.09 25.56
C ALA D 177 -12.10 -42.80 26.60
N ASN D 178 -12.15 -42.27 27.83
CA ASN D 178 -11.43 -42.89 28.93
C ASN D 178 -11.96 -44.29 29.23
N ILE D 179 -11.05 -45.18 29.61
CA ILE D 179 -11.43 -46.52 30.01
C ILE D 179 -12.06 -46.50 31.39
N THR D 209 -22.41 -26.41 43.10
CA THR D 209 -22.23 -25.97 41.72
C THR D 209 -20.76 -25.79 41.36
N ARG D 210 -20.53 -25.19 40.19
CA ARG D 210 -19.19 -24.85 39.75
C ARG D 210 -19.29 -23.68 38.78
N THR D 211 -18.20 -22.91 38.71
CA THR D 211 -18.07 -21.84 37.74
C THR D 211 -16.89 -22.13 36.84
N ALA D 212 -17.02 -21.75 35.57
CA ALA D 212 -16.01 -22.04 34.57
C ALA D 212 -15.90 -20.87 33.61
N THR D 213 -14.72 -20.77 32.99
CA THR D 213 -14.41 -19.70 32.06
C THR D 213 -14.41 -20.23 30.63
N LEU D 214 -14.83 -19.37 29.70
CA LEU D 214 -14.98 -19.75 28.31
C LEU D 214 -14.24 -18.77 27.43
N LEU D 215 -13.46 -19.29 26.48
CA LEU D 215 -12.82 -18.52 25.43
C LEU D 215 -13.48 -18.85 24.11
N ASP D 216 -14.04 -17.84 23.45
CA ASP D 216 -14.76 -18.01 22.19
C ASP D 216 -13.88 -17.49 21.06
N LEU D 217 -13.17 -18.39 20.41
CA LEU D 217 -12.35 -18.02 19.26
C LEU D 217 -13.23 -17.91 18.02
N TYR D 218 -12.95 -16.91 17.20
CA TYR D 218 -13.77 -16.58 16.03
C TYR D 218 -15.24 -16.44 16.47
N SER D 219 -15.43 -15.56 17.46
CA SER D 219 -16.68 -15.50 18.18
C SER D 219 -17.84 -14.94 17.35
N GLY D 220 -17.54 -14.15 16.33
CA GLY D 220 -18.62 -13.51 15.60
C GLY D 220 -19.46 -12.65 16.52
N CYS D 221 -20.78 -12.63 16.27
CA CYS D 221 -21.67 -11.94 17.20
C CYS D 221 -21.86 -12.71 18.48
N GLY D 222 -21.49 -13.99 18.51
CA GLY D 222 -21.45 -14.77 19.73
C GLY D 222 -22.62 -15.69 19.98
N GLY D 223 -23.24 -16.23 18.93
CA GLY D 223 -24.38 -17.12 19.14
C GLY D 223 -23.98 -18.41 19.83
N MET D 224 -22.85 -19.00 19.42
CA MET D 224 -22.42 -20.27 19.97
C MET D 224 -22.06 -20.13 21.45
N SER D 225 -21.29 -19.10 21.81
CA SER D 225 -20.87 -18.94 23.21
C SER D 225 -22.06 -18.56 24.09
N THR D 226 -22.96 -17.72 23.57
CA THR D 226 -24.17 -17.40 24.32
C THR D 226 -25.00 -18.66 24.58
N GLY D 227 -25.20 -19.47 23.55
CA GLY D 227 -25.94 -20.72 23.74
C GLY D 227 -25.27 -21.67 24.71
N LEU D 228 -23.94 -21.78 24.63
CA LEU D 228 -23.21 -22.64 25.55
C LEU D 228 -23.40 -22.16 26.99
N CYS D 229 -23.26 -20.86 27.23
CA CYS D 229 -23.44 -20.34 28.58
C CYS D 229 -24.86 -20.56 29.07
N LEU D 230 -25.86 -20.35 28.21
CA LEU D 230 -27.24 -20.58 28.60
C LEU D 230 -27.46 -22.03 29.00
N GLY D 231 -27.07 -22.96 28.12
CA GLY D 231 -27.26 -24.37 28.41
C GLY D 231 -26.53 -24.82 29.66
N ALA D 232 -25.33 -24.25 29.89
CA ALA D 232 -24.60 -24.57 31.11
C ALA D 232 -25.35 -24.06 32.34
N ALA D 233 -25.94 -22.87 32.24
CA ALA D 233 -26.78 -22.38 33.35
C ALA D 233 -27.96 -23.30 33.58
N LEU D 234 -28.53 -23.84 32.49
CA LEU D 234 -29.59 -24.84 32.63
C LEU D 234 -29.09 -26.07 33.39
N SER D 235 -27.87 -26.49 33.09
CA SER D 235 -27.30 -27.67 33.73
C SER D 235 -26.86 -27.42 35.17
N GLY D 236 -26.75 -26.16 35.59
CA GLY D 236 -26.29 -25.83 36.91
C GLY D 236 -24.84 -25.41 37.01
N LEU D 237 -24.24 -24.94 35.92
CA LEU D 237 -22.85 -24.51 35.89
C LEU D 237 -22.79 -23.06 35.42
N LYS D 238 -22.07 -22.23 36.17
CA LYS D 238 -21.91 -20.82 35.81
C LYS D 238 -20.73 -20.72 34.85
N LEU D 239 -21.02 -20.93 33.57
CA LEU D 239 -20.03 -20.74 32.51
C LEU D 239 -20.09 -19.31 32.03
N GLU D 240 -18.97 -18.59 32.14
CA GLU D 240 -18.91 -17.19 31.74
C GLU D 240 -17.93 -17.04 30.59
N THR D 241 -18.38 -16.40 29.51
CA THR D 241 -17.52 -16.09 28.37
C THR D 241 -16.60 -14.94 28.76
N ARG D 242 -15.36 -15.26 29.11
CA ARG D 242 -14.44 -14.24 29.59
C ARG D 242 -13.63 -13.59 28.48
N TRP D 243 -13.46 -14.26 27.35
CA TRP D 243 -12.69 -13.71 26.24
C TRP D 243 -13.35 -14.10 24.92
N ALA D 244 -13.41 -13.14 24.00
CA ALA D 244 -13.95 -13.37 22.67
C ALA D 244 -13.04 -12.67 21.66
N VAL D 245 -12.65 -13.40 20.62
CA VAL D 245 -11.70 -12.90 19.62
C VAL D 245 -12.36 -12.97 18.25
N ASP D 246 -12.32 -11.85 17.53
CA ASP D 246 -12.87 -11.78 16.18
C ASP D 246 -12.27 -10.56 15.50
N PHE D 247 -11.96 -10.69 14.21
CA PHE D 247 -11.32 -9.62 13.46
C PHE D 247 -12.31 -8.70 12.76
N ASN D 248 -13.61 -8.88 13.02
CA ASN D 248 -14.65 -8.02 12.50
C ASN D 248 -15.14 -7.11 13.62
N SER D 249 -15.12 -5.80 13.37
CA SER D 249 -15.44 -4.85 14.42
C SER D 249 -16.90 -4.93 14.84
N PHE D 250 -17.81 -5.09 13.89
CA PHE D 250 -19.24 -5.07 14.22
C PHE D 250 -19.66 -6.33 14.99
N ALA D 251 -19.05 -7.48 14.68
CA ALA D 251 -19.34 -8.68 15.45
C ALA D 251 -18.89 -8.52 16.90
N CYS D 252 -17.70 -7.98 17.12
CA CYS D 252 -17.23 -7.70 18.47
C CYS D 252 -18.14 -6.69 19.16
N GLN D 253 -18.63 -5.69 18.41
CA GLN D 253 -19.54 -4.71 18.98
C GLN D 253 -20.83 -5.37 19.46
N SER D 254 -21.40 -6.25 18.64
CA SER D 254 -22.61 -6.97 19.04
C SER D 254 -22.35 -7.82 20.28
N LEU D 255 -21.24 -8.56 20.28
CA LEU D 255 -20.96 -9.47 21.39
C LEU D 255 -20.75 -8.70 22.70
N LYS D 256 -20.04 -7.58 22.65
CA LYS D 256 -19.84 -6.81 23.88
C LYS D 256 -21.10 -6.06 24.29
N TYR D 257 -21.96 -5.70 23.33
CA TYR D 257 -23.25 -5.11 23.69
C TYR D 257 -24.08 -6.12 24.49
N ASN D 258 -24.16 -7.36 24.00
CA ASN D 258 -24.94 -8.36 24.71
C ASN D 258 -24.20 -8.99 25.88
N HIS D 259 -22.91 -8.68 26.06
CA HIS D 259 -22.13 -9.22 27.17
C HIS D 259 -21.11 -8.18 27.61
N PRO D 260 -21.52 -7.25 28.48
CA PRO D 260 -20.60 -6.16 28.86
C PRO D 260 -19.36 -6.63 29.59
N GLN D 261 -19.45 -7.65 30.43
CA GLN D 261 -18.30 -8.09 31.20
C GLN D 261 -17.35 -8.96 30.41
N THR D 262 -17.71 -9.38 29.20
CA THR D 262 -16.83 -10.19 28.37
C THR D 262 -15.72 -9.33 27.79
N GLU D 263 -14.48 -9.81 27.90
CA GLU D 263 -13.32 -9.12 27.34
C GLU D 263 -13.28 -9.44 25.85
N VAL D 264 -13.80 -8.52 25.03
CA VAL D 264 -13.92 -8.73 23.59
C VAL D 264 -12.76 -8.02 22.91
N ARG D 265 -11.96 -8.79 22.17
CA ARG D 265 -10.78 -8.29 21.49
C ARG D 265 -11.02 -8.33 19.99
N ASN D 266 -10.85 -7.18 19.32
CA ASN D 266 -11.06 -7.06 17.88
C ASN D 266 -9.71 -7.21 17.19
N GLU D 267 -9.32 -8.46 16.95
CA GLU D 267 -8.04 -8.77 16.36
C GLU D 267 -8.13 -10.14 15.69
N LYS D 268 -7.00 -10.63 15.19
CA LYS D 268 -6.92 -11.93 14.56
C LYS D 268 -6.37 -12.97 15.55
N ALA D 269 -6.66 -14.24 15.26
CA ALA D 269 -6.38 -15.30 16.23
C ALA D 269 -4.88 -15.53 16.39
N ASP D 270 -4.12 -15.47 15.29
CA ASP D 270 -2.67 -15.64 15.39
C ASP D 270 -2.03 -14.51 16.20
N GLU D 271 -2.47 -13.27 15.97
CA GLU D 271 -2.04 -12.18 16.82
C GLU D 271 -2.42 -12.43 18.27
N PHE D 272 -3.60 -13.00 18.50
CA PHE D 272 -4.04 -13.32 19.86
C PHE D 272 -3.10 -14.33 20.52
N LEU D 273 -2.73 -15.37 19.79
CA LEU D 273 -1.83 -16.38 20.35
C LEU D 273 -0.45 -15.80 20.64
N ALA D 274 0.09 -15.02 19.70
CA ALA D 274 1.40 -14.40 19.91
C ALA D 274 1.35 -13.38 21.04
N LEU D 275 0.22 -12.71 21.25
CA LEU D 275 0.09 -11.82 22.41
C LEU D 275 0.08 -12.60 23.71
N LEU D 276 -0.61 -13.75 23.73
CA LEU D 276 -0.65 -14.56 24.95
C LEU D 276 0.74 -15.06 25.32
N LYS D 277 1.50 -15.53 24.32
CA LYS D 277 2.81 -16.12 24.61
C LYS D 277 3.71 -15.15 25.37
N GLU D 278 3.65 -13.86 25.03
CA GLU D 278 4.47 -12.86 25.70
C GLU D 278 3.76 -12.15 26.84
N TRP D 279 2.43 -12.25 26.91
CA TRP D 279 1.74 -11.86 28.13
C TRP D 279 2.17 -12.76 29.29
N ALA D 280 2.44 -14.04 28.99
CA ALA D 280 3.04 -14.90 30.00
C ALA D 280 4.38 -14.36 30.48
N VAL D 281 5.21 -13.89 29.55
CA VAL D 281 6.53 -13.35 29.91
C VAL D 281 6.36 -12.09 30.76
N LEU D 282 5.44 -11.21 30.38
CA LEU D 282 5.22 -9.99 31.14
C LEU D 282 4.68 -10.29 32.54
N CYS D 283 3.79 -11.27 32.66
CA CYS D 283 3.32 -11.68 33.98
C CYS D 283 4.43 -12.30 34.80
N LYS D 284 5.39 -12.95 34.15
CA LYS D 284 6.55 -13.47 34.87
C LYS D 284 7.43 -12.34 35.39
N LYS D 285 7.73 -11.37 34.54
CA LYS D 285 8.65 -10.29 34.94
C LYS D 285 8.04 -9.43 36.03
N TYR D 286 6.79 -9.01 35.87
CA TYR D 286 6.13 -8.09 36.80
C TYR D 286 5.09 -8.87 37.58
N VAL D 287 5.43 -9.29 38.79
CA VAL D 287 4.49 -10.03 39.64
C VAL D 287 3.95 -9.14 40.75
N GLU D 311 6.78 13.37 23.59
CA GLU D 311 7.17 12.77 24.85
C GLU D 311 6.19 13.18 25.96
N PHE D 312 4.91 12.89 25.74
CA PHE D 312 3.88 13.27 26.69
C PHE D 312 3.83 12.29 27.86
N VAL D 313 3.57 12.82 29.06
CA VAL D 313 3.52 11.98 30.26
C VAL D 313 2.35 11.01 30.17
N VAL D 314 2.50 9.88 30.83
CA VAL D 314 1.56 8.76 30.79
C VAL D 314 0.71 8.80 32.07
N GLU D 315 -0.61 8.74 31.93
CA GLU D 315 -1.48 8.66 33.09
C GLU D 315 -2.09 7.29 33.31
N LYS D 316 -2.56 6.62 32.25
CA LYS D 316 -3.14 5.29 32.37
C LYS D 316 -2.85 4.50 31.09
N LEU D 317 -2.69 3.18 31.24
CA LEU D 317 -2.52 2.30 30.10
C LEU D 317 -3.85 1.63 29.77
N VAL D 318 -4.34 1.84 28.56
CA VAL D 318 -5.66 1.36 28.17
C VAL D 318 -5.64 -0.14 27.91
N GLY D 319 -4.86 -0.56 26.91
CA GLY D 319 -4.85 -1.96 26.52
C GLY D 319 -3.51 -2.38 25.95
N ILE D 320 -3.47 -3.63 25.51
CA ILE D 320 -2.28 -4.25 24.96
C ILE D 320 -2.67 -4.98 23.67
N CYS D 321 -1.71 -5.09 22.74
CA CYS D 321 -1.95 -5.81 21.51
C CYS D 321 -0.63 -6.35 20.97
N TYR D 322 -0.74 -7.30 20.06
CA TYR D 322 0.41 -7.83 19.33
C TYR D 322 0.19 -7.60 17.85
N GLY D 323 1.15 -6.94 17.21
CA GLY D 323 1.03 -6.66 15.79
C GLY D 323 -0.20 -5.82 15.52
N GLY D 324 -1.08 -6.32 14.66
CA GLY D 324 -2.31 -5.64 14.32
C GLY D 324 -2.22 -4.94 12.98
N SER D 325 -3.35 -4.37 12.58
CA SER D 325 -3.44 -3.68 11.30
C SER D 325 -2.58 -2.42 11.33
N ASP D 326 -1.76 -2.25 10.29
CA ASP D 326 -0.83 -1.12 10.17
C ASP D 326 0.23 -1.14 11.26
N ARG D 327 0.55 -2.31 11.80
CA ARG D 327 1.55 -2.43 12.85
C ARG D 327 2.40 -3.67 12.61
N GLU D 328 3.67 -3.58 12.99
CA GLU D 328 4.62 -4.67 12.86
C GLU D 328 4.48 -5.63 14.05
N ASN D 329 4.98 -6.85 13.86
CA ASN D 329 4.93 -7.87 14.91
C ASN D 329 5.65 -7.38 16.16
N GLY D 330 4.97 -7.44 17.29
CA GLY D 330 5.53 -6.98 18.55
C GLY D 330 4.44 -6.52 19.49
N ILE D 331 4.86 -6.16 20.69
CA ILE D 331 3.94 -5.74 21.75
C ILE D 331 3.70 -4.24 21.63
N TYR D 332 2.44 -3.85 21.72
CA TYR D 332 2.03 -2.45 21.74
C TYR D 332 1.10 -2.20 22.92
N PHE D 333 1.18 -1.00 23.47
CA PHE D 333 0.30 -0.55 24.54
C PHE D 333 -0.45 0.70 24.09
N LYS D 334 -1.71 0.83 24.49
CA LYS D 334 -2.47 2.04 24.24
C LYS D 334 -2.25 2.99 25.40
N VAL D 335 -1.65 4.15 25.12
CA VAL D 335 -1.22 5.10 26.14
C VAL D 335 -2.24 6.24 26.21
N GLN D 336 -2.62 6.59 27.44
CA GLN D 336 -3.45 7.76 27.75
C GLN D 336 -2.53 8.86 28.26
N TRP D 337 -2.06 9.69 27.34
CA TRP D 337 -1.15 10.78 27.69
C TRP D 337 -1.86 11.76 28.61
N GLU D 338 -1.21 12.08 29.73
CA GLU D 338 -1.79 12.99 30.72
C GLU D 338 -2.06 14.35 30.10
N GLY D 339 -3.17 14.97 30.51
CA GLY D 339 -3.57 16.21 29.87
C GLY D 339 -4.08 16.05 28.46
N TYR D 340 -4.24 14.81 27.98
CA TYR D 340 -4.79 14.53 26.66
C TYR D 340 -5.96 13.57 26.84
N GLY D 341 -7.03 13.81 26.05
CA GLY D 341 -8.27 13.12 26.25
C GLY D 341 -8.25 11.70 25.71
N PRO D 342 -9.36 10.99 25.92
CA PRO D 342 -9.46 9.60 25.42
C PRO D 342 -9.37 9.48 23.92
N GLU D 343 -9.58 10.56 23.17
CA GLU D 343 -9.40 10.50 21.72
C GLU D 343 -7.94 10.57 21.31
N GLU D 344 -7.07 11.05 22.21
CA GLU D 344 -5.65 11.20 21.93
C GLU D 344 -4.81 10.01 22.38
N ASP D 345 -5.44 8.98 22.95
CA ASP D 345 -4.71 7.78 23.35
C ASP D 345 -4.11 7.11 22.12
N THR D 346 -2.85 6.73 22.21
CA THR D 346 -2.10 6.29 21.04
C THR D 346 -1.57 4.88 21.26
N TRP D 347 -1.72 4.04 20.25
CA TRP D 347 -1.10 2.71 20.25
C TRP D 347 0.38 2.87 19.97
N GLU D 348 1.21 2.71 21.01
CA GLU D 348 2.63 2.89 20.92
C GLU D 348 3.35 1.57 21.18
N PRO D 349 4.39 1.25 20.40
CA PRO D 349 5.13 0.01 20.62
C PRO D 349 5.89 0.03 21.93
N ILE D 350 6.25 -1.16 22.40
CA ILE D 350 7.01 -1.30 23.63
C ILE D 350 8.41 -0.72 23.51
N ASP D 351 8.86 -0.43 22.28
CA ASP D 351 10.15 0.22 22.11
C ASP D 351 10.15 1.62 22.71
N ASN D 352 9.00 2.30 22.68
CA ASN D 352 8.88 3.64 23.23
C ASN D 352 8.52 3.64 24.71
N LEU D 353 7.96 2.55 25.23
CA LEU D 353 7.58 2.45 26.63
C LEU D 353 8.73 1.89 27.48
N SER D 354 9.87 2.56 27.39
CA SER D 354 11.05 2.17 28.16
C SER D 354 11.29 3.07 29.36
N ASP D 355 10.68 4.25 29.41
CA ASP D 355 10.85 5.18 30.51
C ASP D 355 9.69 5.19 31.49
N CYS D 356 8.75 4.26 31.35
CA CYS D 356 7.63 4.11 32.27
C CYS D 356 7.48 2.66 32.68
N PRO D 357 8.46 2.11 33.42
CA PRO D 357 8.36 0.70 33.81
C PRO D 357 7.30 0.45 34.88
N GLN D 358 7.06 1.42 35.77
CA GLN D 358 6.04 1.23 36.81
C GLN D 358 4.62 1.27 36.23
N LYS D 359 4.39 2.09 35.20
CA LYS D 359 3.10 2.05 34.51
C LYS D 359 2.85 0.66 33.94
N ILE D 360 3.84 0.12 33.22
CA ILE D 360 3.68 -1.19 32.60
C ILE D 360 3.52 -2.26 33.67
N ARG D 361 4.23 -2.13 34.80
CA ARG D 361 4.13 -3.14 35.84
C ARG D 361 2.76 -3.10 36.51
N GLU D 362 2.20 -1.91 36.72
CA GLU D 362 0.85 -1.83 37.28
C GLU D 362 -0.18 -2.38 36.30
N PHE D 363 -0.04 -2.05 35.02
CA PHE D 363 -0.94 -2.58 34.00
C PHE D 363 -0.90 -4.10 34.00
N VAL D 364 0.31 -4.67 33.99
CA VAL D 364 0.46 -6.12 33.95
C VAL D 364 -0.11 -6.76 35.21
N GLN D 365 0.18 -6.18 36.37
CA GLN D 365 -0.27 -6.76 37.63
C GLN D 365 -1.80 -6.77 37.72
N GLU D 366 -2.43 -5.63 37.42
CA GLU D 366 -3.90 -5.59 37.51
C GLU D 366 -4.56 -6.41 36.41
N GLY D 367 -3.97 -6.44 35.21
CA GLY D 367 -4.52 -7.27 34.16
C GLY D 367 -4.37 -8.76 34.43
N HIS D 368 -3.36 -9.13 35.22
CA HIS D 368 -3.22 -10.52 35.63
C HIS D 368 -4.19 -10.88 36.75
N LYS D 369 -4.32 -10.00 37.75
CA LYS D 369 -5.26 -10.26 38.83
C LYS D 369 -6.70 -10.25 38.34
N ARG D 370 -7.00 -9.48 37.29
CA ARG D 370 -8.30 -9.52 36.66
C ARG D 370 -8.40 -10.61 35.59
N LYS D 371 -7.26 -11.06 35.06
CA LYS D 371 -7.21 -12.06 33.99
C LYS D 371 -7.84 -11.52 32.71
N ILE D 372 -7.36 -10.36 32.27
CA ILE D 372 -7.80 -9.81 31.00
C ILE D 372 -7.33 -10.69 29.85
N LEU D 373 -6.23 -11.43 30.05
CA LEU D 373 -5.71 -12.37 29.08
C LEU D 373 -5.38 -13.67 29.82
N PRO D 374 -5.82 -14.82 29.32
CA PRO D 374 -5.68 -16.05 30.09
C PRO D 374 -4.30 -16.68 29.96
N LEU D 375 -3.78 -17.15 31.10
CA LEU D 375 -2.59 -17.99 31.12
C LEU D 375 -2.99 -19.45 30.99
N PRO D 376 -2.06 -20.33 30.63
CA PRO D 376 -2.38 -21.76 30.57
C PRO D 376 -2.94 -22.26 31.89
N GLY D 377 -4.10 -22.90 31.82
CA GLY D 377 -4.83 -23.35 32.99
C GLY D 377 -5.99 -22.46 33.38
N ASP D 378 -6.00 -21.21 32.91
CA ASP D 378 -7.10 -20.31 33.24
C ASP D 378 -8.34 -20.56 32.41
N VAL D 379 -8.19 -21.06 31.18
CA VAL D 379 -9.33 -21.33 30.32
C VAL D 379 -9.88 -22.71 30.64
N ASP D 380 -11.17 -22.78 30.95
CA ASP D 380 -11.80 -24.07 31.20
C ASP D 380 -12.41 -24.66 29.95
N VAL D 381 -13.07 -23.84 29.13
CA VAL D 381 -13.67 -24.30 27.87
C VAL D 381 -13.21 -23.36 26.77
N ILE D 382 -12.79 -23.94 25.64
CA ILE D 382 -12.51 -23.20 24.42
C ILE D 382 -13.51 -23.63 23.37
N CYS D 383 -14.33 -22.70 22.91
CA CYS D 383 -15.26 -22.94 21.82
C CYS D 383 -14.83 -22.14 20.60
N GLY D 384 -15.26 -22.62 19.43
CA GLY D 384 -14.92 -21.91 18.21
C GLY D 384 -15.55 -22.42 16.95
N GLY D 385 -16.00 -21.48 16.11
CA GLY D 385 -16.45 -21.79 14.78
C GLY D 385 -15.56 -21.12 13.75
N PRO D 386 -14.48 -21.78 13.36
CA PRO D 386 -13.55 -21.21 12.38
C PRO D 386 -14.25 -20.98 11.05
N PRO D 387 -13.67 -20.14 10.17
CA PRO D 387 -14.34 -19.84 8.90
C PRO D 387 -14.60 -21.08 8.06
N CYS D 388 -15.75 -21.10 7.40
CA CYS D 388 -16.15 -22.16 6.50
C CYS D 388 -16.27 -21.69 5.07
N GLN D 389 -15.96 -20.42 4.80
CA GLN D 389 -16.08 -19.91 3.44
C GLN D 389 -15.13 -20.62 2.48
N GLY D 390 -13.98 -21.08 2.98
CA GLY D 390 -13.04 -21.85 2.20
C GLY D 390 -13.27 -23.35 2.25
N ILE D 391 -14.35 -23.81 2.88
CA ILE D 391 -14.64 -25.23 2.99
C ILE D 391 -16.00 -25.52 2.38
N SER D 392 -16.88 -24.52 2.40
CA SER D 392 -18.27 -24.71 2.01
C SER D 392 -18.40 -25.07 0.54
N GLY D 393 -19.44 -25.85 0.24
CA GLY D 393 -19.73 -26.22 -1.14
C GLY D 393 -20.17 -25.06 -2.01
N PHE D 394 -20.57 -23.94 -1.40
CA PHE D 394 -20.85 -22.74 -2.18
C PHE D 394 -19.60 -22.23 -2.88
N ASN D 395 -18.45 -22.34 -2.21
CA ASN D 395 -17.20 -21.82 -2.75
C ASN D 395 -16.76 -22.69 -3.93
N ARG D 396 -16.86 -22.14 -5.14
CA ARG D 396 -16.44 -22.84 -6.34
C ARG D 396 -15.00 -22.50 -6.75
N TYR D 397 -14.21 -21.96 -5.82
CA TYR D 397 -12.81 -21.63 -6.06
C TYR D 397 -11.90 -22.31 -5.04
N ARG D 398 -12.36 -23.44 -4.48
CA ARG D 398 -11.66 -24.06 -3.37
C ARG D 398 -10.37 -24.73 -3.85
N ASN D 399 -9.61 -25.27 -2.88
CA ASN D 399 -8.30 -25.85 -3.12
C ASN D 399 -8.28 -27.25 -2.52
N ARG D 400 -8.76 -28.24 -3.29
CA ARG D 400 -8.83 -29.60 -2.78
C ARG D 400 -7.45 -30.26 -2.70
N ASP D 401 -6.47 -29.75 -3.44
CA ASP D 401 -5.14 -30.33 -3.42
C ASP D 401 -4.21 -29.65 -2.42
N GLU D 402 -4.43 -28.38 -2.12
CA GLU D 402 -3.67 -27.65 -1.10
C GLU D 402 -4.66 -26.97 -0.16
N PRO D 403 -5.31 -27.73 0.72
CA PRO D 403 -6.40 -27.19 1.54
C PRO D 403 -5.94 -26.35 2.73
N LEU D 404 -4.66 -26.01 2.84
CA LEU D 404 -4.19 -25.18 3.94
C LEU D 404 -3.50 -23.90 3.48
N LYS D 405 -3.41 -23.66 2.18
CA LYS D 405 -2.93 -22.38 1.68
C LYS D 405 -4.01 -21.30 1.73
N ASP D 406 -5.26 -21.69 1.94
CA ASP D 406 -6.34 -20.73 2.18
C ASP D 406 -6.34 -20.37 3.66
N GLU D 407 -6.14 -19.09 3.96
CA GLU D 407 -5.99 -18.65 5.35
C GLU D 407 -7.22 -19.00 6.18
N LYS D 408 -8.41 -18.95 5.59
CA LYS D 408 -9.61 -19.35 6.31
C LYS D 408 -9.53 -20.80 6.76
N ASN D 409 -9.02 -21.69 5.89
CA ASN D 409 -8.83 -23.07 6.28
C ASN D 409 -7.70 -23.22 7.30
N LYS D 410 -6.67 -22.36 7.21
CA LYS D 410 -5.56 -22.40 8.15
C LYS D 410 -5.98 -21.92 9.54
N GLN D 411 -7.09 -21.19 9.63
CA GLN D 411 -7.56 -20.78 10.95
C GLN D 411 -7.96 -21.96 11.82
N MET D 412 -8.25 -23.12 11.24
CA MET D 412 -8.48 -24.30 12.08
C MET D 412 -7.19 -24.75 12.75
N VAL D 413 -6.08 -24.75 12.01
CA VAL D 413 -4.78 -25.05 12.61
C VAL D 413 -4.43 -24.01 13.67
N THR D 414 -4.76 -22.74 13.42
CA THR D 414 -4.50 -21.70 14.41
C THR D 414 -5.34 -21.91 15.66
N PHE D 415 -6.61 -22.28 15.49
CA PHE D 415 -7.49 -22.60 16.60
C PHE D 415 -6.90 -23.71 17.47
N MET D 416 -6.52 -24.82 16.83
CA MET D 416 -5.94 -25.92 17.60
C MET D 416 -4.56 -25.58 18.16
N ASP D 417 -3.84 -24.62 17.56
CA ASP D 417 -2.61 -24.12 18.16
C ASP D 417 -2.90 -23.38 19.46
N ILE D 418 -3.92 -22.53 19.46
CA ILE D 418 -4.35 -21.87 20.70
C ILE D 418 -4.74 -22.92 21.73
N VAL D 419 -5.45 -23.97 21.29
CA VAL D 419 -5.81 -25.05 22.20
C VAL D 419 -4.58 -25.72 22.79
N ALA D 420 -3.55 -25.91 21.96
CA ALA D 420 -2.31 -26.50 22.43
C ALA D 420 -1.61 -25.61 23.46
N TYR D 421 -1.63 -24.30 23.22
CA TYR D 421 -0.95 -23.38 24.13
C TYR D 421 -1.66 -23.32 25.48
N LEU D 422 -2.97 -23.10 25.47
CA LEU D 422 -3.69 -22.87 26.72
C LEU D 422 -4.09 -24.15 27.42
N LYS D 423 -4.36 -25.22 26.67
CA LYS D 423 -4.73 -26.52 27.23
C LYS D 423 -5.96 -26.39 28.13
N PRO D 424 -7.15 -26.23 27.57
CA PRO D 424 -8.35 -26.12 28.40
C PRO D 424 -8.91 -27.49 28.77
N LYS D 425 -9.85 -27.47 29.72
CA LYS D 425 -10.52 -28.70 30.12
C LYS D 425 -11.42 -29.24 29.02
N TYR D 426 -12.05 -28.35 28.26
CA TYR D 426 -13.01 -28.75 27.23
C TYR D 426 -12.78 -27.94 25.97
N VAL D 427 -13.07 -28.58 24.84
CA VAL D 427 -12.92 -27.98 23.52
C VAL D 427 -14.18 -28.29 22.71
N LEU D 428 -14.70 -27.28 22.02
CA LEU D 428 -15.87 -27.47 21.16
C LEU D 428 -15.64 -26.70 19.87
N MET D 429 -15.36 -27.43 18.79
CA MET D 429 -15.16 -26.82 17.49
C MET D 429 -16.36 -27.13 16.59
N GLU D 430 -16.81 -26.12 15.84
CA GLU D 430 -17.97 -26.27 14.97
C GLU D 430 -17.59 -25.87 13.55
N ASN D 431 -18.13 -26.59 12.57
CA ASN D 431 -17.93 -26.22 11.17
C ASN D 431 -19.02 -26.85 10.32
N VAL D 432 -18.90 -26.67 9.01
CA VAL D 432 -19.91 -27.19 8.09
C VAL D 432 -19.62 -28.66 7.78
N VAL D 433 -20.63 -29.34 7.23
CA VAL D 433 -20.49 -30.75 6.89
C VAL D 433 -19.39 -30.95 5.84
N ASP D 434 -19.16 -29.92 5.00
CA ASP D 434 -18.13 -30.03 3.98
C ASP D 434 -16.73 -30.21 4.56
N ILE D 435 -16.54 -29.97 5.86
CA ILE D 435 -15.24 -30.24 6.45
C ILE D 435 -14.94 -31.74 6.49
N LEU D 436 -15.97 -32.58 6.38
CA LEU D 436 -15.82 -34.02 6.34
C LEU D 436 -15.82 -34.56 4.91
N LYS D 437 -16.00 -33.71 3.91
CA LYS D 437 -16.05 -34.12 2.51
C LYS D 437 -15.03 -33.43 1.64
N PHE D 438 -14.84 -32.12 1.81
CA PHE D 438 -13.84 -31.38 1.06
C PHE D 438 -12.46 -31.97 1.29
N ALA D 439 -11.73 -32.23 0.20
CA ALA D 439 -10.45 -32.91 0.26
C ALA D 439 -10.55 -34.20 1.07
N ASP D 440 -11.63 -34.95 0.82
CA ASP D 440 -11.90 -36.22 1.51
C ASP D 440 -11.92 -36.04 3.03
N GLY D 441 -12.33 -34.87 3.49
CA GLY D 441 -12.38 -34.58 4.91
C GLY D 441 -11.07 -34.21 5.56
N TYR D 442 -10.03 -33.95 4.76
CA TYR D 442 -8.68 -33.71 5.28
C TYR D 442 -8.70 -32.76 6.47
N LEU D 443 -9.38 -31.61 6.33
CA LEU D 443 -9.39 -30.63 7.41
C LEU D 443 -10.05 -31.19 8.66
N GLY D 444 -11.25 -31.75 8.51
CA GLY D 444 -11.98 -32.29 9.65
C GLY D 444 -11.13 -33.25 10.45
N LYS D 445 -10.71 -34.34 9.79
CA LYS D 445 -9.78 -35.28 10.40
C LYS D 445 -8.64 -34.54 11.09
N TYR D 446 -8.03 -33.58 10.39
CA TYR D 446 -6.94 -32.79 10.95
C TYR D 446 -7.27 -32.34 12.37
N ALA D 447 -8.38 -31.60 12.51
CA ALA D 447 -8.78 -31.13 13.83
C ALA D 447 -8.83 -32.27 14.83
N LEU D 448 -9.60 -33.32 14.52
CA LEU D 448 -9.68 -34.47 15.40
C LEU D 448 -8.30 -35.02 15.71
N SER D 449 -7.46 -35.15 14.68
CA SER D 449 -6.12 -35.66 14.89
C SER D 449 -5.37 -34.83 15.92
N CYS D 450 -5.45 -33.50 15.81
CA CYS D 450 -4.82 -32.64 16.80
C CYS D 450 -5.26 -33.03 18.20
N LEU D 451 -6.56 -33.18 18.40
CA LEU D 451 -7.07 -33.53 19.73
C LEU D 451 -6.48 -34.87 20.18
N VAL D 452 -6.39 -35.84 19.28
CA VAL D 452 -5.83 -37.13 19.68
C VAL D 452 -4.32 -37.06 19.84
N ALA D 453 -3.67 -36.10 19.18
CA ALA D 453 -2.22 -35.98 19.32
C ALA D 453 -1.84 -35.37 20.66
N MET D 454 -2.70 -34.50 21.20
CA MET D 454 -2.48 -33.89 22.50
C MET D 454 -3.12 -34.70 23.63
N LYS D 455 -3.43 -35.97 23.38
CA LYS D 455 -3.96 -36.89 24.40
C LYS D 455 -5.31 -36.43 24.94
N TYR D 456 -6.15 -35.90 24.06
CA TYR D 456 -7.49 -35.47 24.43
C TYR D 456 -8.50 -36.56 24.14
N GLN D 457 -9.45 -36.76 25.06
CA GLN D 457 -10.67 -37.49 24.71
C GLN D 457 -11.40 -36.70 23.64
N ALA D 458 -11.84 -37.38 22.59
CA ALA D 458 -12.42 -36.71 21.44
C ALA D 458 -13.74 -37.35 21.05
N ARG D 459 -14.58 -36.54 20.40
CA ARG D 459 -15.88 -37.01 19.92
C ARG D 459 -16.29 -36.15 18.72
N LEU D 460 -16.87 -36.79 17.72
CA LEU D 460 -17.27 -36.12 16.49
C LEU D 460 -18.76 -36.38 16.25
N GLY D 461 -19.51 -35.33 15.92
CA GLY D 461 -20.93 -35.50 15.70
C GLY D 461 -21.46 -34.49 14.70
N MET D 462 -22.66 -34.78 14.20
CA MET D 462 -23.36 -33.90 13.28
C MET D 462 -24.76 -33.62 13.84
N MET D 463 -25.11 -32.34 13.93
CA MET D 463 -26.37 -31.94 14.56
C MET D 463 -27.15 -31.06 13.60
N VAL D 464 -28.45 -31.33 13.50
CA VAL D 464 -29.37 -30.57 12.67
C VAL D 464 -30.08 -29.56 13.55
N ALA D 465 -30.02 -28.28 13.16
CA ALA D 465 -30.56 -27.22 14.02
C ALA D 465 -32.08 -27.35 14.17
N GLY D 466 -32.78 -27.67 13.09
CA GLY D 466 -34.22 -27.81 13.16
C GLY D 466 -34.70 -28.91 14.08
N CYS D 467 -33.81 -29.87 14.39
CA CYS D 467 -34.14 -30.91 15.36
C CYS D 467 -34.18 -30.38 16.79
N TYR D 468 -33.94 -29.09 17.01
CA TYR D 468 -33.99 -28.52 18.35
C TYR D 468 -34.90 -27.30 18.40
N GLY D 469 -35.86 -27.19 17.47
CA GLY D 469 -36.90 -26.20 17.55
C GLY D 469 -36.77 -25.04 16.58
N LEU D 470 -36.40 -25.33 15.34
CA LEU D 470 -36.18 -24.30 14.34
C LEU D 470 -36.76 -24.73 13.00
N PRO D 471 -37.21 -23.78 12.17
CA PRO D 471 -37.60 -24.07 10.79
C PRO D 471 -36.43 -23.98 9.82
N GLN D 472 -35.31 -24.62 10.18
CA GLN D 472 -34.08 -24.57 9.39
C GLN D 472 -33.37 -25.91 9.50
N PHE D 473 -32.85 -26.39 8.37
CA PHE D 473 -32.06 -27.63 8.36
C PHE D 473 -30.59 -27.27 8.27
N ARG D 474 -30.04 -26.90 9.42
CA ARG D 474 -28.65 -26.45 9.52
C ARG D 474 -27.84 -27.56 10.19
N MET D 475 -27.36 -28.50 9.39
CA MET D 475 -26.54 -29.60 9.89
C MET D 475 -25.09 -29.14 9.99
N ARG D 476 -24.55 -29.20 11.21
CA ARG D 476 -23.19 -28.76 11.47
C ARG D 476 -22.41 -29.86 12.17
N VAL D 477 -21.11 -29.89 11.90
CA VAL D 477 -20.21 -30.81 12.59
C VAL D 477 -19.73 -30.13 13.87
N PHE D 478 -19.80 -30.89 14.97
CA PHE D 478 -19.33 -30.46 16.28
C PHE D 478 -18.32 -31.46 16.79
N LEU D 479 -17.19 -30.95 17.27
CA LEU D 479 -16.07 -31.76 17.73
C LEU D 479 -15.87 -31.44 19.21
N TRP D 480 -16.13 -32.43 20.05
CA TRP D 480 -15.90 -32.38 21.48
C TRP D 480 -14.50 -32.84 21.82
N GLY D 481 -13.88 -32.17 22.77
CA GLY D 481 -12.64 -32.60 23.38
C GLY D 481 -12.73 -32.44 24.89
N ALA D 482 -12.23 -33.43 25.62
CA ALA D 482 -12.22 -33.41 27.08
C ALA D 482 -10.93 -33.99 27.60
N LEU D 483 -10.32 -33.32 28.58
CA LEU D 483 -9.10 -33.82 29.18
C LEU D 483 -9.36 -35.15 29.88
N SER D 484 -8.28 -35.89 30.13
CA SER D 484 -8.39 -37.18 30.81
C SER D 484 -8.93 -36.99 32.23
N SER D 485 -8.64 -35.86 32.86
CA SER D 485 -9.20 -35.56 34.17
C SER D 485 -10.68 -35.21 34.11
N MET D 486 -11.23 -34.99 32.91
CA MET D 486 -12.64 -34.64 32.73
C MET D 486 -13.40 -35.82 32.16
N VAL D 487 -14.72 -35.62 32.02
CA VAL D 487 -15.62 -36.61 31.44
C VAL D 487 -16.07 -36.09 30.08
N LEU D 488 -15.86 -36.89 29.04
CA LEU D 488 -16.23 -36.49 27.69
C LEU D 488 -17.74 -36.26 27.60
N PRO D 489 -18.18 -35.07 27.19
CA PRO D 489 -19.62 -34.81 27.13
C PRO D 489 -20.29 -35.57 25.99
N LYS D 490 -21.61 -35.72 26.11
CA LYS D 490 -22.40 -36.45 25.13
C LYS D 490 -23.01 -35.48 24.11
N TYR D 491 -23.64 -36.05 23.09
CA TYR D 491 -24.42 -35.21 22.19
C TYR D 491 -25.89 -35.26 22.55
N PRO D 492 -26.57 -34.12 22.49
CA PRO D 492 -28.00 -34.08 22.86
C PRO D 492 -28.86 -34.63 21.74
N LEU D 493 -29.82 -35.48 22.09
CA LEU D 493 -30.73 -36.04 21.10
C LEU D 493 -31.72 -34.98 20.64
N PRO D 494 -32.23 -35.12 19.41
CA PRO D 494 -33.20 -34.15 18.91
C PRO D 494 -34.46 -34.10 19.76
N THR D 495 -34.90 -32.89 20.10
CA THR D 495 -36.16 -32.67 20.81
C THR D 495 -37.33 -32.43 19.87
N TYR D 496 -37.06 -32.15 18.59
CA TYR D 496 -38.09 -31.83 17.61
C TYR D 496 -37.96 -32.76 16.41
N ASP D 497 -39.08 -32.96 15.73
CA ASP D 497 -39.02 -33.47 14.37
C ASP D 497 -38.55 -32.36 13.43
N VAL D 498 -38.12 -32.75 12.23
CA VAL D 498 -37.60 -31.80 11.28
C VAL D 498 -37.95 -32.26 9.87
N VAL D 499 -38.10 -31.29 8.97
CA VAL D 499 -38.25 -31.58 7.54
C VAL D 499 -36.86 -31.83 6.97
N VAL D 500 -36.65 -33.05 6.46
CA VAL D 500 -35.32 -33.44 6.00
C VAL D 500 -35.01 -32.73 4.69
N ARG D 501 -33.97 -31.90 4.70
CA ARG D 501 -33.50 -31.19 3.52
C ARG D 501 -31.98 -31.23 3.45
N GLY D 502 -31.42 -32.43 3.63
CA GLY D 502 -29.98 -32.61 3.59
C GLY D 502 -29.57 -34.00 4.05
N GLY D 503 -28.46 -34.49 3.54
CA GLY D 503 -27.98 -35.83 3.87
C GLY D 503 -26.57 -35.80 4.40
N ALA D 504 -26.28 -36.75 5.29
CA ALA D 504 -24.94 -36.91 5.83
C ALA D 504 -24.04 -37.63 4.82
N PRO D 505 -22.73 -37.40 4.87
CA PRO D 505 -21.82 -38.18 4.03
C PRO D 505 -21.86 -39.65 4.42
N ASN D 506 -21.56 -40.52 3.46
CA ASN D 506 -21.55 -41.95 3.73
C ASN D 506 -20.53 -42.30 4.81
N ALA D 507 -19.29 -41.85 4.64
CA ALA D 507 -18.21 -42.24 5.54
C ALA D 507 -18.45 -41.82 6.99
N PHE D 508 -19.39 -40.92 7.23
CA PHE D 508 -19.69 -40.46 8.58
C PHE D 508 -21.14 -40.71 8.95
N SER D 509 -21.77 -41.73 8.33
CA SER D 509 -23.12 -42.12 8.71
C SER D 509 -23.24 -42.38 10.20
N GLN D 510 -22.17 -42.88 10.82
CA GLN D 510 -22.15 -43.23 12.23
C GLN D 510 -21.97 -42.03 13.15
N CYS D 511 -21.79 -40.83 12.59
CA CYS D 511 -21.54 -39.65 13.42
C CYS D 511 -22.71 -38.66 13.40
N MET D 512 -23.89 -39.09 12.96
CA MET D 512 -25.05 -38.21 12.89
C MET D 512 -25.85 -38.33 14.17
N VAL D 513 -25.96 -37.22 14.91
CA VAL D 513 -26.72 -37.20 16.15
C VAL D 513 -28.21 -37.32 15.83
N ALA D 514 -28.78 -38.49 16.08
CA ALA D 514 -30.18 -38.76 15.78
C ALA D 514 -30.61 -40.02 16.50
N TYR D 515 -31.92 -40.17 16.68
CA TYR D 515 -32.48 -41.40 17.21
C TYR D 515 -32.31 -42.53 16.22
N ASP D 516 -32.02 -43.73 16.72
CA ASP D 516 -32.09 -44.91 15.88
C ASP D 516 -33.51 -45.08 15.36
N GLU D 517 -33.62 -45.59 14.13
CA GLU D 517 -34.91 -45.56 13.43
C GLU D 517 -35.99 -46.32 14.19
N THR D 518 -35.61 -47.42 14.86
CA THR D 518 -36.60 -48.22 15.56
C THR D 518 -36.95 -47.66 16.95
N GLN D 519 -36.13 -46.78 17.51
CA GLN D 519 -36.45 -46.14 18.78
C GLN D 519 -36.75 -44.67 18.52
N LYS D 520 -38.02 -44.31 18.67
CA LYS D 520 -38.37 -42.91 18.49
C LYS D 520 -39.64 -42.57 19.24
N PRO D 521 -39.53 -42.06 20.47
CA PRO D 521 -40.70 -41.48 21.13
C PRO D 521 -41.17 -40.25 20.37
N SER D 522 -42.40 -39.84 20.67
CA SER D 522 -42.95 -38.70 19.96
C SER D 522 -42.19 -37.43 20.30
N LEU D 523 -41.80 -36.68 19.28
CA LEU D 523 -41.13 -35.41 19.44
C LEU D 523 -42.06 -34.27 19.01
N LYS D 524 -41.71 -33.06 19.42
CA LYS D 524 -42.49 -31.89 19.05
C LYS D 524 -42.53 -31.74 17.54
N LYS D 525 -43.69 -31.33 17.01
CA LYS D 525 -43.89 -31.30 15.57
C LYS D 525 -42.91 -30.32 14.92
N ALA D 526 -42.46 -30.67 13.72
CA ALA D 526 -41.47 -29.87 13.02
C ALA D 526 -41.97 -28.46 12.80
N LEU D 527 -41.15 -27.48 13.18
CA LEU D 527 -41.52 -26.07 13.04
C LEU D 527 -41.39 -25.65 11.59
N LEU D 528 -42.48 -25.11 11.04
CA LEU D 528 -42.43 -24.47 9.73
C LEU D 528 -42.09 -22.99 9.91
N LEU D 529 -42.01 -22.27 8.80
CA LEU D 529 -41.55 -20.88 8.87
C LEU D 529 -42.53 -20.00 9.64
N GLY D 530 -43.83 -20.18 9.41
CA GLY D 530 -44.82 -19.35 10.07
C GLY D 530 -44.71 -19.37 11.58
N ASP D 531 -44.30 -20.50 12.15
CA ASP D 531 -44.11 -20.61 13.59
C ASP D 531 -42.98 -19.72 14.11
N ALA D 532 -42.27 -19.01 13.22
CA ALA D 532 -41.15 -18.19 13.61
C ALA D 532 -41.32 -16.71 13.27
N ILE D 533 -42.07 -16.36 12.22
CA ILE D 533 -42.09 -14.98 11.76
C ILE D 533 -43.52 -14.45 11.58
N SER D 534 -44.53 -15.25 11.95
CA SER D 534 -45.90 -14.80 11.76
C SER D 534 -46.29 -13.68 12.72
N ASP D 535 -45.56 -13.52 13.82
CA ASP D 535 -45.90 -12.50 14.81
C ASP D 535 -45.31 -11.14 14.47
N LEU D 536 -44.25 -11.11 13.68
CA LEU D 536 -43.58 -9.86 13.37
C LEU D 536 -44.47 -8.94 12.55
N PRO D 537 -44.41 -7.63 12.77
CA PRO D 537 -45.21 -6.70 11.99
C PRO D 537 -44.60 -6.45 10.62
N LYS D 538 -45.40 -5.84 9.75
CA LYS D 538 -45.01 -5.58 8.37
C LYS D 538 -44.01 -4.43 8.29
N VAL D 539 -42.98 -4.61 7.46
CA VAL D 539 -41.99 -3.58 7.16
C VAL D 539 -41.76 -3.56 5.67
N GLN D 540 -41.21 -2.44 5.19
CA GLN D 540 -41.00 -2.22 3.77
C GLN D 540 -39.55 -2.49 3.39
N ASN D 541 -39.21 -2.19 2.14
CA ASN D 541 -37.86 -2.43 1.65
C ASN D 541 -36.83 -1.59 2.40
N HIS D 542 -37.19 -0.34 2.72
CA HIS D 542 -36.32 0.55 3.48
C HIS D 542 -36.86 0.66 4.89
N GLN D 543 -36.12 0.11 5.86
CA GLN D 543 -36.49 0.13 7.28
C GLN D 543 -35.25 0.52 8.05
N PRO D 544 -35.03 1.83 8.28
CA PRO D 544 -33.76 2.29 8.86
C PRO D 544 -33.77 2.40 10.37
N ASN D 545 -34.69 1.70 11.04
CA ASN D 545 -34.85 1.82 12.49
C ASN D 545 -34.22 0.62 13.18
N ASP D 546 -33.22 0.89 14.03
CA ASP D 546 -32.61 -0.19 14.82
C ASP D 546 -33.64 -0.83 15.74
N VAL D 547 -34.46 -0.02 16.40
CA VAL D 547 -35.42 -0.50 17.38
C VAL D 547 -36.82 -0.08 16.94
N MET D 548 -37.78 -0.98 17.11
CA MET D 548 -39.18 -0.66 16.83
C MET D 548 -40.04 -1.45 17.81
N GLU D 549 -41.35 -1.40 17.61
CA GLU D 549 -42.30 -2.02 18.52
C GLU D 549 -43.02 -3.18 17.84
N TYR D 550 -43.35 -4.20 18.63
CA TYR D 550 -44.20 -5.27 18.14
C TYR D 550 -45.61 -4.73 17.93
N GLY D 551 -46.21 -5.06 16.79
CA GLY D 551 -47.57 -4.67 16.54
C GLY D 551 -48.62 -5.47 17.28
N GLY D 552 -48.20 -6.53 17.96
CA GLY D 552 -49.15 -7.37 18.67
C GLY D 552 -48.42 -8.46 19.44
N SER D 553 -49.21 -9.28 20.11
CA SER D 553 -48.67 -10.33 20.95
C SER D 553 -48.08 -11.45 20.09
N PRO D 554 -47.18 -12.26 20.66
CA PRO D 554 -46.71 -13.45 19.94
C PRO D 554 -47.86 -14.41 19.68
N LYS D 555 -47.64 -15.30 18.71
CA LYS D 555 -48.69 -16.21 18.26
C LYS D 555 -48.43 -17.68 18.59
N THR D 556 -47.21 -18.17 18.40
CA THR D 556 -46.88 -19.58 18.57
C THR D 556 -45.98 -19.77 19.79
N GLU D 557 -45.78 -21.04 20.15
CA GLU D 557 -44.88 -21.36 21.26
C GLU D 557 -43.47 -20.87 20.98
N PHE D 558 -42.99 -21.07 19.76
CA PHE D 558 -41.63 -20.63 19.42
C PHE D 558 -41.50 -19.13 19.55
N GLN D 559 -42.50 -18.37 19.09
CA GLN D 559 -42.40 -16.92 19.13
C GLN D 559 -42.45 -16.38 20.55
N ARG D 560 -43.05 -17.12 21.46
CA ARG D 560 -43.06 -16.68 22.84
C ARG D 560 -41.80 -17.09 23.58
N TYR D 561 -41.25 -18.26 23.26
CA TYR D 561 -39.95 -18.62 23.79
C TYR D 561 -38.87 -17.66 23.31
N ILE D 562 -38.96 -17.23 22.05
CA ILE D 562 -37.95 -16.35 21.46
C ILE D 562 -38.08 -14.92 21.96
N ARG D 563 -39.24 -14.53 22.50
CA ARG D 563 -39.43 -13.20 23.04
C ARG D 563 -39.28 -13.15 24.56
N LEU D 564 -38.71 -14.20 25.15
CA LEU D 564 -38.46 -14.22 26.58
C LEU D 564 -37.33 -13.26 26.95
N SER D 565 -37.39 -12.72 28.16
CA SER D 565 -36.37 -11.82 28.63
C SER D 565 -35.07 -12.56 28.90
N ARG D 566 -34.02 -11.80 29.23
CA ARG D 566 -32.69 -12.38 29.40
C ARG D 566 -32.68 -13.43 30.52
N LYS D 567 -33.08 -13.02 31.73
CA LYS D 567 -33.11 -13.97 32.84
C LYS D 567 -34.26 -14.96 32.74
N ASP D 568 -35.24 -14.73 31.86
CA ASP D 568 -36.16 -15.78 31.49
C ASP D 568 -35.50 -16.83 30.60
N MET D 569 -34.38 -16.48 29.97
CA MET D 569 -33.54 -17.41 29.23
C MET D 569 -32.29 -17.80 30.01
N LEU D 570 -32.26 -17.53 31.32
CA LEU D 570 -31.11 -17.84 32.18
C LEU D 570 -29.85 -17.13 31.69
N ASP D 571 -30.02 -15.90 31.21
CA ASP D 571 -28.92 -15.07 30.74
C ASP D 571 -28.60 -14.04 31.81
N TRP D 572 -27.44 -14.19 32.45
CA TRP D 572 -27.05 -13.34 33.58
C TRP D 572 -26.05 -12.26 33.17
N SER D 573 -26.01 -11.89 31.89
CA SER D 573 -25.00 -10.95 31.42
C SER D 573 -25.15 -9.55 32.00
N PHE D 574 -26.33 -9.23 32.55
CA PHE D 574 -26.57 -7.93 33.16
C PHE D 574 -26.96 -8.05 34.63
N GLY D 575 -26.57 -9.14 35.28
CA GLY D 575 -26.96 -9.38 36.65
C GLY D 575 -28.46 -9.52 36.78
N GLU D 576 -28.97 -9.18 37.96
CA GLU D 576 -30.40 -9.14 38.16
C GLU D 576 -30.98 -7.82 37.66
N GLY D 577 -32.22 -7.86 37.21
CA GLY D 577 -32.82 -6.71 36.58
C GLY D 577 -32.69 -6.78 35.06
N ALA D 578 -33.76 -6.44 34.34
CA ALA D 578 -33.76 -6.54 32.90
C ALA D 578 -32.75 -5.57 32.28
N GLY D 579 -32.04 -6.04 31.25
CA GLY D 579 -31.04 -5.24 30.59
C GLY D 579 -31.63 -4.24 29.62
N PRO D 580 -30.95 -4.01 28.50
CA PRO D 580 -31.41 -3.02 27.52
C PRO D 580 -32.35 -3.61 26.48
N ASP D 581 -33.19 -2.74 25.93
CA ASP D 581 -34.10 -3.08 24.83
C ASP D 581 -35.07 -4.19 25.23
N GLU D 582 -35.53 -4.14 26.48
CA GLU D 582 -36.44 -5.18 26.97
C GLU D 582 -37.78 -5.07 26.26
N GLY D 583 -38.26 -6.19 25.72
CA GLY D 583 -39.53 -6.20 25.02
C GLY D 583 -39.55 -5.43 23.72
N LYS D 584 -38.41 -4.94 23.26
CA LYS D 584 -38.33 -4.18 22.02
C LYS D 584 -37.95 -5.08 20.86
N LEU D 585 -38.47 -4.75 19.68
CA LEU D 585 -38.14 -5.46 18.45
C LEU D 585 -36.86 -4.85 17.87
N LEU D 586 -35.85 -5.69 17.69
CA LEU D 586 -34.51 -5.23 17.29
C LEU D 586 -34.18 -5.74 15.89
N ASP D 587 -33.51 -4.89 15.12
CA ASP D 587 -32.92 -5.27 13.83
C ASP D 587 -33.93 -5.89 12.88
N HIS D 588 -35.20 -5.47 12.97
CA HIS D 588 -36.22 -5.92 12.02
C HIS D 588 -36.12 -5.08 10.74
N GLN D 589 -34.98 -5.21 10.08
CA GLN D 589 -34.64 -4.42 8.90
C GLN D 589 -34.22 -5.37 7.79
N PRO D 590 -34.92 -5.40 6.66
CA PRO D 590 -34.49 -6.25 5.55
C PRO D 590 -33.34 -5.60 4.80
N LEU D 591 -32.80 -6.36 3.85
CA LEU D 591 -31.76 -5.83 2.97
C LEU D 591 -32.36 -4.77 2.05
N ARG D 592 -31.72 -3.60 2.00
CA ARG D 592 -32.20 -2.48 1.20
C ARG D 592 -31.90 -2.75 -0.27
N LEU D 593 -32.85 -3.39 -0.95
CA LEU D 593 -32.68 -3.67 -2.36
C LEU D 593 -32.74 -2.38 -3.17
N ASN D 594 -31.90 -2.30 -4.20
CA ASN D 594 -31.91 -1.19 -5.13
C ASN D 594 -33.23 -1.19 -5.92
N ASN D 595 -33.40 -0.19 -6.77
CA ASN D 595 -34.70 0.06 -7.39
C ASN D 595 -35.09 -1.06 -8.35
N ASP D 596 -34.17 -1.49 -9.21
CA ASP D 596 -34.50 -2.53 -10.19
C ASP D 596 -34.86 -3.85 -9.50
N ASP D 597 -34.04 -4.27 -8.53
CA ASP D 597 -34.36 -5.48 -7.78
C ASP D 597 -35.63 -5.30 -6.96
N TYR D 598 -35.89 -4.09 -6.45
CA TYR D 598 -37.11 -3.83 -5.71
C TYR D 598 -38.34 -4.06 -6.57
N GLU D 599 -38.33 -3.51 -7.79
CA GLU D 599 -39.48 -3.70 -8.66
C GLU D 599 -39.53 -5.10 -9.28
N ARG D 600 -38.39 -5.78 -9.38
CA ARG D 600 -38.42 -7.20 -9.74
C ARG D 600 -39.12 -8.02 -8.66
N VAL D 601 -38.81 -7.74 -7.39
CA VAL D 601 -39.50 -8.41 -6.29
C VAL D 601 -40.98 -8.03 -6.29
N GLN D 602 -41.29 -6.77 -6.60
CA GLN D 602 -42.68 -6.32 -6.62
C GLN D 602 -43.52 -7.03 -7.66
N GLN D 603 -42.90 -7.55 -8.73
CA GLN D 603 -43.64 -8.30 -9.74
C GLN D 603 -43.72 -9.79 -9.44
N ILE D 604 -43.08 -10.26 -8.37
CA ILE D 604 -43.20 -11.65 -7.97
C ILE D 604 -44.58 -11.84 -7.36
N PRO D 605 -45.39 -12.78 -7.87
CA PRO D 605 -46.73 -12.97 -7.32
C PRO D 605 -46.67 -13.48 -5.89
N VAL D 606 -47.70 -13.13 -5.12
CA VAL D 606 -47.81 -13.56 -3.72
C VAL D 606 -48.47 -14.94 -3.75
N LYS D 607 -47.66 -15.95 -4.05
CA LYS D 607 -48.14 -17.31 -4.14
C LYS D 607 -47.04 -18.26 -3.71
N LYS D 608 -47.45 -19.46 -3.29
CA LYS D 608 -46.49 -20.50 -2.94
C LYS D 608 -45.76 -20.97 -4.20
N GLY D 609 -44.44 -21.11 -4.09
CA GLY D 609 -43.64 -21.56 -5.21
C GLY D 609 -43.34 -20.52 -6.27
N ALA D 610 -43.70 -19.26 -6.04
CA ALA D 610 -43.44 -18.22 -7.03
C ALA D 610 -41.96 -17.90 -7.09
N ASN D 611 -41.47 -17.64 -8.30
CA ASN D 611 -40.07 -17.26 -8.49
C ASN D 611 -39.98 -16.40 -9.74
N PHE D 612 -38.76 -16.25 -10.27
CA PHE D 612 -38.54 -15.37 -11.41
C PHE D 612 -39.23 -15.87 -12.67
N ARG D 613 -39.58 -17.16 -12.72
CA ARG D 613 -40.27 -17.71 -13.89
C ARG D 613 -41.69 -17.17 -14.04
N ASP D 614 -42.23 -16.49 -13.03
CA ASP D 614 -43.57 -15.92 -13.10
C ASP D 614 -43.60 -14.54 -13.75
N LEU D 615 -42.44 -13.94 -14.04
CA LEU D 615 -42.40 -12.64 -14.67
C LEU D 615 -42.85 -12.75 -16.13
N LYS D 616 -42.84 -11.63 -16.85
CA LYS D 616 -43.30 -11.61 -18.23
C LYS D 616 -42.20 -12.03 -19.19
N GLY D 617 -42.58 -12.76 -20.24
CA GLY D 617 -41.66 -13.14 -21.28
C GLY D 617 -40.79 -14.34 -20.98
N VAL D 618 -41.16 -15.15 -20.00
CA VAL D 618 -40.36 -16.30 -19.59
C VAL D 618 -41.27 -17.53 -19.53
N ARG D 619 -40.85 -18.61 -20.19
CA ARG D 619 -41.60 -19.85 -20.19
C ARG D 619 -40.65 -21.03 -20.07
N VAL D 620 -41.18 -22.14 -19.58
CA VAL D 620 -40.39 -23.34 -19.36
C VAL D 620 -40.47 -24.21 -20.61
N GLY D 621 -39.32 -24.52 -21.19
CA GLY D 621 -39.22 -25.37 -22.36
C GLY D 621 -39.01 -26.82 -22.01
N ALA D 622 -38.37 -27.54 -22.93
CA ALA D 622 -38.14 -28.97 -22.73
C ALA D 622 -37.10 -29.21 -21.64
N ASN D 623 -37.26 -30.33 -20.94
CA ASN D 623 -36.32 -30.77 -19.91
C ASN D 623 -36.19 -29.72 -18.80
N ASN D 624 -37.28 -29.04 -18.49
CA ASN D 624 -37.35 -28.06 -17.41
C ASN D 624 -36.30 -26.97 -17.57
N ILE D 625 -36.04 -26.58 -18.81
CA ILE D 625 -35.06 -25.54 -19.12
C ILE D 625 -35.80 -24.25 -19.43
N VAL D 626 -35.43 -23.17 -18.74
CA VAL D 626 -36.12 -21.90 -18.89
C VAL D 626 -35.73 -21.24 -20.21
N GLU D 627 -36.63 -20.42 -20.75
CA GLU D 627 -36.38 -19.77 -22.03
C GLU D 627 -37.29 -18.54 -22.13
N TRP D 628 -37.01 -17.72 -23.14
CA TRP D 628 -37.83 -16.55 -23.41
C TRP D 628 -39.04 -16.92 -24.24
N ASP D 629 -40.14 -16.19 -24.03
CA ASP D 629 -41.33 -16.38 -24.83
C ASP D 629 -41.26 -15.50 -26.06
N PRO D 630 -41.22 -16.06 -27.27
CA PRO D 630 -41.11 -15.22 -28.48
C PRO D 630 -42.27 -14.25 -28.65
N GLU D 631 -43.46 -14.59 -28.13
CA GLU D 631 -44.60 -13.69 -28.29
C GLU D 631 -44.42 -12.39 -27.53
N ILE D 632 -43.83 -12.46 -26.34
CA ILE D 632 -43.65 -11.29 -25.47
C ILE D 632 -42.25 -10.75 -25.68
N GLU D 633 -42.16 -9.47 -26.05
CA GLU D 633 -40.86 -8.83 -26.17
C GLU D 633 -40.21 -8.70 -24.80
N ARG D 634 -38.90 -8.45 -24.81
CA ARG D 634 -38.11 -8.37 -23.59
C ARG D 634 -38.62 -7.28 -22.65
N VAL D 635 -39.18 -7.69 -21.50
CA VAL D 635 -39.74 -6.74 -20.56
C VAL D 635 -38.62 -5.90 -19.95
N LYS D 636 -38.81 -4.58 -19.95
CA LYS D 636 -37.81 -3.65 -19.45
C LYS D 636 -38.31 -2.97 -18.18
N LEU D 637 -37.36 -2.66 -17.30
CA LEU D 637 -37.66 -1.96 -16.06
C LEU D 637 -37.64 -0.45 -16.29
N SER D 638 -37.90 0.31 -15.22
CA SER D 638 -37.93 1.76 -15.35
C SER D 638 -36.57 2.32 -15.71
N SER D 639 -35.50 1.76 -15.13
CA SER D 639 -34.15 2.22 -15.44
C SER D 639 -33.68 1.77 -16.81
N GLY D 640 -34.38 0.82 -17.45
CA GLY D 640 -33.99 0.29 -18.73
C GLY D 640 -33.38 -1.10 -18.67
N LYS D 641 -32.86 -1.50 -17.51
CA LYS D 641 -32.31 -2.83 -17.35
C LYS D 641 -33.43 -3.87 -17.45
N PRO D 642 -33.11 -5.10 -17.84
CA PRO D 642 -34.16 -6.10 -18.07
C PRO D 642 -34.87 -6.50 -16.80
N LEU D 643 -36.18 -6.75 -16.92
CA LEU D 643 -36.94 -7.27 -15.79
C LEU D 643 -36.44 -8.64 -15.37
N VAL D 644 -36.16 -9.51 -16.34
CA VAL D 644 -35.65 -10.86 -16.08
C VAL D 644 -34.14 -10.83 -16.33
N PRO D 645 -33.32 -10.91 -15.28
CA PRO D 645 -31.86 -10.88 -15.49
C PRO D 645 -31.36 -12.14 -16.17
N ASP D 646 -30.24 -12.01 -16.87
CA ASP D 646 -29.71 -13.13 -17.65
C ASP D 646 -29.14 -14.22 -16.76
N TYR D 647 -28.54 -13.87 -15.62
CA TYR D 647 -28.07 -14.88 -14.69
C TYR D 647 -29.22 -15.73 -14.17
N ALA D 648 -30.41 -15.14 -14.02
CA ALA D 648 -31.57 -15.92 -13.65
C ALA D 648 -31.91 -16.94 -14.73
N MET D 649 -31.66 -16.62 -16.00
CA MET D 649 -31.92 -17.56 -17.07
C MET D 649 -30.83 -18.63 -17.18
N SER D 650 -29.61 -18.31 -16.73
CA SER D 650 -28.49 -19.22 -16.89
C SER D 650 -28.18 -20.05 -15.66
N PHE D 651 -28.77 -19.74 -14.51
CA PHE D 651 -28.43 -20.42 -13.27
C PHE D 651 -28.85 -21.88 -13.30
N ILE D 652 -27.93 -22.76 -12.89
CA ILE D 652 -28.14 -24.21 -12.88
C ILE D 652 -28.62 -24.66 -14.26
N LYS D 653 -27.93 -24.20 -15.29
CA LYS D 653 -28.27 -24.55 -16.69
C LYS D 653 -29.74 -24.24 -17.00
N GLY D 654 -30.27 -23.18 -16.40
CA GLY D 654 -31.66 -22.83 -16.61
C GLY D 654 -32.67 -23.79 -16.02
N LYS D 655 -32.35 -24.39 -14.87
CA LYS D 655 -33.23 -25.38 -14.26
C LYS D 655 -33.52 -25.07 -12.79
N SER D 656 -33.28 -23.83 -12.36
CA SER D 656 -33.40 -23.47 -10.95
C SER D 656 -34.68 -22.70 -10.70
N LEU D 657 -35.33 -23.00 -9.57
CA LEU D 657 -36.49 -22.26 -9.10
C LEU D 657 -36.14 -21.32 -7.94
N LYS D 658 -34.86 -21.09 -7.70
CA LYS D 658 -34.37 -20.26 -6.59
C LYS D 658 -34.41 -18.76 -6.89
N PRO D 659 -33.95 -18.28 -8.05
CA PRO D 659 -33.84 -16.83 -8.26
C PRO D 659 -35.17 -16.11 -8.05
N PHE D 660 -35.17 -15.15 -7.12
CA PHE D 660 -36.33 -14.34 -6.77
C PHE D 660 -37.51 -15.20 -6.30
N GLY D 661 -37.21 -16.32 -5.63
CA GLY D 661 -38.25 -17.18 -5.12
C GLY D 661 -38.88 -16.60 -3.86
N ARG D 662 -40.19 -16.76 -3.76
CA ARG D 662 -40.96 -16.31 -2.60
C ARG D 662 -41.26 -17.53 -1.74
N LEU D 663 -40.68 -17.56 -0.54
CA LEU D 663 -40.94 -18.66 0.37
C LEU D 663 -42.33 -18.51 0.99
N TRP D 664 -42.78 -19.55 1.67
CA TRP D 664 -44.14 -19.62 2.18
C TRP D 664 -44.15 -20.06 3.64
N TRP D 665 -45.29 -19.89 4.29
CA TRP D 665 -45.42 -20.13 5.72
C TRP D 665 -45.39 -21.60 6.09
N ASP D 666 -45.47 -22.51 5.11
CA ASP D 666 -45.48 -23.94 5.38
C ASP D 666 -44.24 -24.65 4.84
N GLU D 667 -43.19 -23.90 4.54
CA GLU D 667 -41.93 -24.47 4.09
C GLU D 667 -40.79 -23.91 4.94
N THR D 668 -39.70 -24.66 5.01
CA THR D 668 -38.56 -24.29 5.83
C THR D 668 -37.43 -23.73 4.96
N VAL D 669 -36.50 -23.05 5.61
CA VAL D 669 -35.31 -22.53 4.97
C VAL D 669 -34.16 -23.51 5.24
N PRO D 670 -33.58 -24.13 4.21
CA PRO D 670 -32.49 -25.10 4.46
C PRO D 670 -31.33 -24.52 5.25
N THR D 671 -30.71 -23.45 4.75
CA THR D 671 -29.55 -22.86 5.42
C THR D 671 -29.62 -21.35 5.35
N VAL D 672 -29.62 -20.71 6.52
CA VAL D 672 -29.45 -19.26 6.58
C VAL D 672 -27.99 -18.91 6.31
N VAL D 673 -27.76 -18.06 5.33
CA VAL D 673 -26.42 -17.72 4.87
C VAL D 673 -26.15 -16.24 5.13
N THR D 674 -24.91 -15.83 4.88
CA THR D 674 -24.51 -14.47 5.22
C THR D 674 -25.12 -13.45 4.26
N ARG D 675 -25.26 -13.81 2.98
CA ARG D 675 -25.83 -12.89 2.02
C ARG D 675 -27.35 -12.97 2.05
N ALA D 676 -28.00 -11.86 1.68
CA ALA D 676 -29.46 -11.76 1.71
C ALA D 676 -30.06 -11.39 0.37
N GLU D 677 -29.27 -11.29 -0.69
CA GLU D 677 -29.80 -10.91 -1.99
C GLU D 677 -30.70 -12.03 -2.53
N PRO D 678 -31.73 -11.69 -3.30
CA PRO D 678 -32.59 -12.72 -3.87
C PRO D 678 -32.10 -13.25 -5.21
N HIS D 679 -30.81 -13.09 -5.50
CA HIS D 679 -30.29 -13.43 -6.81
C HIS D 679 -30.35 -14.94 -7.05
N ASN D 680 -29.98 -15.74 -6.05
CA ASN D 680 -29.85 -17.19 -6.22
C ASN D 680 -30.37 -17.94 -5.00
N GLN D 681 -31.40 -17.41 -4.35
CA GLN D 681 -31.98 -18.10 -3.20
C GLN D 681 -33.42 -17.64 -3.04
N VAL D 682 -34.16 -18.40 -2.23
CA VAL D 682 -35.56 -18.12 -1.94
C VAL D 682 -35.59 -17.45 -0.57
N ILE D 683 -35.64 -16.12 -0.54
CA ILE D 683 -35.54 -15.37 0.70
C ILE D 683 -36.56 -14.24 0.72
N ILE D 684 -37.42 -14.20 -0.29
CA ILE D 684 -38.46 -13.16 -0.35
C ILE D 684 -39.56 -13.51 0.62
N HIS D 685 -39.99 -12.52 1.40
CA HIS D 685 -41.05 -12.73 2.40
C HIS D 685 -42.32 -13.22 1.72
N PRO D 686 -43.09 -14.09 2.38
CA PRO D 686 -44.29 -14.66 1.73
C PRO D 686 -45.31 -13.62 1.29
N THR D 687 -45.52 -12.56 2.07
CA THR D 687 -46.58 -11.60 1.78
C THR D 687 -46.11 -10.17 1.65
N GLN D 688 -44.82 -9.90 1.84
CA GLN D 688 -44.29 -8.54 1.76
C GLN D 688 -43.24 -8.45 0.67
N ALA D 689 -43.16 -7.28 0.03
CA ALA D 689 -42.27 -7.06 -1.11
C ALA D 689 -40.88 -6.69 -0.61
N ARG D 690 -40.22 -7.66 0.00
CA ARG D 690 -38.88 -7.48 0.55
C ARG D 690 -38.31 -8.84 0.90
N VAL D 691 -37.02 -8.86 1.20
CA VAL D 691 -36.33 -10.09 1.59
C VAL D 691 -36.54 -10.31 3.09
N LEU D 692 -36.20 -11.52 3.57
CA LEU D 692 -36.31 -11.80 4.98
C LEU D 692 -35.37 -10.92 5.79
N THR D 693 -35.92 -10.24 6.79
CA THR D 693 -35.17 -9.27 7.57
C THR D 693 -34.09 -9.97 8.40
N ILE D 694 -33.18 -9.15 8.93
CA ILE D 694 -32.13 -9.67 9.80
C ILE D 694 -32.73 -10.35 11.02
N ARG D 695 -33.75 -9.75 11.60
CA ARG D 695 -34.39 -10.35 12.77
C ARG D 695 -35.06 -11.66 12.41
N GLU D 696 -35.67 -11.76 11.23
CA GLU D 696 -36.31 -13.01 10.83
C GLU D 696 -35.28 -14.12 10.65
N ASN D 697 -34.14 -13.80 10.04
CA ASN D 697 -33.08 -14.80 9.89
C ASN D 697 -32.51 -15.20 11.25
N ALA D 698 -32.38 -14.24 12.17
CA ALA D 698 -31.94 -14.58 13.52
C ALA D 698 -32.94 -15.48 14.22
N ARG D 699 -34.23 -15.26 13.97
CA ARG D 699 -35.26 -16.15 14.50
C ARG D 699 -35.11 -17.56 13.94
N LEU D 700 -34.88 -17.66 12.63
CA LEU D 700 -34.59 -18.96 12.03
C LEU D 700 -33.35 -19.60 12.65
N GLN D 701 -32.40 -18.77 13.09
CA GLN D 701 -31.20 -19.23 13.76
C GLN D 701 -31.37 -19.38 15.27
N GLY D 702 -32.57 -19.12 15.80
CA GLY D 702 -32.86 -19.34 17.20
C GLY D 702 -32.44 -18.22 18.14
N PHE D 703 -31.84 -17.15 17.63
CA PHE D 703 -31.45 -16.04 18.49
C PHE D 703 -32.67 -15.50 19.22
N PRO D 704 -32.62 -15.33 20.53
CA PRO D 704 -33.70 -14.63 21.23
C PRO D 704 -33.76 -13.18 20.76
N ASP D 705 -34.97 -12.61 20.83
CA ASP D 705 -35.21 -11.29 20.24
C ASP D 705 -34.38 -10.19 20.91
N TYR D 706 -33.91 -10.40 22.14
CA TYR D 706 -33.16 -9.36 22.83
C TYR D 706 -31.71 -9.27 22.37
N TYR D 707 -31.22 -10.26 21.63
CA TYR D 707 -29.83 -10.25 21.17
C TYR D 707 -29.69 -9.25 20.04
N ARG D 708 -29.05 -8.12 20.33
CA ARG D 708 -29.00 -6.98 19.43
C ARG D 708 -27.73 -7.01 18.60
N LEU D 709 -27.88 -6.81 17.29
CA LEU D 709 -26.76 -6.73 16.37
C LEU D 709 -26.48 -5.29 16.01
N PHE D 710 -25.23 -5.00 15.65
CA PHE D 710 -24.79 -3.65 15.34
C PHE D 710 -23.94 -3.65 14.07
N GLY D 711 -23.98 -2.53 13.37
CA GLY D 711 -23.25 -2.38 12.12
C GLY D 711 -24.20 -2.25 10.94
N PRO D 712 -23.64 -2.20 9.73
CA PRO D 712 -24.48 -2.13 8.53
C PRO D 712 -25.39 -3.36 8.41
N ILE D 713 -26.43 -3.20 7.60
CA ILE D 713 -27.42 -4.27 7.43
C ILE D 713 -26.76 -5.53 6.90
N LYS D 714 -25.86 -5.38 5.91
CA LYS D 714 -25.16 -6.54 5.38
C LYS D 714 -24.29 -7.20 6.44
N GLU D 715 -23.69 -6.40 7.33
CA GLU D 715 -22.84 -6.98 8.37
C GLU D 715 -23.67 -7.75 9.40
N LYS D 716 -24.86 -7.24 9.74
CA LYS D 716 -25.74 -7.99 10.63
C LYS D 716 -26.22 -9.27 9.96
N TYR D 717 -26.52 -9.22 8.67
CA TYR D 717 -26.85 -10.43 7.92
C TYR D 717 -25.72 -11.43 7.99
N ILE D 718 -24.48 -10.96 7.85
CA ILE D 718 -23.32 -11.85 7.93
C ILE D 718 -23.22 -12.47 9.32
N GLN D 719 -23.39 -11.66 10.36
CA GLN D 719 -23.30 -12.15 11.73
C GLN D 719 -24.35 -13.23 12.00
N VAL D 720 -25.59 -12.97 11.58
CA VAL D 720 -26.65 -13.94 11.80
C VAL D 720 -26.40 -15.21 10.99
N GLY D 721 -25.94 -15.06 9.74
CA GLY D 721 -25.73 -16.22 8.90
C GLY D 721 -24.47 -16.99 9.20
N ASN D 722 -23.51 -16.39 9.91
CA ASN D 722 -22.25 -17.03 10.24
C ASN D 722 -22.30 -17.76 11.57
N ALA D 723 -23.44 -17.75 12.26
CA ALA D 723 -23.51 -18.18 13.65
C ALA D 723 -23.99 -19.62 13.77
N VAL D 724 -23.74 -20.20 14.94
CA VAL D 724 -24.34 -21.46 15.32
C VAL D 724 -25.73 -21.17 15.90
N ALA D 725 -26.69 -22.02 15.58
CA ALA D 725 -28.02 -21.89 16.14
C ALA D 725 -27.95 -22.02 17.65
N VAL D 726 -28.45 -21.02 18.36
CA VAL D 726 -28.26 -20.96 19.81
C VAL D 726 -29.11 -21.98 20.57
N PRO D 727 -30.18 -22.56 20.00
CA PRO D 727 -30.72 -23.77 20.67
C PRO D 727 -29.79 -24.95 20.59
N VAL D 728 -29.09 -25.13 19.46
CA VAL D 728 -28.08 -26.18 19.34
C VAL D 728 -26.97 -25.96 20.36
N ALA D 729 -26.45 -24.73 20.43
CA ALA D 729 -25.43 -24.41 21.41
C ALA D 729 -25.94 -24.55 22.83
N ARG D 730 -27.24 -24.31 23.04
CA ARG D 730 -27.82 -24.49 24.37
C ARG D 730 -27.83 -25.96 24.77
N ALA D 731 -28.25 -26.84 23.86
CA ALA D 731 -28.24 -28.27 24.17
C ALA D 731 -26.82 -28.76 24.40
N LEU D 732 -25.88 -28.32 23.55
CA LEU D 732 -24.48 -28.70 23.74
C LEU D 732 -23.94 -28.17 25.06
N GLY D 733 -24.38 -26.98 25.48
CA GLY D 733 -23.95 -26.43 26.75
C GLY D 733 -24.54 -27.16 27.94
N TYR D 734 -25.77 -27.63 27.81
CA TYR D 734 -26.33 -28.48 28.86
C TYR D 734 -25.52 -29.77 29.00
N CYS D 735 -25.19 -30.40 27.87
CA CYS D 735 -24.33 -31.58 27.92
C CYS D 735 -22.98 -31.24 28.55
N LEU D 736 -22.41 -30.09 28.17
CA LEU D 736 -21.10 -29.69 28.69
C LEU D 736 -21.15 -29.48 30.20
N GLY D 737 -22.17 -28.79 30.69
CA GLY D 737 -22.28 -28.59 32.13
C GLY D 737 -22.53 -29.88 32.89
N GLN D 738 -23.34 -30.78 32.31
CA GLN D 738 -23.58 -32.06 32.97
C GLN D 738 -22.29 -32.87 33.06
N ALA D 739 -21.47 -32.84 32.00
CA ALA D 739 -20.19 -33.54 32.05
C ALA D 739 -19.22 -32.86 33.01
N TYR D 740 -19.28 -31.52 33.07
CA TYR D 740 -18.37 -30.76 33.92
C TYR D 740 -18.64 -31.03 35.40
N LEU D 741 -19.92 -31.01 35.80
CA LEU D 741 -20.26 -31.17 37.20
C LEU D 741 -20.05 -32.58 37.71
N GLY D 742 -19.96 -33.57 36.82
CA GLY D 742 -19.78 -34.95 37.21
C GLY D 742 -21.03 -35.78 37.28
N GLU D 743 -22.15 -35.29 36.74
CA GLU D 743 -23.42 -36.02 36.76
C GLU D 743 -23.61 -36.68 35.39
N SER D 744 -22.85 -37.74 35.14
CA SER D 744 -22.88 -38.46 33.87
C SER D 744 -23.41 -39.86 34.10
N GLU D 745 -24.17 -40.36 33.12
CA GLU D 745 -24.81 -41.67 33.24
C GLU D 745 -23.81 -42.79 32.94
N GLY D 746 -23.28 -42.82 31.71
CA GLY D 746 -22.36 -43.89 31.34
C GLY D 746 -21.56 -43.60 30.09
N SER D 747 -21.40 -44.61 29.25
CA SER D 747 -20.62 -44.51 28.02
C SER D 747 -21.48 -44.26 26.80
N ASP D 748 -22.75 -43.95 26.98
CA ASP D 748 -23.64 -43.69 25.85
C ASP D 748 -23.26 -42.36 25.21
N PRO D 749 -22.89 -42.33 23.93
CA PRO D 749 -22.50 -41.05 23.31
C PRO D 749 -23.66 -40.07 23.17
N LEU D 750 -24.90 -40.54 23.20
CA LEU D 750 -26.07 -39.68 23.05
C LEU D 750 -26.77 -39.50 24.40
N TYR D 751 -27.41 -38.33 24.55
CA TYR D 751 -28.09 -37.96 25.78
C TYR D 751 -29.45 -37.37 25.43
N GLN D 752 -30.48 -37.74 26.19
CA GLN D 752 -31.82 -37.21 25.99
C GLN D 752 -32.02 -36.01 26.91
N LEU D 753 -32.29 -34.85 26.32
CA LEU D 753 -32.50 -33.65 27.11
C LEU D 753 -33.76 -33.78 27.96
N PRO D 754 -33.72 -33.31 29.21
CA PRO D 754 -34.88 -33.44 30.09
C PRO D 754 -36.01 -32.52 29.65
N PRO D 755 -37.22 -32.72 30.18
CA PRO D 755 -38.32 -31.80 29.84
C PRO D 755 -38.07 -30.36 30.24
N SER D 756 -37.14 -30.10 31.15
CA SER D 756 -36.83 -28.73 31.53
C SER D 756 -36.22 -27.94 30.38
N PHE D 757 -35.76 -28.62 29.33
CA PHE D 757 -35.23 -27.93 28.16
C PHE D 757 -36.33 -27.18 27.42
N THR D 758 -37.55 -27.71 27.45
CA THR D 758 -38.72 -27.11 26.80
C THR D 758 -38.45 -26.61 25.39
N LYS G 4 0.32 -68.24 6.00
CA LYS G 4 -0.89 -69.03 6.01
C LYS G 4 -2.03 -68.35 5.23
N GLN G 5 -2.96 -67.71 5.93
CA GLN G 5 -4.11 -67.10 5.29
C GLN G 5 -4.38 -65.72 5.88
N THR G 6 -5.43 -65.08 5.39
CA THR G 6 -5.76 -63.70 5.71
C THR G 6 -7.04 -63.63 6.54
N ALA G 7 -7.02 -62.79 7.57
CA ALA G 7 -8.19 -62.59 8.43
C ALA G 7 -9.08 -61.48 7.89
N ARG G 8 -10.35 -61.52 8.27
CA ARG G 8 -11.32 -60.52 7.85
C ARG G 8 -11.49 -59.43 8.92
N SER G 10 -14.64 -56.82 9.68
CA SER G 10 -16.00 -56.44 9.32
C SER G 10 -16.42 -55.11 9.96
N THR G 11 -17.51 -54.55 9.46
CA THR G 11 -18.10 -53.34 10.03
C THR G 11 -19.44 -53.64 10.71
N LYS G 14 -24.13 -53.85 9.42
CA LYS G 14 -25.55 -53.49 9.48
C LYS G 14 -25.78 -52.35 10.45
N ALA G 15 -25.38 -51.15 10.05
CA ALA G 15 -25.54 -49.98 10.90
C ALA G 15 -27.01 -49.59 10.99
N PRO G 16 -27.57 -49.43 12.19
CA PRO G 16 -28.98 -49.02 12.30
C PRO G 16 -29.18 -47.62 11.73
N ARG G 17 -30.33 -47.45 11.06
CA ARG G 17 -30.64 -46.19 10.40
C ARG G 17 -31.07 -45.14 11.41
N LYS G 18 -31.29 -43.92 10.93
CA LYS G 18 -31.75 -42.81 11.74
C LYS G 18 -33.04 -42.25 11.17
N GLN G 19 -33.81 -41.58 12.02
CA GLN G 19 -35.09 -40.99 11.63
C GLN G 19 -35.12 -39.55 12.13
N LEU G 20 -34.99 -38.59 11.21
CA LEU G 20 -35.04 -37.18 11.62
C LEU G 20 -36.48 -36.68 11.68
N ALA G 21 -37.37 -37.24 10.88
CA ALA G 21 -38.79 -36.89 10.92
C ALA G 21 -39.58 -38.02 11.58
N THR G 22 -40.81 -37.71 11.97
CA THR G 22 -41.66 -38.68 12.65
C THR G 22 -42.02 -39.87 11.77
N LYS G 23 -41.81 -39.79 10.46
CA LYS G 23 -42.01 -40.90 9.55
C LYS G 23 -40.67 -41.36 9.01
N ALA G 24 -40.50 -42.68 8.90
CA ALA G 24 -39.23 -43.27 8.47
C ALA G 24 -38.87 -42.85 7.05
N GLN H 5 29.01 -17.34 -8.23
CA GLN H 5 29.46 -17.90 -6.96
C GLN H 5 28.29 -18.44 -6.13
N THR H 6 27.80 -17.62 -5.20
CA THR H 6 26.70 -18.02 -4.33
C THR H 6 25.99 -16.76 -3.87
N ALA H 7 24.66 -16.81 -3.79
CA ALA H 7 23.84 -15.67 -3.37
C ALA H 7 22.41 -16.18 -3.14
N ARG H 8 21.48 -15.23 -3.03
CA ARG H 8 20.08 -15.53 -2.71
C ARG H 8 19.13 -15.06 -3.83
N SER H 10 15.73 -14.27 -3.23
CA SER H 10 14.67 -13.44 -2.69
C SER H 10 13.29 -13.91 -3.13
N GLN I 5 8.65 8.38 35.09
CA GLN I 5 7.64 7.80 34.22
C GLN I 5 7.37 8.72 33.03
N THR I 6 7.89 8.35 31.87
CA THR I 6 7.64 9.05 30.61
C THR I 6 7.51 8.03 29.49
N ALA I 7 7.09 8.50 28.32
CA ALA I 7 7.02 7.66 27.14
C ALA I 7 7.13 8.52 25.89
N ARG I 8 7.54 7.90 24.78
CA ARG I 8 7.72 8.60 23.52
C ARG I 8 6.58 8.32 22.54
N SER I 10 4.77 8.39 18.51
CA SER I 10 5.08 8.13 17.11
C SER I 10 4.61 9.28 16.22
N THR I 11 5.04 9.26 14.96
CA THR I 11 4.79 10.33 13.99
C THR I 11 3.36 10.88 14.01
N LYS J 4 27.26 62.57 14.73
CA LYS J 4 27.35 62.83 13.29
C LYS J 4 26.18 62.15 12.57
N GLN J 5 26.21 62.12 11.24
CA GLN J 5 25.04 61.74 10.47
C GLN J 5 25.31 60.50 9.61
N THR J 6 24.29 60.13 8.84
CA THR J 6 24.28 58.91 8.05
C THR J 6 24.83 59.16 6.65
N ALA J 7 25.51 58.16 6.11
CA ALA J 7 25.99 58.19 4.73
C ALA J 7 24.95 57.58 3.79
N ARG J 8 25.16 57.79 2.50
CA ARG J 8 24.22 57.31 1.49
C ARG J 8 24.86 56.31 0.54
N SER J 10 24.00 54.62 -3.20
CA SER J 10 23.15 54.61 -4.39
C SER J 10 23.10 53.23 -5.03
N ALA J 15 21.40 53.00 -14.97
CA ALA J 15 20.91 51.68 -15.37
C ALA J 15 20.29 51.72 -16.76
N PRO J 16 21.11 51.46 -17.78
CA PRO J 16 20.61 51.48 -19.16
C PRO J 16 19.57 50.40 -19.38
N ARG J 17 18.53 50.75 -20.14
CA ARG J 17 17.49 49.80 -20.48
C ARG J 17 17.99 48.82 -21.54
N LYS J 18 17.37 47.65 -21.59
CA LYS J 18 17.70 46.64 -22.58
C LYS J 18 16.72 46.73 -23.75
N GLN J 19 17.05 46.05 -24.85
CA GLN J 19 16.21 46.03 -26.04
C GLN J 19 16.23 44.63 -26.63
N LEU J 20 15.11 43.92 -26.50
CA LEU J 20 14.95 42.59 -27.08
C LEU J 20 14.21 42.60 -28.41
N ALA J 21 13.42 43.63 -28.68
CA ALA J 21 12.62 43.71 -29.90
C ALA J 21 13.42 44.37 -31.02
N THR J 22 12.80 44.45 -32.19
CA THR J 22 13.44 45.12 -33.32
C THR J 22 13.58 46.61 -33.07
N LYS J 23 12.54 47.25 -32.54
CA LYS J 23 12.50 48.67 -32.31
C LYS J 23 12.38 48.96 -30.82
N ALA J 24 12.15 50.22 -30.49
CA ALA J 24 12.04 50.68 -29.10
C ALA J 24 13.29 50.31 -28.30
#